data_9E7C
# 
_entry.id   9E7C 
# 
_audit_conform.dict_name       mmcif_pdbx.dic 
_audit_conform.dict_version    5.399 
_audit_conform.dict_location   http://mmcif.pdb.org/dictionaries/ascii/mmcif_pdbx.dic 
# 
loop_
_database_2.database_id 
_database_2.database_code 
_database_2.pdbx_database_accession 
_database_2.pdbx_DOI 
PDB   9E7C         pdb_00009e7c 10.2210/pdb9e7c/pdb 
WWPDB D_1000289453 ?            ?                   
# 
loop_
_pdbx_audit_revision_history.ordinal 
_pdbx_audit_revision_history.data_content_type 
_pdbx_audit_revision_history.major_revision 
_pdbx_audit_revision_history.minor_revision 
_pdbx_audit_revision_history.revision_date 
1 'Structure model' 1 0 2024-11-20 
2 'Structure model' 1 1 2024-12-04 
# 
_pdbx_audit_revision_details.ordinal             1 
_pdbx_audit_revision_details.revision_ordinal    1 
_pdbx_audit_revision_details.data_content_type   'Structure model' 
_pdbx_audit_revision_details.provider            repository 
_pdbx_audit_revision_details.type                'Initial release' 
_pdbx_audit_revision_details.description         ? 
_pdbx_audit_revision_details.details             ? 
# 
_pdbx_audit_revision_group.ordinal             1 
_pdbx_audit_revision_group.revision_ordinal    2 
_pdbx_audit_revision_group.data_content_type   'Structure model' 
_pdbx_audit_revision_group.group               'Database references' 
# 
_pdbx_audit_revision_category.ordinal             1 
_pdbx_audit_revision_category.revision_ordinal    2 
_pdbx_audit_revision_category.data_content_type   'Structure model' 
_pdbx_audit_revision_category.category            citation 
# 
loop_
_pdbx_audit_revision_item.ordinal 
_pdbx_audit_revision_item.revision_ordinal 
_pdbx_audit_revision_item.data_content_type 
_pdbx_audit_revision_item.item 
1 2 'Structure model' '_citation.pdbx_database_id_PubMed' 
2 2 'Structure model' '_citation.title'                   
# 
_pdbx_database_status.status_code                     REL 
_pdbx_database_status.status_code_sf                  REL 
_pdbx_database_status.status_code_mr                  ? 
_pdbx_database_status.entry_id                        9E7C 
_pdbx_database_status.recvd_initial_deposition_date   2024-11-01 
_pdbx_database_status.SG_entry                        N 
_pdbx_database_status.deposit_site                    RCSB 
_pdbx_database_status.process_site                    RCSB 
_pdbx_database_status.status_code_cs                  ? 
_pdbx_database_status.status_code_nmr_data            ? 
_pdbx_database_status.methods_development_category    ? 
_pdbx_database_status.pdb_format_compatible           Y 
# 
_pdbx_contact_author.id                 5 
_pdbx_contact_author.email              audhya@wisc.edu 
_pdbx_contact_author.name_first         Anjon 
_pdbx_contact_author.name_last          Audhya 
_pdbx_contact_author.name_mi            ? 
_pdbx_contact_author.role               'principal investigator/group leader' 
_pdbx_contact_author.identifier_ORCID   0000-0002-7828-5152 
# 
loop_
_audit_author.name 
_audit_author.pdbx_ordinal 
_audit_author.identifier_ORCID 
'Schuh, A.L.'       1 0009-0002-3946-4227 
'Bhattacharyya, B.' 2 0000-0002-6366-0511 
'Keck, J.L.'        3 0000-0002-5961-0220 
'Audhya, A.'        4 0000-0002-7828-5152 
# 
_citation.abstract                  ? 
_citation.abstract_id_CAS           ? 
_citation.book_id_ISBN              ? 
_citation.book_publisher            ? 
_citation.book_publisher_city       ? 
_citation.book_title                ? 
_citation.coordinate_linkage        ? 
_citation.country                   US 
_citation.database_id_Medline       ? 
_citation.details                   ? 
_citation.id                        primary 
_citation.journal_abbrev            Biorxiv 
_citation.journal_id_ASTM           ? 
_citation.journal_id_CSD            ? 
_citation.journal_id_ISSN           2692-8205 
_citation.journal_full              ? 
_citation.journal_issue             ? 
_citation.journal_volume            ? 
_citation.language                  ? 
_citation.page_first                ? 
_citation.page_last                 ? 
_citation.title                     'Multiple roles for TFG ring complexes in neuronal cargo trafficking.' 
_citation.year                      2024 
_citation.database_id_CSD           ? 
_citation.pdbx_database_id_DOI      10.1101/2024.11.05.621662 
_citation.pdbx_database_id_PubMed   39574627 
_citation.pdbx_database_id_patent   ? 
_citation.unpublished_flag          ? 
# 
loop_
_citation_author.citation_id 
_citation_author.name 
_citation_author.ordinal 
_citation_author.identifier_ORCID 
primary 'Zhang, Z.'         1  ? 
primary 'Lettman, M.M.'     2  ? 
primary 'Schuh, A.L.'       3  ? 
primary 'Bhattacharyya, B.' 4  ? 
primary 'Randolph, P.'      5  ? 
primary 'Nandakumar, T.'    6  ? 
primary 'Kulkarni, I.'      7  ? 
primary 'Roach, A.'         8  ? 
primary 'Alvin, J.R.'       9  ? 
primary 'Gengler, D.'       10 ? 
primary 'Stagg, S.M.'       11 ? 
primary 'Keck, J.L.'        12 ? 
primary 'Audhya, A.'        13 ? 
# 
loop_
_entity.id 
_entity.type 
_entity.src_method 
_entity.pdbx_description 
_entity.formula_weight 
_entity.pdbx_number_of_molecules 
_entity.pdbx_ec 
_entity.pdbx_mutation 
_entity.pdbx_fragment 
_entity.details 
1 polymer man 'Protein TFG' 11404.229 1  ? 'D60A, D62R' ? 
;The first 9 N-terminal amino acids of TFG as well as the GST protein purification tag were not well resolved in the diffraction data and therefore not included in the final structure.
;
2 water   nat water         18.015    51 ? ?            ? ? 
# 
_entity_name_com.entity_id   1 
_entity_name_com.name        'TRK-fused gene protein' 
# 
_entity_poly.entity_id                      1 
_entity_poly.type                           'polypeptide(L)' 
_entity_poly.nstd_linkage                   no 
_entity_poly.nstd_monomer                   no 
_entity_poly.pdbx_seq_one_letter_code       
;GPLGSMNGQLDLSGKLIIKAQLGEDIRRIPIHNEDITYDELVLMMQRVFRGKLLSNDEVTIKYKAERGDLITIFDSSDLS
FAIQCSRILKLTLFVNGQPRP
;
_entity_poly.pdbx_seq_one_letter_code_can   
;GPLGSMNGQLDLSGKLIIKAQLGEDIRRIPIHNEDITYDELVLMMQRVFRGKLLSNDEVTIKYKAERGDLITIFDSSDLS
FAIQCSRILKLTLFVNGQPRP
;
_entity_poly.pdbx_strand_id                 A 
_entity_poly.pdbx_target_identifier         ? 
# 
_pdbx_entity_nonpoly.entity_id   2 
_pdbx_entity_nonpoly.name        water 
_pdbx_entity_nonpoly.comp_id     HOH 
# 
loop_
_entity_poly_seq.entity_id 
_entity_poly_seq.num 
_entity_poly_seq.mon_id 
_entity_poly_seq.hetero 
1 1   GLY n 
1 2   PRO n 
1 3   LEU n 
1 4   GLY n 
1 5   SER n 
1 6   MET n 
1 7   ASN n 
1 8   GLY n 
1 9   GLN n 
1 10  LEU n 
1 11  ASP n 
1 12  LEU n 
1 13  SER n 
1 14  GLY n 
1 15  LYS n 
1 16  LEU n 
1 17  ILE n 
1 18  ILE n 
1 19  LYS n 
1 20  ALA n 
1 21  GLN n 
1 22  LEU n 
1 23  GLY n 
1 24  GLU n 
1 25  ASP n 
1 26  ILE n 
1 27  ARG n 
1 28  ARG n 
1 29  ILE n 
1 30  PRO n 
1 31  ILE n 
1 32  HIS n 
1 33  ASN n 
1 34  GLU n 
1 35  ASP n 
1 36  ILE n 
1 37  THR n 
1 38  TYR n 
1 39  ASP n 
1 40  GLU n 
1 41  LEU n 
1 42  VAL n 
1 43  LEU n 
1 44  MET n 
1 45  MET n 
1 46  GLN n 
1 47  ARG n 
1 48  VAL n 
1 49  PHE n 
1 50  ARG n 
1 51  GLY n 
1 52  LYS n 
1 53  LEU n 
1 54  LEU n 
1 55  SER n 
1 56  ASN n 
1 57  ASP n 
1 58  GLU n 
1 59  VAL n 
1 60  THR n 
1 61  ILE n 
1 62  LYS n 
1 63  TYR n 
1 64  LYS n 
1 65  ALA n 
1 66  GLU n 
1 67  ARG n 
1 68  GLY n 
1 69  ASP n 
1 70  LEU n 
1 71  ILE n 
1 72  THR n 
1 73  ILE n 
1 74  PHE n 
1 75  ASP n 
1 76  SER n 
1 77  SER n 
1 78  ASP n 
1 79  LEU n 
1 80  SER n 
1 81  PHE n 
1 82  ALA n 
1 83  ILE n 
1 84  GLN n 
1 85  CYS n 
1 86  SER n 
1 87  ARG n 
1 88  ILE n 
1 89  LEU n 
1 90  LYS n 
1 91  LEU n 
1 92  THR n 
1 93  LEU n 
1 94  PHE n 
1 95  VAL n 
1 96  ASN n 
1 97  GLY n 
1 98  GLN n 
1 99  PRO n 
1 100 ARG n 
1 101 PRO n 
# 
_entity_src_gen.entity_id                          1 
_entity_src_gen.pdbx_src_id                        1 
_entity_src_gen.pdbx_alt_source_flag               sample 
_entity_src_gen.pdbx_seq_type                      'Biological sequence' 
_entity_src_gen.pdbx_beg_seq_num                   1 
_entity_src_gen.pdbx_end_seq_num                   101 
_entity_src_gen.gene_src_common_name               human 
_entity_src_gen.gene_src_genus                     ? 
_entity_src_gen.pdbx_gene_src_gene                 TFG 
_entity_src_gen.gene_src_species                   ? 
_entity_src_gen.gene_src_strain                    ? 
_entity_src_gen.gene_src_tissue                    ? 
_entity_src_gen.gene_src_tissue_fraction           ? 
_entity_src_gen.gene_src_details                   ? 
_entity_src_gen.pdbx_gene_src_fragment             ? 
_entity_src_gen.pdbx_gene_src_scientific_name      'Homo sapiens' 
_entity_src_gen.pdbx_gene_src_ncbi_taxonomy_id     9606 
_entity_src_gen.pdbx_gene_src_variant              ? 
_entity_src_gen.pdbx_gene_src_cell_line            ? 
_entity_src_gen.pdbx_gene_src_atcc                 ? 
_entity_src_gen.pdbx_gene_src_organ                ? 
_entity_src_gen.pdbx_gene_src_organelle            ? 
_entity_src_gen.pdbx_gene_src_cell                 ? 
_entity_src_gen.pdbx_gene_src_cellular_location    ? 
_entity_src_gen.host_org_common_name               ? 
_entity_src_gen.pdbx_host_org_scientific_name      'Escherichia coli' 
_entity_src_gen.pdbx_host_org_ncbi_taxonomy_id     562 
_entity_src_gen.host_org_genus                     ? 
_entity_src_gen.pdbx_host_org_gene                 ? 
_entity_src_gen.pdbx_host_org_organ                ? 
_entity_src_gen.host_org_species                   ? 
_entity_src_gen.pdbx_host_org_tissue               ? 
_entity_src_gen.pdbx_host_org_tissue_fraction      ? 
_entity_src_gen.pdbx_host_org_strain               ? 
_entity_src_gen.pdbx_host_org_variant              ? 
_entity_src_gen.pdbx_host_org_cell_line            ? 
_entity_src_gen.pdbx_host_org_atcc                 ? 
_entity_src_gen.pdbx_host_org_culture_collection   ? 
_entity_src_gen.pdbx_host_org_cell                 ? 
_entity_src_gen.pdbx_host_org_organelle            ? 
_entity_src_gen.pdbx_host_org_cellular_location    ? 
_entity_src_gen.pdbx_host_org_vector_type          ? 
_entity_src_gen.pdbx_host_org_vector               ? 
_entity_src_gen.host_org_details                   ? 
_entity_src_gen.expression_system_id               ? 
_entity_src_gen.plasmid_name                       pGEX6p-1 
_entity_src_gen.plasmid_details                    ? 
_entity_src_gen.pdbx_description                   ? 
# 
loop_
_chem_comp.id 
_chem_comp.type 
_chem_comp.mon_nstd_flag 
_chem_comp.name 
_chem_comp.pdbx_synonyms 
_chem_comp.formula 
_chem_comp.formula_weight 
ALA 'L-peptide linking' y ALANINE         ? 'C3 H7 N O2'     89.093  
ARG 'L-peptide linking' y ARGININE        ? 'C6 H15 N4 O2 1' 175.209 
ASN 'L-peptide linking' y ASPARAGINE      ? 'C4 H8 N2 O3'    132.118 
ASP 'L-peptide linking' y 'ASPARTIC ACID' ? 'C4 H7 N O4'     133.103 
CYS 'L-peptide linking' y CYSTEINE        ? 'C3 H7 N O2 S'   121.158 
GLN 'L-peptide linking' y GLUTAMINE       ? 'C5 H10 N2 O3'   146.144 
GLU 'L-peptide linking' y 'GLUTAMIC ACID' ? 'C5 H9 N O4'     147.129 
GLY 'peptide linking'   y GLYCINE         ? 'C2 H5 N O2'     75.067  
HIS 'L-peptide linking' y HISTIDINE       ? 'C6 H10 N3 O2 1' 156.162 
HOH non-polymer         . WATER           ? 'H2 O'           18.015  
ILE 'L-peptide linking' y ISOLEUCINE      ? 'C6 H13 N O2'    131.173 
LEU 'L-peptide linking' y LEUCINE         ? 'C6 H13 N O2'    131.173 
LYS 'L-peptide linking' y LYSINE          ? 'C6 H15 N2 O2 1' 147.195 
MET 'L-peptide linking' y METHIONINE      ? 'C5 H11 N O2 S'  149.211 
PHE 'L-peptide linking' y PHENYLALANINE   ? 'C9 H11 N O2'    165.189 
PRO 'L-peptide linking' y PROLINE         ? 'C5 H9 N O2'     115.130 
SER 'L-peptide linking' y SERINE          ? 'C3 H7 N O3'     105.093 
THR 'L-peptide linking' y THREONINE       ? 'C4 H9 N O3'     119.119 
TYR 'L-peptide linking' y TYROSINE        ? 'C9 H11 N O3'    181.189 
VAL 'L-peptide linking' y VALINE          ? 'C5 H11 N O2'    117.146 
# 
loop_
_pdbx_poly_seq_scheme.asym_id 
_pdbx_poly_seq_scheme.entity_id 
_pdbx_poly_seq_scheme.seq_id 
_pdbx_poly_seq_scheme.mon_id 
_pdbx_poly_seq_scheme.ndb_seq_num 
_pdbx_poly_seq_scheme.pdb_seq_num 
_pdbx_poly_seq_scheme.auth_seq_num 
_pdbx_poly_seq_scheme.pdb_mon_id 
_pdbx_poly_seq_scheme.auth_mon_id 
_pdbx_poly_seq_scheme.pdb_strand_id 
_pdbx_poly_seq_scheme.pdb_ins_code 
_pdbx_poly_seq_scheme.hetero 
A 1 1   GLY 1   -4 ?  ?   ?   A . n 
A 1 2   PRO 2   -3 ?  ?   ?   A . n 
A 1 3   LEU 3   -2 ?  ?   ?   A . n 
A 1 4   GLY 4   -1 ?  ?   ?   A . n 
A 1 5   SER 5   0  ?  ?   ?   A . n 
A 1 6   MET 6   1  ?  ?   ?   A . n 
A 1 7   ASN 7   2  ?  ?   ?   A . n 
A 1 8   GLY 8   3  ?  ?   ?   A . n 
A 1 9   GLN 9   4  ?  ?   ?   A . n 
A 1 10  LEU 10  5  ?  ?   ?   A . n 
A 1 11  ASP 11  6  ?  ?   ?   A . n 
A 1 12  LEU 12  7  ?  ?   ?   A . n 
A 1 13  SER 13  8  ?  ?   ?   A . n 
A 1 14  GLY 14  9  ?  ?   ?   A . n 
A 1 15  LYS 15  10 10 LYS LYS A . n 
A 1 16  LEU 16  11 11 LEU LEU A . n 
A 1 17  ILE 17  12 12 ILE ILE A . n 
A 1 18  ILE 18  13 13 ILE ILE A . n 
A 1 19  LYS 19  14 14 LYS LYS A . n 
A 1 20  ALA 20  15 15 ALA ALA A . n 
A 1 21  GLN 21  16 16 GLN GLN A . n 
A 1 22  LEU 22  17 17 LEU LEU A . n 
A 1 23  GLY 23  18 18 GLY GLY A . n 
A 1 24  GLU 24  19 19 GLU GLU A . n 
A 1 25  ASP 25  20 20 ASP ASP A . n 
A 1 26  ILE 26  21 21 ILE ILE A . n 
A 1 27  ARG 27  22 22 ARG ARG A . n 
A 1 28  ARG 28  23 23 ARG ARG A . n 
A 1 29  ILE 29  24 24 ILE ILE A . n 
A 1 30  PRO 30  25 25 PRO PRO A . n 
A 1 31  ILE 31  26 26 ILE ILE A . n 
A 1 32  HIS 32  27 27 HIS HIS A . n 
A 1 33  ASN 33  28 28 ASN ASN A . n 
A 1 34  GLU 34  29 29 GLU GLU A . n 
A 1 35  ASP 35  30 30 ASP ASP A . n 
A 1 36  ILE 36  31 31 ILE ILE A . n 
A 1 37  THR 37  32 32 THR THR A . n 
A 1 38  TYR 38  33 33 TYR TYR A . n 
A 1 39  ASP 39  34 34 ASP ASP A . n 
A 1 40  GLU 40  35 35 GLU GLU A . n 
A 1 41  LEU 41  36 36 LEU LEU A . n 
A 1 42  VAL 42  37 37 VAL VAL A . n 
A 1 43  LEU 43  38 38 LEU LEU A . n 
A 1 44  MET 44  39 39 MET MET A . n 
A 1 45  MET 45  40 40 MET MET A . n 
A 1 46  GLN 46  41 41 GLN GLN A . n 
A 1 47  ARG 47  42 42 ARG ARG A . n 
A 1 48  VAL 48  43 43 VAL VAL A . n 
A 1 49  PHE 49  44 44 PHE PHE A . n 
A 1 50  ARG 50  45 45 ARG ARG A . n 
A 1 51  GLY 51  46 46 GLY GLY A . n 
A 1 52  LYS 52  47 47 LYS LYS A . n 
A 1 53  LEU 53  48 48 LEU LEU A . n 
A 1 54  LEU 54  49 49 LEU LEU A . n 
A 1 55  SER 55  50 50 SER SER A . n 
A 1 56  ASN 56  51 51 ASN ASN A . n 
A 1 57  ASP 57  52 52 ASP ASP A . n 
A 1 58  GLU 58  53 53 GLU GLU A . n 
A 1 59  VAL 59  54 54 VAL VAL A . n 
A 1 60  THR 60  55 55 THR THR A . n 
A 1 61  ILE 61  56 56 ILE ILE A . n 
A 1 62  LYS 62  57 57 LYS LYS A . n 
A 1 63  TYR 63  58 58 TYR TYR A . n 
A 1 64  LYS 64  59 59 LYS LYS A . n 
A 1 65  ALA 65  60 60 ALA ALA A . n 
A 1 66  GLU 66  61 61 GLU GLU A . n 
A 1 67  ARG 67  62 62 ARG ARG A . n 
A 1 68  GLY 68  63 63 GLY GLY A . n 
A 1 69  ASP 69  64 64 ASP ASP A . n 
A 1 70  LEU 70  65 65 LEU LEU A . n 
A 1 71  ILE 71  66 66 ILE ILE A . n 
A 1 72  THR 72  67 67 THR THR A . n 
A 1 73  ILE 73  68 68 ILE ILE A . n 
A 1 74  PHE 74  69 69 PHE PHE A . n 
A 1 75  ASP 75  70 70 ASP ASP A . n 
A 1 76  SER 76  71 71 SER SER A . n 
A 1 77  SER 77  72 72 SER SER A . n 
A 1 78  ASP 78  73 73 ASP ASP A . n 
A 1 79  LEU 79  74 74 LEU LEU A . n 
A 1 80  SER 80  75 75 SER SER A . n 
A 1 81  PHE 81  76 76 PHE PHE A . n 
A 1 82  ALA 82  77 77 ALA ALA A . n 
A 1 83  ILE 83  78 78 ILE ILE A . n 
A 1 84  GLN 84  79 79 GLN GLN A . n 
A 1 85  CYS 85  80 80 CYS CYS A . n 
A 1 86  SER 86  81 81 SER SER A . n 
A 1 87  ARG 87  82 82 ARG ARG A . n 
A 1 88  ILE 88  83 83 ILE ILE A . n 
A 1 89  LEU 89  84 84 LEU LEU A . n 
A 1 90  LYS 90  85 85 LYS LYS A . n 
A 1 91  LEU 91  86 86 LEU LEU A . n 
A 1 92  THR 92  87 87 THR THR A . n 
A 1 93  LEU 93  88 88 LEU LEU A . n 
A 1 94  PHE 94  89 89 PHE PHE A . n 
A 1 95  VAL 95  90 90 VAL VAL A . n 
A 1 96  ASN 96  91 91 ASN ASN A . n 
A 1 97  GLY 97  92 92 GLY GLY A . n 
A 1 98  GLN 98  93 93 GLN GLN A . n 
A 1 99  PRO 99  94 94 PRO PRO A . n 
A 1 100 ARG 100 95 95 ARG ARG A . n 
A 1 101 PRO 101 96 96 PRO PRO A . n 
# 
loop_
_pdbx_nonpoly_scheme.asym_id 
_pdbx_nonpoly_scheme.entity_id 
_pdbx_nonpoly_scheme.mon_id 
_pdbx_nonpoly_scheme.ndb_seq_num 
_pdbx_nonpoly_scheme.pdb_seq_num 
_pdbx_nonpoly_scheme.auth_seq_num 
_pdbx_nonpoly_scheme.pdb_mon_id 
_pdbx_nonpoly_scheme.auth_mon_id 
_pdbx_nonpoly_scheme.pdb_strand_id 
_pdbx_nonpoly_scheme.pdb_ins_code 
B 2 HOH 1  101 45  HOH HOH A . 
B 2 HOH 2  102 98  HOH HOH A . 
B 2 HOH 3  103 101 HOH HOH A . 
B 2 HOH 4  104 60  HOH HOH A . 
B 2 HOH 5  105 20  HOH HOH A . 
B 2 HOH 6  106 17  HOH HOH A . 
B 2 HOH 7  107 23  HOH HOH A . 
B 2 HOH 8  108 71  HOH HOH A . 
B 2 HOH 9  109 38  HOH HOH A . 
B 2 HOH 10 110 13  HOH HOH A . 
B 2 HOH 11 111 42  HOH HOH A . 
B 2 HOH 12 112 36  HOH HOH A . 
B 2 HOH 13 113 58  HOH HOH A . 
B 2 HOH 14 114 15  HOH HOH A . 
B 2 HOH 15 115 53  HOH HOH A . 
B 2 HOH 16 116 6   HOH HOH A . 
B 2 HOH 17 117 7   HOH HOH A . 
B 2 HOH 18 118 1   HOH HOH A . 
B 2 HOH 19 119 9   HOH HOH A . 
B 2 HOH 20 120 5   HOH HOH A . 
B 2 HOH 21 121 86  HOH HOH A . 
B 2 HOH 22 122 16  HOH HOH A . 
B 2 HOH 23 123 11  HOH HOH A . 
B 2 HOH 24 124 72  HOH HOH A . 
B 2 HOH 25 125 25  HOH HOH A . 
B 2 HOH 26 126 59  HOH HOH A . 
B 2 HOH 27 127 31  HOH HOH A . 
B 2 HOH 28 128 30  HOH HOH A . 
B 2 HOH 29 129 34  HOH HOH A . 
B 2 HOH 30 130 100 HOH HOH A . 
B 2 HOH 31 131 12  HOH HOH A . 
B 2 HOH 32 132 8   HOH HOH A . 
B 2 HOH 33 133 87  HOH HOH A . 
B 2 HOH 34 134 99  HOH HOH A . 
B 2 HOH 35 135 4   HOH HOH A . 
B 2 HOH 36 136 39  HOH HOH A . 
B 2 HOH 37 137 2   HOH HOH A . 
B 2 HOH 38 138 3   HOH HOH A . 
B 2 HOH 39 139 14  HOH HOH A . 
B 2 HOH 40 140 76  HOH HOH A . 
B 2 HOH 41 141 95  HOH HOH A . 
B 2 HOH 42 142 41  HOH HOH A . 
B 2 HOH 43 143 48  HOH HOH A . 
B 2 HOH 44 144 68  HOH HOH A . 
B 2 HOH 45 145 67  HOH HOH A . 
B 2 HOH 46 146 49  HOH HOH A . 
B 2 HOH 47 147 73  HOH HOH A . 
B 2 HOH 48 148 22  HOH HOH A . 
B 2 HOH 49 149 66  HOH HOH A . 
B 2 HOH 50 150 43  HOH HOH A . 
B 2 HOH 51 151 18  HOH HOH A . 
# 
loop_
_software.citation_id 
_software.classification 
_software.compiler_name 
_software.compiler_version 
_software.contact_author 
_software.contact_author_email 
_software.date 
_software.description 
_software.dependencies 
_software.hardware 
_software.language 
_software.location 
_software.mods 
_software.name 
_software.os 
_software.os_version 
_software.type 
_software.version 
_software.pdbx_ordinal 
? refinement       ? ? ? ? ? ? ? ? ? ? ? REFMAC   ? ? ? 5.8.0049 1 
? 'data scaling'   ? ? ? ? ? ? ? ? ? ? ? HKL-3000 ? ? ? .        2 
? 'data reduction' ? ? ? ? ? ? ? ? ? ? ? HKL-3000 ? ? ? .        3 
? phasing          ? ? ? ? ? ? ? ? ? ? ? REFMAC   ? ? ? .        4 
# 
_cell.angle_alpha                  90.00 
_cell.angle_alpha_esd              ? 
_cell.angle_beta                   104.80 
_cell.angle_beta_esd               ? 
_cell.angle_gamma                  90.00 
_cell.angle_gamma_esd              ? 
_cell.entry_id                     9E7C 
_cell.details                      ? 
_cell.formula_units_Z              ? 
_cell.length_a                     107.018 
_cell.length_a_esd                 ? 
_cell.length_b                     32.488 
_cell.length_b_esd                 ? 
_cell.length_c                     29.246 
_cell.length_c_esd                 ? 
_cell.volume                       ? 
_cell.volume_esd                   ? 
_cell.Z_PDB                        4 
_cell.reciprocal_angle_alpha       ? 
_cell.reciprocal_angle_beta        ? 
_cell.reciprocal_angle_gamma       ? 
_cell.reciprocal_angle_alpha_esd   ? 
_cell.reciprocal_angle_beta_esd    ? 
_cell.reciprocal_angle_gamma_esd   ? 
_cell.reciprocal_length_a          ? 
_cell.reciprocal_length_b          ? 
_cell.reciprocal_length_c          ? 
_cell.reciprocal_length_a_esd      ? 
_cell.reciprocal_length_b_esd      ? 
_cell.reciprocal_length_c_esd      ? 
_cell.pdbx_unique_axis             ? 
_cell.pdbx_esd_method              ? 
# 
_symmetry.entry_id                         9E7C 
_symmetry.cell_setting                     ? 
_symmetry.Int_Tables_number                5 
_symmetry.space_group_name_Hall            ? 
_symmetry.space_group_name_H-M             'C 1 2 1' 
_symmetry.pdbx_full_space_group_name_H-M   ? 
# 
_exptl.absorpt_coefficient_mu     ? 
_exptl.absorpt_correction_T_max   ? 
_exptl.absorpt_correction_T_min   ? 
_exptl.absorpt_correction_type    ? 
_exptl.absorpt_process_details    ? 
_exptl.entry_id                   9E7C 
_exptl.crystals_number            1 
_exptl.details                    ? 
_exptl.method                     'X-RAY DIFFRACTION' 
_exptl.method_details             ? 
# 
_exptl_crystal.colour                       ? 
_exptl_crystal.density_diffrn               ? 
_exptl_crystal.density_Matthews             2.16 
_exptl_crystal.density_method               ? 
_exptl_crystal.density_percent_sol          42.93 
_exptl_crystal.description                  ? 
_exptl_crystal.F_000                        ? 
_exptl_crystal.id                           1 
_exptl_crystal.preparation                  ? 
_exptl_crystal.size_max                     ? 
_exptl_crystal.size_mid                     ? 
_exptl_crystal.size_min                     ? 
_exptl_crystal.size_rad                     ? 
_exptl_crystal.colour_lustre                ? 
_exptl_crystal.colour_modifier              ? 
_exptl_crystal.colour_primary               ? 
_exptl_crystal.density_meas                 ? 
_exptl_crystal.density_meas_esd             ? 
_exptl_crystal.density_meas_gt              ? 
_exptl_crystal.density_meas_lt              ? 
_exptl_crystal.density_meas_temp            ? 
_exptl_crystal.density_meas_temp_esd        ? 
_exptl_crystal.density_meas_temp_gt         ? 
_exptl_crystal.density_meas_temp_lt         ? 
_exptl_crystal.pdbx_crystal_image_url       ? 
_exptl_crystal.pdbx_crystal_image_format    ? 
_exptl_crystal.pdbx_mosaicity               ? 
_exptl_crystal.pdbx_mosaicity_esd           ? 
_exptl_crystal.pdbx_mosaic_method           ? 
_exptl_crystal.pdbx_mosaic_block_size       ? 
_exptl_crystal.pdbx_mosaic_block_size_esd   ? 
# 
_exptl_crystal_grow.apparatus       ? 
_exptl_crystal_grow.atmosphere      ? 
_exptl_crystal_grow.crystal_id      1 
_exptl_crystal_grow.details         ? 
_exptl_crystal_grow.method          'VAPOR DIFFUSION, HANGING DROP' 
_exptl_crystal_grow.method_ref      ? 
_exptl_crystal_grow.pH              8.5 
_exptl_crystal_grow.pressure        ? 
_exptl_crystal_grow.pressure_esd    ? 
_exptl_crystal_grow.seeding         ? 
_exptl_crystal_grow.seeding_ref     ? 
_exptl_crystal_grow.temp_details    ? 
_exptl_crystal_grow.temp_esd        ? 
_exptl_crystal_grow.time            ? 
_exptl_crystal_grow.pdbx_details    '0.1M Tris-HCl pH 8.5, 8% PEG 8000' 
_exptl_crystal_grow.pdbx_pH_range   ? 
_exptl_crystal_grow.temp            277 
# 
_diffrn.ambient_environment              ? 
_diffrn.ambient_temp                     203 
_diffrn.ambient_temp_details             ? 
_diffrn.ambient_temp_esd                 ? 
_diffrn.crystal_id                       1 
_diffrn.crystal_support                  ? 
_diffrn.crystal_treatment                ? 
_diffrn.details                          ? 
_diffrn.id                               1 
_diffrn.ambient_pressure                 ? 
_diffrn.ambient_pressure_esd             ? 
_diffrn.ambient_pressure_gt              ? 
_diffrn.ambient_pressure_lt              ? 
_diffrn.ambient_temp_gt                  ? 
_diffrn.ambient_temp_lt                  ? 
_diffrn.pdbx_serial_crystal_experiment   N 
# 
_diffrn_detector.details                      ? 
_diffrn_detector.detector                     CCD 
_diffrn_detector.diffrn_id                    1 
_diffrn_detector.type                         'MARMOSAIC 225 mm CCD' 
_diffrn_detector.area_resol_mean              ? 
_diffrn_detector.dtime                        ? 
_diffrn_detector.pdbx_frames_total            ? 
_diffrn_detector.pdbx_collection_time_total   ? 
_diffrn_detector.pdbx_collection_date         2013-12-01 
_diffrn_detector.pdbx_frequency               ? 
_diffrn_detector.id                           ? 
_diffrn_detector.number_of_axes               ? 
# 
_diffrn_radiation.collimation                      ? 
_diffrn_radiation.diffrn_id                        1 
_diffrn_radiation.filter_edge                      ? 
_diffrn_radiation.inhomogeneity                    ? 
_diffrn_radiation.monochromator                    'C(111)' 
_diffrn_radiation.polarisn_norm                    ? 
_diffrn_radiation.polarisn_ratio                   ? 
_diffrn_radiation.probe                            ? 
_diffrn_radiation.type                             ? 
_diffrn_radiation.xray_symbol                      ? 
_diffrn_radiation.wavelength_id                    1 
_diffrn_radiation.pdbx_monochromatic_or_laue_m_l   M 
_diffrn_radiation.pdbx_wavelength_list             ? 
_diffrn_radiation.pdbx_wavelength                  ? 
_diffrn_radiation.pdbx_diffrn_protocol             'SINGLE WAVELENGTH' 
_diffrn_radiation.pdbx_analyzer                    ? 
_diffrn_radiation.pdbx_scattering_type             x-ray 
# 
_diffrn_radiation_wavelength.id           1 
_diffrn_radiation_wavelength.wavelength   0.97872 
_diffrn_radiation_wavelength.wt           1.0 
# 
_diffrn_source.current                     ? 
_diffrn_source.details                     ? 
_diffrn_source.diffrn_id                   1 
_diffrn_source.power                       ? 
_diffrn_source.size                        ? 
_diffrn_source.source                      SYNCHROTRON 
_diffrn_source.target                      ? 
_diffrn_source.type                        'APS BEAMLINE 21-ID-F' 
_diffrn_source.voltage                     ? 
_diffrn_source.take-off_angle              ? 
_diffrn_source.pdbx_wavelength_list        0.97872 
_diffrn_source.pdbx_wavelength             ? 
_diffrn_source.pdbx_synchrotron_beamline   21-ID-F 
_diffrn_source.pdbx_synchrotron_site       APS 
# 
_reflns.B_iso_Wilson_estimate                          35.1 
_reflns.entry_id                                       9E7C 
_reflns.data_reduction_details                         ? 
_reflns.data_reduction_method                          ? 
_reflns.d_resolution_high                              1.906 
_reflns.d_resolution_low                               51.73 
_reflns.details                                        ? 
_reflns.limit_h_max                                    ? 
_reflns.limit_h_min                                    ? 
_reflns.limit_k_max                                    ? 
_reflns.limit_k_min                                    ? 
_reflns.limit_l_max                                    ? 
_reflns.limit_l_min                                    ? 
_reflns.number_all                                     ? 
_reflns.number_obs                                     7690 
_reflns.observed_criterion                             ? 
_reflns.observed_criterion_F_max                       ? 
_reflns.observed_criterion_F_min                       ? 
_reflns.observed_criterion_I_max                       ? 
_reflns.observed_criterion_I_min                       ? 
_reflns.observed_criterion_sigma_F                     ? 
_reflns.observed_criterion_sigma_I                     ? 
_reflns.percent_possible_obs                           99.4 
_reflns.R_free_details                                 ? 
_reflns.Rmerge_F_all                                   ? 
_reflns.Rmerge_F_obs                                   ? 
_reflns.Friedel_coverage                               ? 
_reflns.number_gt                                      ? 
_reflns.threshold_expression                           ? 
_reflns.pdbx_redundancy                                7.2 
_reflns.pdbx_netI_over_av_sigmaI                       26.9 
_reflns.pdbx_netI_over_sigmaI                          7.9 
_reflns.pdbx_res_netI_over_av_sigmaI_2                 ? 
_reflns.pdbx_res_netI_over_sigmaI_2                    ? 
_reflns.pdbx_chi_squared                               0.873 
_reflns.pdbx_scaling_rejects                           ? 
_reflns.pdbx_d_res_high_opt                            ? 
_reflns.pdbx_d_res_low_opt                             ? 
_reflns.pdbx_d_res_opt_method                          ? 
_reflns.phase_calculation_details                      ? 
_reflns.pdbx_Rrim_I_all                                0.076 
_reflns.pdbx_Rpim_I_all                                0.028 
_reflns.pdbx_d_opt                                     ? 
_reflns.pdbx_number_measured_all                       ? 
_reflns.pdbx_diffrn_id                                 1 
_reflns.pdbx_ordinal                                   1 
_reflns.pdbx_CC_half                                   ? 
_reflns.pdbx_CC_star                                   ? 
_reflns.pdbx_R_split                                   ? 
_reflns.pdbx_Rmerge_I_obs                              ? 
_reflns.pdbx_Rmerge_I_all                              ? 
_reflns.pdbx_Rsym_value                                0.071 
_reflns.pdbx_CC_split_method                           ? 
_reflns.pdbx_aniso_diffraction_limit_axis_1_ortho[1]   ? 
_reflns.pdbx_aniso_diffraction_limit_axis_1_ortho[2]   ? 
_reflns.pdbx_aniso_diffraction_limit_axis_1_ortho[3]   ? 
_reflns.pdbx_aniso_diffraction_limit_axis_2_ortho[1]   ? 
_reflns.pdbx_aniso_diffraction_limit_axis_2_ortho[2]   ? 
_reflns.pdbx_aniso_diffraction_limit_axis_2_ortho[3]   ? 
_reflns.pdbx_aniso_diffraction_limit_axis_3_ortho[1]   ? 
_reflns.pdbx_aniso_diffraction_limit_axis_3_ortho[2]   ? 
_reflns.pdbx_aniso_diffraction_limit_axis_3_ortho[3]   ? 
_reflns.pdbx_aniso_diffraction_limit_1                 ? 
_reflns.pdbx_aniso_diffraction_limit_2                 ? 
_reflns.pdbx_aniso_diffraction_limit_3                 ? 
_reflns.pdbx_aniso_B_tensor_eigenvector_1_ortho[1]     ? 
_reflns.pdbx_aniso_B_tensor_eigenvector_1_ortho[2]     ? 
_reflns.pdbx_aniso_B_tensor_eigenvector_1_ortho[3]     ? 
_reflns.pdbx_aniso_B_tensor_eigenvector_2_ortho[1]     ? 
_reflns.pdbx_aniso_B_tensor_eigenvector_2_ortho[2]     ? 
_reflns.pdbx_aniso_B_tensor_eigenvector_2_ortho[3]     ? 
_reflns.pdbx_aniso_B_tensor_eigenvector_3_ortho[1]     ? 
_reflns.pdbx_aniso_B_tensor_eigenvector_3_ortho[2]     ? 
_reflns.pdbx_aniso_B_tensor_eigenvector_3_ortho[3]     ? 
_reflns.pdbx_aniso_B_tensor_eigenvalue_1               ? 
_reflns.pdbx_aniso_B_tensor_eigenvalue_2               ? 
_reflns.pdbx_aniso_B_tensor_eigenvalue_3               ? 
_reflns.pdbx_orthogonalization_convention              ? 
_reflns.pdbx_percent_possible_ellipsoidal              ? 
_reflns.pdbx_percent_possible_spherical                ? 
_reflns.pdbx_percent_possible_ellipsoidal_anomalous    ? 
_reflns.pdbx_percent_possible_spherical_anomalous      ? 
_reflns.pdbx_redundancy_anomalous                      ? 
_reflns.pdbx_CC_half_anomalous                         ? 
_reflns.pdbx_absDiff_over_sigma_anomalous              ? 
_reflns.pdbx_percent_possible_anomalous                ? 
_reflns.pdbx_observed_signal_threshold                 ? 
_reflns.pdbx_signal_type                               ? 
_reflns.pdbx_signal_details                            ? 
_reflns.pdbx_signal_software_id                        ? 
# 
loop_
_reflns_shell.d_res_high 
_reflns_shell.d_res_low 
_reflns_shell.meanI_over_sigI_all 
_reflns_shell.meanI_over_sigI_obs 
_reflns_shell.number_measured_all 
_reflns_shell.number_measured_obs 
_reflns_shell.number_possible 
_reflns_shell.number_unique_all 
_reflns_shell.number_unique_obs 
_reflns_shell.percent_possible_obs 
_reflns_shell.Rmerge_F_all 
_reflns_shell.Rmerge_F_obs 
_reflns_shell.meanI_over_sigI_gt 
_reflns_shell.meanI_over_uI_all 
_reflns_shell.meanI_over_uI_gt 
_reflns_shell.number_measured_gt 
_reflns_shell.number_unique_gt 
_reflns_shell.percent_possible_gt 
_reflns_shell.Rmerge_F_gt 
_reflns_shell.Rmerge_I_gt 
_reflns_shell.pdbx_redundancy 
_reflns_shell.pdbx_chi_squared 
_reflns_shell.pdbx_netI_over_sigmaI_all 
_reflns_shell.pdbx_netI_over_sigmaI_obs 
_reflns_shell.pdbx_Rrim_I_all 
_reflns_shell.pdbx_Rpim_I_all 
_reflns_shell.pdbx_rejects 
_reflns_shell.pdbx_ordinal 
_reflns_shell.pdbx_diffrn_id 
_reflns_shell.pdbx_CC_half 
_reflns_shell.pdbx_CC_star 
_reflns_shell.pdbx_R_split 
_reflns_shell.percent_possible_all 
_reflns_shell.Rmerge_I_all 
_reflns_shell.Rmerge_I_obs 
_reflns_shell.pdbx_Rsym_value 
_reflns_shell.pdbx_percent_possible_ellipsoidal 
_reflns_shell.pdbx_percent_possible_spherical 
_reflns_shell.pdbx_percent_possible_ellipsoidal_anomalous 
_reflns_shell.pdbx_percent_possible_spherical_anomalous 
_reflns_shell.pdbx_redundancy_anomalous 
_reflns_shell.pdbx_CC_half_anomalous 
_reflns_shell.pdbx_absDiff_over_sigma_anomalous 
_reflns_shell.pdbx_percent_possible_anomalous 
1.91 1.94  ? ? ? ? ? ? 342 ? ? ? ? ? ? ? ? ? ? ? 6.1 0.540 ? ? 0.582 0.224 ? 1  1 0.890 0.970 ? 94.0  ? 0.536 ? ? ? ? ? ? ? ? ? 
1.94 1.98  ? ? ? ? ? ? 368 ? ? ? ? ? ? ? ? ? ? ? 5.9 0.569 ? ? 0.449 0.177 ? 2  1 0.948 0.987 ? 96.1  ? 0.411 ? ? ? ? ? ? ? ? ? 
1.98 2.02  ? ? ? ? ? ? 379 ? ? ? ? ? ? ? ? ? ? ? 6.6 0.562 ? ? 0.381 0.144 ? 3  1 0.956 0.989 ? 98.4  ? 0.351 ? ? ? ? ? ? ? ? ? 
2.02 2.06  ? ? ? ? ? ? 368 ? ? ? ? ? ? ? ? ? ? ? 6.9 0.611 ? ? 0.369 0.138 ? 4  1 0.963 0.990 ? 99.2  ? 0.341 ? ? ? ? ? ? ? ? ? 
2.06 2.10  ? ? ? ? ? ? 402 ? ? ? ? ? ? ? ? ? ? ? 7.1 0.580 ? ? 0.294 0.110 ? 5  1 0.979 0.995 ? 99.8  ? 0.273 ? ? ? ? ? ? ? ? ? 
2.10 2.15  ? ? ? ? ? ? 371 ? ? ? ? ? ? ? ? ? ? ? 7.3 0.609 ? ? 0.260 0.095 ? 6  1 0.985 0.996 ? 100.0 ? 0.242 ? ? ? ? ? ? ? ? ? 
2.15 2.20  ? ? ? ? ? ? 390 ? ? ? ? ? ? ? ? ? ? ? 7.5 0.684 ? ? 0.225 0.082 ? 7  1 0.983 0.996 ? 100.0 ? 0.209 ? ? ? ? ? ? ? ? ? 
2.20 2.26  ? ? ? ? ? ? 386 ? ? ? ? ? ? ? ? ? ? ? 7.4 0.660 ? ? 0.184 0.067 ? 8  1 0.989 0.997 ? 100.0 ? 0.171 ? ? ? ? ? ? ? ? ? 
2.26 2.33  ? ? ? ? ? ? 383 ? ? ? ? ? ? ? ? ? ? ? 7.6 0.679 ? ? 0.166 0.060 ? 9  1 0.990 0.997 ? 100.0 ? 0.155 ? ? ? ? ? ? ? ? ? 
2.33 2.41  ? ? ? ? ? ? 382 ? ? ? ? ? ? ? ? ? ? ? 7.5 0.702 ? ? 0.145 0.053 ? 10 1 0.994 0.999 ? 100.0 ? 0.135 ? ? ? ? ? ? ? ? ? 
2.41 2.49  ? ? ? ? ? ? 387 ? ? ? ? ? ? ? ? ? ? ? 7.5 0.684 ? ? 0.129 0.047 ? 11 1 0.996 0.999 ? 100.0 ? 0.120 ? ? ? ? ? ? ? ? ? 
2.49 2.59  ? ? ? ? ? ? 388 ? ? ? ? ? ? ? ? ? ? ? 7.5 0.723 ? ? 0.117 0.042 ? 12 1 0.995 0.999 ? 100.0 ? 0.109 ? ? ? ? ? ? ? ? ? 
2.59 2.71  ? ? ? ? ? ? 392 ? ? ? ? ? ? ? ? ? ? ? 7.5 0.761 ? ? 0.101 0.037 ? 13 1 0.996 0.999 ? 100.0 ? 0.094 ? ? ? ? ? ? ? ? ? 
2.71 2.85  ? ? ? ? ? ? 374 ? ? ? ? ? ? ? ? ? ? ? 7.5 0.838 ? ? 0.083 0.030 ? 14 1 0.998 0.999 ? 100.0 ? 0.077 ? ? ? ? ? ? ? ? ? 
2.85 3.03  ? ? ? ? ? ? 387 ? ? ? ? ? ? ? ? ? ? ? 7.5 1.038 ? ? 0.084 0.030 ? 15 1 0.996 0.999 ? 100.0 ? 0.078 ? ? ? ? ? ? ? ? ? 
3.03 3.27  ? ? ? ? ? ? 396 ? ? ? ? ? ? ? ? ? ? ? 7.5 1.438 ? ? 0.073 0.027 ? 16 1 0.998 0.999 ? 100.0 ? 0.068 ? ? ? ? ? ? ? ? ? 
3.27 3.59  ? ? ? ? ? ? 393 ? ? ? ? ? ? ? ? ? ? ? 7.5 1.900 ? ? 0.074 0.027 ? 17 1 0.997 0.999 ? 100.0 ? 0.069 ? ? ? ? ? ? ? ? ? 
3.59 4.11  ? ? ? ? ? ? 387 ? ? ? ? ? ? ? ? ? ? ? 7.5 1.590 ? ? 0.064 0.023 ? 18 1 0.998 0.999 ? 100.0 ? 0.059 ? ? ? ? ? ? ? ? ? 
4.11 5.18  ? ? ? ? ? ? 402 ? ? ? ? ? ? ? ? ? ? ? 7.4 0.993 ? ? 0.041 0.015 ? 19 1 0.999 1.000 ? 100.0 ? 0.038 ? ? ? ? ? ? ? ? ? 
5.18 50.00 ? ? ? ? ? ? 413 ? ? ? ? ? ? ? ? ? ? ? 7.0 0.965 ? ? 0.033 0.013 ? 20 1 0.999 1.000 ? 99.8  ? 0.031 ? ? ? ? ? ? ? ? ? 
# 
_refine.aniso_B[1][1]                            -1.83 
_refine.aniso_B[1][2]                            0.00 
_refine.aniso_B[1][3]                            -0.67 
_refine.aniso_B[2][2]                            2.64 
_refine.aniso_B[2][3]                            0.00 
_refine.aniso_B[3][3]                            -0.41 
_refine.B_iso_max                                ? 
_refine.B_iso_mean                               34.708 
_refine.B_iso_min                                ? 
_refine.correlation_coeff_Fo_to_Fc               0.946 
_refine.correlation_coeff_Fo_to_Fc_free          0.930 
_refine.details                                  'HYDROGENS HAVE BEEN ADDED IN THE RIDING POSITIONS' 
_refine.diff_density_max                         ? 
_refine.diff_density_max_esd                     ? 
_refine.diff_density_min                         ? 
_refine.diff_density_min_esd                     ? 
_refine.diff_density_rms                         ? 
_refine.diff_density_rms_esd                     ? 
_refine.entry_id                                 9E7C 
_refine.pdbx_refine_id                           'X-RAY DIFFRACTION' 
_refine.ls_abs_structure_details                 ? 
_refine.ls_abs_structure_Flack                   ? 
_refine.ls_abs_structure_Flack_esd               ? 
_refine.ls_abs_structure_Rogers                  ? 
_refine.ls_abs_structure_Rogers_esd              ? 
_refine.ls_d_res_high                            1.906 
_refine.ls_d_res_low                             51.73 
_refine.ls_extinction_coef                       ? 
_refine.ls_extinction_coef_esd                   ? 
_refine.ls_extinction_expression                 ? 
_refine.ls_extinction_method                     ? 
_refine.ls_goodness_of_fit_all                   ? 
_refine.ls_goodness_of_fit_all_esd               ? 
_refine.ls_goodness_of_fit_obs                   ? 
_refine.ls_goodness_of_fit_obs_esd               ? 
_refine.ls_hydrogen_treatment                    ? 
_refine.ls_matrix_type                           ? 
_refine.ls_number_constraints                    ? 
_refine.ls_number_parameters                     ? 
_refine.ls_number_reflns_all                     ? 
_refine.ls_number_reflns_obs                     7337 
_refine.ls_number_reflns_R_free                  352 
_refine.ls_number_reflns_R_work                  ? 
_refine.ls_number_restraints                     ? 
_refine.ls_percent_reflns_obs                    99.12 
_refine.ls_percent_reflns_R_free                 4.6 
_refine.ls_R_factor_all                          ? 
_refine.ls_R_factor_obs                          0.21555 
_refine.ls_R_factor_R_free                       0.25406 
_refine.ls_R_factor_R_free_error                 ? 
_refine.ls_R_factor_R_free_error_details         ? 
_refine.ls_R_factor_R_work                       0.21369 
_refine.ls_R_Fsqd_factor_obs                     ? 
_refine.ls_R_I_factor_obs                        ? 
_refine.ls_redundancy_reflns_all                 ? 
_refine.ls_redundancy_reflns_obs                 ? 
_refine.ls_restrained_S_all                      ? 
_refine.ls_restrained_S_obs                      ? 
_refine.ls_shift_over_esd_max                    ? 
_refine.ls_shift_over_esd_mean                   ? 
_refine.ls_structure_factor_coef                 ? 
_refine.ls_weighting_details                     ? 
_refine.ls_weighting_scheme                      ? 
_refine.ls_wR_factor_all                         ? 
_refine.ls_wR_factor_obs                         ? 
_refine.ls_wR_factor_R_free                      ? 
_refine.ls_wR_factor_R_work                      ? 
_refine.occupancy_max                            ? 
_refine.occupancy_min                            ? 
_refine.solvent_model_details                    MASK 
_refine.solvent_model_param_bsol                 ? 
_refine.solvent_model_param_ksol                 ? 
_refine.pdbx_R_complete                          ? 
_refine.ls_R_factor_gt                           ? 
_refine.ls_goodness_of_fit_gt                    ? 
_refine.ls_goodness_of_fit_ref                   ? 
_refine.ls_shift_over_su_max                     ? 
_refine.ls_shift_over_su_max_lt                  ? 
_refine.ls_shift_over_su_mean                    ? 
_refine.ls_shift_over_su_mean_lt                 ? 
_refine.pdbx_ls_sigma_I                          ? 
_refine.pdbx_ls_sigma_F                          ? 
_refine.pdbx_ls_sigma_Fsqd                       ? 
_refine.pdbx_data_cutoff_high_absF               ? 
_refine.pdbx_data_cutoff_high_rms_absF           ? 
_refine.pdbx_data_cutoff_low_absF                ? 
_refine.pdbx_isotropic_thermal_model             ? 
_refine.pdbx_ls_cross_valid_method               THROUGHOUT 
_refine.pdbx_method_to_determine_struct          'MOLECULAR REPLACEMENT' 
_refine.pdbx_starting_model                      ? 
_refine.pdbx_stereochemistry_target_values       'MAXIMUM LIKELIHOOD' 
_refine.pdbx_R_Free_selection_details            RANDOM 
_refine.pdbx_stereochem_target_val_spec_case     ? 
_refine.pdbx_overall_ESU_R                       0.175 
_refine.pdbx_overall_ESU_R_Free                  0.159 
_refine.pdbx_solvent_vdw_probe_radii             1.20 
_refine.pdbx_solvent_ion_probe_radii             0.80 
_refine.pdbx_solvent_shrinkage_radii             0.80 
_refine.pdbx_real_space_R                        ? 
_refine.pdbx_density_correlation                 ? 
_refine.pdbx_pd_number_of_powder_patterns        ? 
_refine.pdbx_pd_number_of_points                 ? 
_refine.pdbx_pd_meas_number_of_points            ? 
_refine.pdbx_pd_proc_ls_prof_R_factor            ? 
_refine.pdbx_pd_proc_ls_prof_wR_factor           ? 
_refine.pdbx_pd_Marquardt_correlation_coeff      ? 
_refine.pdbx_pd_Fsqrd_R_factor                   ? 
_refine.pdbx_pd_ls_matrix_band_width             ? 
_refine.pdbx_overall_phase_error                 ? 
_refine.pdbx_overall_SU_R_free_Cruickshank_DPI   ? 
_refine.pdbx_overall_SU_R_free_Blow_DPI          ? 
_refine.pdbx_overall_SU_R_Blow_DPI               ? 
_refine.pdbx_TLS_residual_ADP_flag               ? 
_refine.pdbx_diffrn_id                           1 
_refine.overall_SU_B                             4.496 
_refine.overall_SU_ML                            0.130 
_refine.overall_SU_R_Cruickshank_DPI             ? 
_refine.overall_SU_R_free                        ? 
_refine.overall_FOM_free_R_set                   ? 
_refine.overall_FOM_work_R_set                   ? 
_refine.pdbx_average_fsc_overall                 ? 
_refine.pdbx_average_fsc_work                    ? 
_refine.pdbx_average_fsc_free                    ? 
# 
_refine_hist.pdbx_refine_id                   'X-RAY DIFFRACTION' 
_refine_hist.cycle_id                         1 
_refine_hist.details                          ? 
_refine_hist.d_res_high                       1.906 
_refine_hist.d_res_low                        51.73 
_refine_hist.number_atoms_solvent             51 
_refine_hist.number_atoms_total               758 
_refine_hist.number_reflns_all                ? 
_refine_hist.number_reflns_obs                ? 
_refine_hist.number_reflns_R_free             ? 
_refine_hist.number_reflns_R_work             ? 
_refine_hist.R_factor_all                     ? 
_refine_hist.R_factor_obs                     ? 
_refine_hist.R_factor_R_free                  ? 
_refine_hist.R_factor_R_work                  ? 
_refine_hist.pdbx_number_residues_total       ? 
_refine_hist.pdbx_B_iso_mean_ligand           ? 
_refine_hist.pdbx_B_iso_mean_solvent          ? 
_refine_hist.pdbx_number_atoms_protein        707 
_refine_hist.pdbx_number_atoms_nucleic_acid   0 
_refine_hist.pdbx_number_atoms_ligand         0 
_refine_hist.pdbx_number_atoms_lipid          ? 
_refine_hist.pdbx_number_atoms_carb           ? 
_refine_hist.pdbx_pseudo_atom_details         ? 
# 
loop_
_refine_ls_restr.pdbx_refine_id 
_refine_ls_restr.criterion 
_refine_ls_restr.dev_ideal 
_refine_ls_restr.dev_ideal_target 
_refine_ls_restr.number 
_refine_ls_restr.rejects 
_refine_ls_restr.type 
_refine_ls_restr.weight 
_refine_ls_restr.pdbx_restraint_function 
'X-RAY DIFFRACTION' ? 0.010  0.019  723  ? r_bond_refined_d             ? ? 
'X-RAY DIFFRACTION' ? 0.001  0.020  735  ? r_bond_other_d               ? ? 
'X-RAY DIFFRACTION' ? 1.342  1.996  974  ? r_angle_refined_deg          ? ? 
'X-RAY DIFFRACTION' ? 0.749  3.000  1690 ? r_angle_other_deg            ? ? 
'X-RAY DIFFRACTION' ? 5.918  5.000  88   ? r_dihedral_angle_1_deg       ? ? 
'X-RAY DIFFRACTION' ? 37.044 23.636 33   ? r_dihedral_angle_2_deg       ? ? 
'X-RAY DIFFRACTION' ? 12.902 15.000 145  ? r_dihedral_angle_3_deg       ? ? 
'X-RAY DIFFRACTION' ? 12.960 15.000 7    ? r_dihedral_angle_4_deg       ? ? 
'X-RAY DIFFRACTION' ? 0.073  0.200  114  ? r_chiral_restr               ? ? 
'X-RAY DIFFRACTION' ? 0.005  0.020  798  ? r_gen_planes_refined         ? ? 
'X-RAY DIFFRACTION' ? 0.001  0.020  159  ? r_gen_planes_other           ? ? 
'X-RAY DIFFRACTION' ? ?      ?      ?    ? r_nbd_refined                ? ? 
'X-RAY DIFFRACTION' ? ?      ?      ?    ? r_nbd_other                  ? ? 
'X-RAY DIFFRACTION' ? ?      ?      ?    ? r_nbtor_refined              ? ? 
'X-RAY DIFFRACTION' ? ?      ?      ?    ? r_nbtor_other                ? ? 
'X-RAY DIFFRACTION' ? ?      ?      ?    ? r_xyhbond_nbd_refined        ? ? 
'X-RAY DIFFRACTION' ? ?      ?      ?    ? r_xyhbond_nbd_other          ? ? 
'X-RAY DIFFRACTION' ? ?      ?      ?    ? r_metal_ion_refined          ? ? 
'X-RAY DIFFRACTION' ? ?      ?      ?    ? r_metal_ion_other            ? ? 
'X-RAY DIFFRACTION' ? ?      ?      ?    ? r_symmetry_vdw_refined       ? ? 
'X-RAY DIFFRACTION' ? ?      ?      ?    ? r_symmetry_vdw_other         ? ? 
'X-RAY DIFFRACTION' ? ?      ?      ?    ? r_symmetry_hbond_refined     ? ? 
'X-RAY DIFFRACTION' ? ?      ?      ?    ? r_symmetry_hbond_other       ? ? 
'X-RAY DIFFRACTION' ? ?      ?      ?    ? r_symmetry_metal_ion_refined ? ? 
'X-RAY DIFFRACTION' ? ?      ?      ?    ? r_symmetry_metal_ion_other   ? ? 
'X-RAY DIFFRACTION' ? 2.876  3.144  352  ? r_mcbond_it                  ? ? 
'X-RAY DIFFRACTION' ? 2.866  3.136  351  ? r_mcbond_other               ? ? 
'X-RAY DIFFRACTION' ? 5.019  4.687  440  ? r_mcangle_it                 ? ? 
'X-RAY DIFFRACTION' ? 5.018  4.695  441  ? r_mcangle_other              ? ? 
'X-RAY DIFFRACTION' ? 2.896  3.700  371  ? r_scbond_it                  ? ? 
'X-RAY DIFFRACTION' ? 2.889  3.698  371  ? r_scbond_other               ? ? 
'X-RAY DIFFRACTION' ? ?      ?      ?    ? r_scangle_it                 ? ? 
'X-RAY DIFFRACTION' ? 5.039  5.355  534  ? r_scangle_other              ? ? 
'X-RAY DIFFRACTION' ? 8.606  25.074 796  ? r_long_range_B_refined       ? ? 
'X-RAY DIFFRACTION' ? 8.505  24.878 777  ? r_long_range_B_other         ? ? 
'X-RAY DIFFRACTION' ? ?      ?      ?    ? r_rigid_bond_restr           ? ? 
'X-RAY DIFFRACTION' ? ?      ?      ?    ? r_sphericity_free            ? ? 
'X-RAY DIFFRACTION' ? ?      ?      ?    ? r_sphericity_bonded          ? ? 
# 
_refine_ls_shell.pdbx_refine_id                   'X-RAY DIFFRACTION' 
_refine_ls_shell.d_res_high                       1.906 
_refine_ls_shell.d_res_low                        1.955 
_refine_ls_shell.number_reflns_all                ? 
_refine_ls_shell.number_reflns_obs                ? 
_refine_ls_shell.number_reflns_R_free             19 
_refine_ls_shell.number_reflns_R_work             492 
_refine_ls_shell.percent_reflns_obs               91.74 
_refine_ls_shell.percent_reflns_R_free            ? 
_refine_ls_shell.R_factor_all                     ? 
_refine_ls_shell.R_factor_obs                     ? 
_refine_ls_shell.R_factor_R_free_error            ? 
_refine_ls_shell.R_factor_R_work                  0.244 
_refine_ls_shell.redundancy_reflns_all            ? 
_refine_ls_shell.redundancy_reflns_obs            ? 
_refine_ls_shell.wR_factor_all                    ? 
_refine_ls_shell.wR_factor_obs                    ? 
_refine_ls_shell.wR_factor_R_free                 ? 
_refine_ls_shell.wR_factor_R_work                 ? 
_refine_ls_shell.pdbx_R_complete                  ? 
_refine_ls_shell.pdbx_total_number_of_bins_used   20 
_refine_ls_shell.pdbx_phase_error                 ? 
_refine_ls_shell.pdbx_fsc_work                    ? 
_refine_ls_shell.pdbx_fsc_free                    ? 
_refine_ls_shell.R_factor_R_free                  0.316 
# 
_struct.entry_id                     9E7C 
_struct.title                        'TRK-fused Gene (TFG) PB1 Domain D60A/D62R Variant' 
_struct.pdbx_model_details           ? 
_struct.pdbx_formula_weight          ? 
_struct.pdbx_formula_weight_method   ? 
_struct.pdbx_model_type_details      ? 
_struct.pdbx_CASP_flag               N 
# 
_struct_keywords.entry_id        9E7C 
_struct_keywords.text            'Type I/II PB1 domain, octamer, ubiquitin like beta-grasp fold, globular, PROTEIN TRANSPORT' 
_struct_keywords.pdbx_keywords   'PROTEIN TRANSPORT' 
# 
loop_
_struct_asym.id 
_struct_asym.pdbx_blank_PDB_chainid_flag 
_struct_asym.pdbx_modified 
_struct_asym.entity_id 
_struct_asym.details 
A N N 1 ? 
B N N 2 ? 
# 
_struct_ref.id                         1 
_struct_ref.db_name                    UNP 
_struct_ref.db_code                    TFG_HUMAN 
_struct_ref.pdbx_db_accession          Q92734 
_struct_ref.pdbx_db_isoform            ? 
_struct_ref.entity_id                  1 
_struct_ref.pdbx_seq_one_letter_code   
;MNGQLDLSGKLIIKAQLGEDIRRIPIHNEDITYDELVLMMQRVFRGKLLSNDEVTIKYKDEDGDLITIFDSSDLSFAIQC
SRILKLTLFVNGQPRP
;
_struct_ref.pdbx_align_begin           1 
# 
_struct_ref_seq.align_id                      1 
_struct_ref_seq.ref_id                        1 
_struct_ref_seq.pdbx_PDB_id_code              9E7C 
_struct_ref_seq.pdbx_strand_id                A 
_struct_ref_seq.seq_align_beg                 6 
_struct_ref_seq.pdbx_seq_align_beg_ins_code   ? 
_struct_ref_seq.seq_align_end                 101 
_struct_ref_seq.pdbx_seq_align_end_ins_code   ? 
_struct_ref_seq.pdbx_db_accession             Q92734 
_struct_ref_seq.db_align_beg                  1 
_struct_ref_seq.pdbx_db_align_beg_ins_code    ? 
_struct_ref_seq.db_align_end                  96 
_struct_ref_seq.pdbx_db_align_end_ins_code    ? 
_struct_ref_seq.pdbx_auth_seq_align_beg       1 
_struct_ref_seq.pdbx_auth_seq_align_end       96 
# 
loop_
_struct_ref_seq_dif.align_id 
_struct_ref_seq_dif.pdbx_pdb_id_code 
_struct_ref_seq_dif.mon_id 
_struct_ref_seq_dif.pdbx_pdb_strand_id 
_struct_ref_seq_dif.seq_num 
_struct_ref_seq_dif.pdbx_pdb_ins_code 
_struct_ref_seq_dif.pdbx_seq_db_name 
_struct_ref_seq_dif.pdbx_seq_db_accession_code 
_struct_ref_seq_dif.db_mon_id 
_struct_ref_seq_dif.pdbx_seq_db_seq_num 
_struct_ref_seq_dif.details 
_struct_ref_seq_dif.pdbx_auth_seq_num 
_struct_ref_seq_dif.pdbx_ordinal 
1 9E7C GLY A 1  ? UNP Q92734 ?   ?  'expression tag'      -4 1 
1 9E7C PRO A 2  ? UNP Q92734 ?   ?  'expression tag'      -3 2 
1 9E7C LEU A 3  ? UNP Q92734 ?   ?  'expression tag'      -2 3 
1 9E7C GLY A 4  ? UNP Q92734 ?   ?  'expression tag'      -1 4 
1 9E7C SER A 5  ? UNP Q92734 ?   ?  'expression tag'      0  5 
1 9E7C ALA A 65 ? UNP Q92734 ASP 60 'engineered mutation' 60 6 
1 9E7C ARG A 67 ? UNP Q92734 ASP 62 'engineered mutation' 62 7 
# 
_pdbx_struct_assembly.id                   1 
_pdbx_struct_assembly.details              author_defined_assembly 
_pdbx_struct_assembly.method_details       ? 
_pdbx_struct_assembly.oligomeric_details   monomeric 
_pdbx_struct_assembly.oligomeric_count     1 
# 
_pdbx_struct_assembly_gen.assembly_id       1 
_pdbx_struct_assembly_gen.oper_expression   1 
_pdbx_struct_assembly_gen.asym_id_list      A,B 
# 
_pdbx_struct_assembly_auth_evidence.id                     1 
_pdbx_struct_assembly_auth_evidence.assembly_id            1 
_pdbx_struct_assembly_auth_evidence.experimental_support   none 
_pdbx_struct_assembly_auth_evidence.details                ? 
# 
_pdbx_struct_oper_list.id                   1 
_pdbx_struct_oper_list.type                 'identity operation' 
_pdbx_struct_oper_list.name                 1_555 
_pdbx_struct_oper_list.symmetry_operation   x,y,z 
_pdbx_struct_oper_list.matrix[1][1]         1.0000000000 
_pdbx_struct_oper_list.matrix[1][2]         0.0000000000 
_pdbx_struct_oper_list.matrix[1][3]         0.0000000000 
_pdbx_struct_oper_list.vector[1]            0.0000000000 
_pdbx_struct_oper_list.matrix[2][1]         0.0000000000 
_pdbx_struct_oper_list.matrix[2][2]         1.0000000000 
_pdbx_struct_oper_list.matrix[2][3]         0.0000000000 
_pdbx_struct_oper_list.vector[2]            0.0000000000 
_pdbx_struct_oper_list.matrix[3][1]         0.0000000000 
_pdbx_struct_oper_list.matrix[3][2]         0.0000000000 
_pdbx_struct_oper_list.matrix[3][3]         1.0000000000 
_pdbx_struct_oper_list.vector[3]            0.0000000000 
# 
loop_
_struct_conf.conf_type_id 
_struct_conf.id 
_struct_conf.pdbx_PDB_helix_id 
_struct_conf.beg_label_comp_id 
_struct_conf.beg_label_asym_id 
_struct_conf.beg_label_seq_id 
_struct_conf.pdbx_beg_PDB_ins_code 
_struct_conf.end_label_comp_id 
_struct_conf.end_label_asym_id 
_struct_conf.end_label_seq_id 
_struct_conf.pdbx_end_PDB_ins_code 
_struct_conf.beg_auth_comp_id 
_struct_conf.beg_auth_asym_id 
_struct_conf.beg_auth_seq_id 
_struct_conf.end_auth_comp_id 
_struct_conf.end_auth_asym_id 
_struct_conf.end_auth_seq_id 
_struct_conf.pdbx_PDB_helix_class 
_struct_conf.details 
_struct_conf.pdbx_PDB_helix_length 
HELX_P HELX_P1 AA1 THR A 37 ? PHE A 49 ? THR A 32 PHE A 44 1 ? 13 
HELX_P HELX_P2 AA2 ARG A 50 ? LEU A 53 ? ARG A 45 LEU A 48 5 ? 4  
HELX_P HELX_P3 AA3 ASP A 75 ? CYS A 85 ? ASP A 70 CYS A 80 1 ? 11 
# 
_struct_conf_type.id          HELX_P 
_struct_conf_type.criteria    ? 
_struct_conf_type.reference   ? 
# 
loop_
_struct_sheet.id 
_struct_sheet.type 
_struct_sheet.number_strands 
_struct_sheet.details 
AA1 ? 2 ? 
AA2 ? 2 ? 
# 
loop_
_struct_sheet_order.sheet_id 
_struct_sheet_order.range_id_1 
_struct_sheet_order.range_id_2 
_struct_sheet_order.offset 
_struct_sheet_order.sense 
AA1 1 2 ? anti-parallel 
AA2 1 2 ? anti-parallel 
# 
loop_
_struct_sheet_range.sheet_id 
_struct_sheet_range.id 
_struct_sheet_range.beg_label_comp_id 
_struct_sheet_range.beg_label_asym_id 
_struct_sheet_range.beg_label_seq_id 
_struct_sheet_range.pdbx_beg_PDB_ins_code 
_struct_sheet_range.end_label_comp_id 
_struct_sheet_range.end_label_asym_id 
_struct_sheet_range.end_label_seq_id 
_struct_sheet_range.pdbx_end_PDB_ins_code 
_struct_sheet_range.beg_auth_comp_id 
_struct_sheet_range.beg_auth_asym_id 
_struct_sheet_range.beg_auth_seq_id 
_struct_sheet_range.end_auth_comp_id 
_struct_sheet_range.end_auth_asym_id 
_struct_sheet_range.end_auth_seq_id 
AA1 1 LEU A 16 ? LEU A 22 ? LEU A 11 LEU A 17 
AA1 2 ASP A 25 ? ILE A 31 ? ASP A 20 ILE A 26 
AA2 1 ILE A 61 ? LYS A 64 ? ILE A 56 LYS A 59 
AA2 2 LEU A 70 ? ILE A 73 ? LEU A 65 ILE A 68 
# 
loop_
_pdbx_struct_sheet_hbond.sheet_id 
_pdbx_struct_sheet_hbond.range_id_1 
_pdbx_struct_sheet_hbond.range_id_2 
_pdbx_struct_sheet_hbond.range_1_label_atom_id 
_pdbx_struct_sheet_hbond.range_1_label_comp_id 
_pdbx_struct_sheet_hbond.range_1_label_asym_id 
_pdbx_struct_sheet_hbond.range_1_label_seq_id 
_pdbx_struct_sheet_hbond.range_1_PDB_ins_code 
_pdbx_struct_sheet_hbond.range_1_auth_atom_id 
_pdbx_struct_sheet_hbond.range_1_auth_comp_id 
_pdbx_struct_sheet_hbond.range_1_auth_asym_id 
_pdbx_struct_sheet_hbond.range_1_auth_seq_id 
_pdbx_struct_sheet_hbond.range_2_label_atom_id 
_pdbx_struct_sheet_hbond.range_2_label_comp_id 
_pdbx_struct_sheet_hbond.range_2_label_asym_id 
_pdbx_struct_sheet_hbond.range_2_label_seq_id 
_pdbx_struct_sheet_hbond.range_2_PDB_ins_code 
_pdbx_struct_sheet_hbond.range_2_auth_atom_id 
_pdbx_struct_sheet_hbond.range_2_auth_comp_id 
_pdbx_struct_sheet_hbond.range_2_auth_asym_id 
_pdbx_struct_sheet_hbond.range_2_auth_seq_id 
AA1 1 2 N ILE A 18 ? N ILE A 13 O ILE A 29 ? O ILE A 24 
AA2 1 2 N ILE A 61 ? N ILE A 56 O ILE A 73 ? O ILE A 68 
# 
_pdbx_entry_details.entry_id                   9E7C 
_pdbx_entry_details.compound_details           ? 
_pdbx_entry_details.source_details             ? 
_pdbx_entry_details.nonpolymer_details         ? 
_pdbx_entry_details.sequence_details           ? 
_pdbx_entry_details.has_ligand_of_interest     ? 
_pdbx_entry_details.has_protein_modification   N 
# 
loop_
_pdbx_unobs_or_zero_occ_residues.id 
_pdbx_unobs_or_zero_occ_residues.PDB_model_num 
_pdbx_unobs_or_zero_occ_residues.polymer_flag 
_pdbx_unobs_or_zero_occ_residues.occupancy_flag 
_pdbx_unobs_or_zero_occ_residues.auth_asym_id 
_pdbx_unobs_or_zero_occ_residues.auth_comp_id 
_pdbx_unobs_or_zero_occ_residues.auth_seq_id 
_pdbx_unobs_or_zero_occ_residues.PDB_ins_code 
_pdbx_unobs_or_zero_occ_residues.label_asym_id 
_pdbx_unobs_or_zero_occ_residues.label_comp_id 
_pdbx_unobs_or_zero_occ_residues.label_seq_id 
1  1 Y 1 A GLY -4 ? A GLY 1  
2  1 Y 1 A PRO -3 ? A PRO 2  
3  1 Y 1 A LEU -2 ? A LEU 3  
4  1 Y 1 A GLY -1 ? A GLY 4  
5  1 Y 1 A SER 0  ? A SER 5  
6  1 Y 1 A MET 1  ? A MET 6  
7  1 Y 1 A ASN 2  ? A ASN 7  
8  1 Y 1 A GLY 3  ? A GLY 8  
9  1 Y 1 A GLN 4  ? A GLN 9  
10 1 Y 1 A LEU 5  ? A LEU 10 
11 1 Y 1 A ASP 6  ? A ASP 11 
12 1 Y 1 A LEU 7  ? A LEU 12 
13 1 Y 1 A SER 8  ? A SER 13 
14 1 Y 1 A GLY 9  ? A GLY 14 
# 
loop_
_chem_comp_atom.comp_id 
_chem_comp_atom.atom_id 
_chem_comp_atom.type_symbol 
_chem_comp_atom.pdbx_aromatic_flag 
_chem_comp_atom.pdbx_stereo_config 
_chem_comp_atom.pdbx_ordinal 
ALA N    N N N 1   
ALA CA   C N S 2   
ALA C    C N N 3   
ALA O    O N N 4   
ALA CB   C N N 5   
ALA OXT  O N N 6   
ALA H    H N N 7   
ALA H2   H N N 8   
ALA HA   H N N 9   
ALA HB1  H N N 10  
ALA HB2  H N N 11  
ALA HB3  H N N 12  
ALA HXT  H N N 13  
ARG N    N N N 14  
ARG CA   C N S 15  
ARG C    C N N 16  
ARG O    O N N 17  
ARG CB   C N N 18  
ARG CG   C N N 19  
ARG CD   C N N 20  
ARG NE   N N N 21  
ARG CZ   C N N 22  
ARG NH1  N N N 23  
ARG NH2  N N N 24  
ARG OXT  O N N 25  
ARG H    H N N 26  
ARG H2   H N N 27  
ARG HA   H N N 28  
ARG HB2  H N N 29  
ARG HB3  H N N 30  
ARG HG2  H N N 31  
ARG HG3  H N N 32  
ARG HD2  H N N 33  
ARG HD3  H N N 34  
ARG HE   H N N 35  
ARG HH11 H N N 36  
ARG HH12 H N N 37  
ARG HH21 H N N 38  
ARG HH22 H N N 39  
ARG HXT  H N N 40  
ASN N    N N N 41  
ASN CA   C N S 42  
ASN C    C N N 43  
ASN O    O N N 44  
ASN CB   C N N 45  
ASN CG   C N N 46  
ASN OD1  O N N 47  
ASN ND2  N N N 48  
ASN OXT  O N N 49  
ASN H    H N N 50  
ASN H2   H N N 51  
ASN HA   H N N 52  
ASN HB2  H N N 53  
ASN HB3  H N N 54  
ASN HD21 H N N 55  
ASN HD22 H N N 56  
ASN HXT  H N N 57  
ASP N    N N N 58  
ASP CA   C N S 59  
ASP C    C N N 60  
ASP O    O N N 61  
ASP CB   C N N 62  
ASP CG   C N N 63  
ASP OD1  O N N 64  
ASP OD2  O N N 65  
ASP OXT  O N N 66  
ASP H    H N N 67  
ASP H2   H N N 68  
ASP HA   H N N 69  
ASP HB2  H N N 70  
ASP HB3  H N N 71  
ASP HD2  H N N 72  
ASP HXT  H N N 73  
CYS N    N N N 74  
CYS CA   C N R 75  
CYS C    C N N 76  
CYS O    O N N 77  
CYS CB   C N N 78  
CYS SG   S N N 79  
CYS OXT  O N N 80  
CYS H    H N N 81  
CYS H2   H N N 82  
CYS HA   H N N 83  
CYS HB2  H N N 84  
CYS HB3  H N N 85  
CYS HG   H N N 86  
CYS HXT  H N N 87  
GLN N    N N N 88  
GLN CA   C N S 89  
GLN C    C N N 90  
GLN O    O N N 91  
GLN CB   C N N 92  
GLN CG   C N N 93  
GLN CD   C N N 94  
GLN OE1  O N N 95  
GLN NE2  N N N 96  
GLN OXT  O N N 97  
GLN H    H N N 98  
GLN H2   H N N 99  
GLN HA   H N N 100 
GLN HB2  H N N 101 
GLN HB3  H N N 102 
GLN HG2  H N N 103 
GLN HG3  H N N 104 
GLN HE21 H N N 105 
GLN HE22 H N N 106 
GLN HXT  H N N 107 
GLU N    N N N 108 
GLU CA   C N S 109 
GLU C    C N N 110 
GLU O    O N N 111 
GLU CB   C N N 112 
GLU CG   C N N 113 
GLU CD   C N N 114 
GLU OE1  O N N 115 
GLU OE2  O N N 116 
GLU OXT  O N N 117 
GLU H    H N N 118 
GLU H2   H N N 119 
GLU HA   H N N 120 
GLU HB2  H N N 121 
GLU HB3  H N N 122 
GLU HG2  H N N 123 
GLU HG3  H N N 124 
GLU HE2  H N N 125 
GLU HXT  H N N 126 
GLY N    N N N 127 
GLY CA   C N N 128 
GLY C    C N N 129 
GLY O    O N N 130 
GLY OXT  O N N 131 
GLY H    H N N 132 
GLY H2   H N N 133 
GLY HA2  H N N 134 
GLY HA3  H N N 135 
GLY HXT  H N N 136 
HIS N    N N N 137 
HIS CA   C N S 138 
HIS C    C N N 139 
HIS O    O N N 140 
HIS CB   C N N 141 
HIS CG   C Y N 142 
HIS ND1  N Y N 143 
HIS CD2  C Y N 144 
HIS CE1  C Y N 145 
HIS NE2  N Y N 146 
HIS OXT  O N N 147 
HIS H    H N N 148 
HIS H2   H N N 149 
HIS HA   H N N 150 
HIS HB2  H N N 151 
HIS HB3  H N N 152 
HIS HD1  H N N 153 
HIS HD2  H N N 154 
HIS HE1  H N N 155 
HIS HE2  H N N 156 
HIS HXT  H N N 157 
HOH O    O N N 158 
HOH H1   H N N 159 
HOH H2   H N N 160 
ILE N    N N N 161 
ILE CA   C N S 162 
ILE C    C N N 163 
ILE O    O N N 164 
ILE CB   C N S 165 
ILE CG1  C N N 166 
ILE CG2  C N N 167 
ILE CD1  C N N 168 
ILE OXT  O N N 169 
ILE H    H N N 170 
ILE H2   H N N 171 
ILE HA   H N N 172 
ILE HB   H N N 173 
ILE HG12 H N N 174 
ILE HG13 H N N 175 
ILE HG21 H N N 176 
ILE HG22 H N N 177 
ILE HG23 H N N 178 
ILE HD11 H N N 179 
ILE HD12 H N N 180 
ILE HD13 H N N 181 
ILE HXT  H N N 182 
LEU N    N N N 183 
LEU CA   C N S 184 
LEU C    C N N 185 
LEU O    O N N 186 
LEU CB   C N N 187 
LEU CG   C N N 188 
LEU CD1  C N N 189 
LEU CD2  C N N 190 
LEU OXT  O N N 191 
LEU H    H N N 192 
LEU H2   H N N 193 
LEU HA   H N N 194 
LEU HB2  H N N 195 
LEU HB3  H N N 196 
LEU HG   H N N 197 
LEU HD11 H N N 198 
LEU HD12 H N N 199 
LEU HD13 H N N 200 
LEU HD21 H N N 201 
LEU HD22 H N N 202 
LEU HD23 H N N 203 
LEU HXT  H N N 204 
LYS N    N N N 205 
LYS CA   C N S 206 
LYS C    C N N 207 
LYS O    O N N 208 
LYS CB   C N N 209 
LYS CG   C N N 210 
LYS CD   C N N 211 
LYS CE   C N N 212 
LYS NZ   N N N 213 
LYS OXT  O N N 214 
LYS H    H N N 215 
LYS H2   H N N 216 
LYS HA   H N N 217 
LYS HB2  H N N 218 
LYS HB3  H N N 219 
LYS HG2  H N N 220 
LYS HG3  H N N 221 
LYS HD2  H N N 222 
LYS HD3  H N N 223 
LYS HE2  H N N 224 
LYS HE3  H N N 225 
LYS HZ1  H N N 226 
LYS HZ2  H N N 227 
LYS HZ3  H N N 228 
LYS HXT  H N N 229 
MET N    N N N 230 
MET CA   C N S 231 
MET C    C N N 232 
MET O    O N N 233 
MET CB   C N N 234 
MET CG   C N N 235 
MET SD   S N N 236 
MET CE   C N N 237 
MET OXT  O N N 238 
MET H    H N N 239 
MET H2   H N N 240 
MET HA   H N N 241 
MET HB2  H N N 242 
MET HB3  H N N 243 
MET HG2  H N N 244 
MET HG3  H N N 245 
MET HE1  H N N 246 
MET HE2  H N N 247 
MET HE3  H N N 248 
MET HXT  H N N 249 
PHE N    N N N 250 
PHE CA   C N S 251 
PHE C    C N N 252 
PHE O    O N N 253 
PHE CB   C N N 254 
PHE CG   C Y N 255 
PHE CD1  C Y N 256 
PHE CD2  C Y N 257 
PHE CE1  C Y N 258 
PHE CE2  C Y N 259 
PHE CZ   C Y N 260 
PHE OXT  O N N 261 
PHE H    H N N 262 
PHE H2   H N N 263 
PHE HA   H N N 264 
PHE HB2  H N N 265 
PHE HB3  H N N 266 
PHE HD1  H N N 267 
PHE HD2  H N N 268 
PHE HE1  H N N 269 
PHE HE2  H N N 270 
PHE HZ   H N N 271 
PHE HXT  H N N 272 
PRO N    N N N 273 
PRO CA   C N S 274 
PRO C    C N N 275 
PRO O    O N N 276 
PRO CB   C N N 277 
PRO CG   C N N 278 
PRO CD   C N N 279 
PRO OXT  O N N 280 
PRO H    H N N 281 
PRO HA   H N N 282 
PRO HB2  H N N 283 
PRO HB3  H N N 284 
PRO HG2  H N N 285 
PRO HG3  H N N 286 
PRO HD2  H N N 287 
PRO HD3  H N N 288 
PRO HXT  H N N 289 
SER N    N N N 290 
SER CA   C N S 291 
SER C    C N N 292 
SER O    O N N 293 
SER CB   C N N 294 
SER OG   O N N 295 
SER OXT  O N N 296 
SER H    H N N 297 
SER H2   H N N 298 
SER HA   H N N 299 
SER HB2  H N N 300 
SER HB3  H N N 301 
SER HG   H N N 302 
SER HXT  H N N 303 
THR N    N N N 304 
THR CA   C N S 305 
THR C    C N N 306 
THR O    O N N 307 
THR CB   C N R 308 
THR OG1  O N N 309 
THR CG2  C N N 310 
THR OXT  O N N 311 
THR H    H N N 312 
THR H2   H N N 313 
THR HA   H N N 314 
THR HB   H N N 315 
THR HG1  H N N 316 
THR HG21 H N N 317 
THR HG22 H N N 318 
THR HG23 H N N 319 
THR HXT  H N N 320 
TYR N    N N N 321 
TYR CA   C N S 322 
TYR C    C N N 323 
TYR O    O N N 324 
TYR CB   C N N 325 
TYR CG   C Y N 326 
TYR CD1  C Y N 327 
TYR CD2  C Y N 328 
TYR CE1  C Y N 329 
TYR CE2  C Y N 330 
TYR CZ   C Y N 331 
TYR OH   O N N 332 
TYR OXT  O N N 333 
TYR H    H N N 334 
TYR H2   H N N 335 
TYR HA   H N N 336 
TYR HB2  H N N 337 
TYR HB3  H N N 338 
TYR HD1  H N N 339 
TYR HD2  H N N 340 
TYR HE1  H N N 341 
TYR HE2  H N N 342 
TYR HH   H N N 343 
TYR HXT  H N N 344 
VAL N    N N N 345 
VAL CA   C N S 346 
VAL C    C N N 347 
VAL O    O N N 348 
VAL CB   C N N 349 
VAL CG1  C N N 350 
VAL CG2  C N N 351 
VAL OXT  O N N 352 
VAL H    H N N 353 
VAL H2   H N N 354 
VAL HA   H N N 355 
VAL HB   H N N 356 
VAL HG11 H N N 357 
VAL HG12 H N N 358 
VAL HG13 H N N 359 
VAL HG21 H N N 360 
VAL HG22 H N N 361 
VAL HG23 H N N 362 
VAL HXT  H N N 363 
# 
loop_
_chem_comp_bond.comp_id 
_chem_comp_bond.atom_id_1 
_chem_comp_bond.atom_id_2 
_chem_comp_bond.value_order 
_chem_comp_bond.pdbx_aromatic_flag 
_chem_comp_bond.pdbx_stereo_config 
_chem_comp_bond.pdbx_ordinal 
ALA N   CA   sing N N 1   
ALA N   H    sing N N 2   
ALA N   H2   sing N N 3   
ALA CA  C    sing N N 4   
ALA CA  CB   sing N N 5   
ALA CA  HA   sing N N 6   
ALA C   O    doub N N 7   
ALA C   OXT  sing N N 8   
ALA CB  HB1  sing N N 9   
ALA CB  HB2  sing N N 10  
ALA CB  HB3  sing N N 11  
ALA OXT HXT  sing N N 12  
ARG N   CA   sing N N 13  
ARG N   H    sing N N 14  
ARG N   H2   sing N N 15  
ARG CA  C    sing N N 16  
ARG CA  CB   sing N N 17  
ARG CA  HA   sing N N 18  
ARG C   O    doub N N 19  
ARG C   OXT  sing N N 20  
ARG CB  CG   sing N N 21  
ARG CB  HB2  sing N N 22  
ARG CB  HB3  sing N N 23  
ARG CG  CD   sing N N 24  
ARG CG  HG2  sing N N 25  
ARG CG  HG3  sing N N 26  
ARG CD  NE   sing N N 27  
ARG CD  HD2  sing N N 28  
ARG CD  HD3  sing N N 29  
ARG NE  CZ   sing N N 30  
ARG NE  HE   sing N N 31  
ARG CZ  NH1  sing N N 32  
ARG CZ  NH2  doub N N 33  
ARG NH1 HH11 sing N N 34  
ARG NH1 HH12 sing N N 35  
ARG NH2 HH21 sing N N 36  
ARG NH2 HH22 sing N N 37  
ARG OXT HXT  sing N N 38  
ASN N   CA   sing N N 39  
ASN N   H    sing N N 40  
ASN N   H2   sing N N 41  
ASN CA  C    sing N N 42  
ASN CA  CB   sing N N 43  
ASN CA  HA   sing N N 44  
ASN C   O    doub N N 45  
ASN C   OXT  sing N N 46  
ASN CB  CG   sing N N 47  
ASN CB  HB2  sing N N 48  
ASN CB  HB3  sing N N 49  
ASN CG  OD1  doub N N 50  
ASN CG  ND2  sing N N 51  
ASN ND2 HD21 sing N N 52  
ASN ND2 HD22 sing N N 53  
ASN OXT HXT  sing N N 54  
ASP N   CA   sing N N 55  
ASP N   H    sing N N 56  
ASP N   H2   sing N N 57  
ASP CA  C    sing N N 58  
ASP CA  CB   sing N N 59  
ASP CA  HA   sing N N 60  
ASP C   O    doub N N 61  
ASP C   OXT  sing N N 62  
ASP CB  CG   sing N N 63  
ASP CB  HB2  sing N N 64  
ASP CB  HB3  sing N N 65  
ASP CG  OD1  doub N N 66  
ASP CG  OD2  sing N N 67  
ASP OD2 HD2  sing N N 68  
ASP OXT HXT  sing N N 69  
CYS N   CA   sing N N 70  
CYS N   H    sing N N 71  
CYS N   H2   sing N N 72  
CYS CA  C    sing N N 73  
CYS CA  CB   sing N N 74  
CYS CA  HA   sing N N 75  
CYS C   O    doub N N 76  
CYS C   OXT  sing N N 77  
CYS CB  SG   sing N N 78  
CYS CB  HB2  sing N N 79  
CYS CB  HB3  sing N N 80  
CYS SG  HG   sing N N 81  
CYS OXT HXT  sing N N 82  
GLN N   CA   sing N N 83  
GLN N   H    sing N N 84  
GLN N   H2   sing N N 85  
GLN CA  C    sing N N 86  
GLN CA  CB   sing N N 87  
GLN CA  HA   sing N N 88  
GLN C   O    doub N N 89  
GLN C   OXT  sing N N 90  
GLN CB  CG   sing N N 91  
GLN CB  HB2  sing N N 92  
GLN CB  HB3  sing N N 93  
GLN CG  CD   sing N N 94  
GLN CG  HG2  sing N N 95  
GLN CG  HG3  sing N N 96  
GLN CD  OE1  doub N N 97  
GLN CD  NE2  sing N N 98  
GLN NE2 HE21 sing N N 99  
GLN NE2 HE22 sing N N 100 
GLN OXT HXT  sing N N 101 
GLU N   CA   sing N N 102 
GLU N   H    sing N N 103 
GLU N   H2   sing N N 104 
GLU CA  C    sing N N 105 
GLU CA  CB   sing N N 106 
GLU CA  HA   sing N N 107 
GLU C   O    doub N N 108 
GLU C   OXT  sing N N 109 
GLU CB  CG   sing N N 110 
GLU CB  HB2  sing N N 111 
GLU CB  HB3  sing N N 112 
GLU CG  CD   sing N N 113 
GLU CG  HG2  sing N N 114 
GLU CG  HG3  sing N N 115 
GLU CD  OE1  doub N N 116 
GLU CD  OE2  sing N N 117 
GLU OE2 HE2  sing N N 118 
GLU OXT HXT  sing N N 119 
GLY N   CA   sing N N 120 
GLY N   H    sing N N 121 
GLY N   H2   sing N N 122 
GLY CA  C    sing N N 123 
GLY CA  HA2  sing N N 124 
GLY CA  HA3  sing N N 125 
GLY C   O    doub N N 126 
GLY C   OXT  sing N N 127 
GLY OXT HXT  sing N N 128 
HIS N   CA   sing N N 129 
HIS N   H    sing N N 130 
HIS N   H2   sing N N 131 
HIS CA  C    sing N N 132 
HIS CA  CB   sing N N 133 
HIS CA  HA   sing N N 134 
HIS C   O    doub N N 135 
HIS C   OXT  sing N N 136 
HIS CB  CG   sing N N 137 
HIS CB  HB2  sing N N 138 
HIS CB  HB3  sing N N 139 
HIS CG  ND1  sing Y N 140 
HIS CG  CD2  doub Y N 141 
HIS ND1 CE1  doub Y N 142 
HIS ND1 HD1  sing N N 143 
HIS CD2 NE2  sing Y N 144 
HIS CD2 HD2  sing N N 145 
HIS CE1 NE2  sing Y N 146 
HIS CE1 HE1  sing N N 147 
HIS NE2 HE2  sing N N 148 
HIS OXT HXT  sing N N 149 
HOH O   H1   sing N N 150 
HOH O   H2   sing N N 151 
ILE N   CA   sing N N 152 
ILE N   H    sing N N 153 
ILE N   H2   sing N N 154 
ILE CA  C    sing N N 155 
ILE CA  CB   sing N N 156 
ILE CA  HA   sing N N 157 
ILE C   O    doub N N 158 
ILE C   OXT  sing N N 159 
ILE CB  CG1  sing N N 160 
ILE CB  CG2  sing N N 161 
ILE CB  HB   sing N N 162 
ILE CG1 CD1  sing N N 163 
ILE CG1 HG12 sing N N 164 
ILE CG1 HG13 sing N N 165 
ILE CG2 HG21 sing N N 166 
ILE CG2 HG22 sing N N 167 
ILE CG2 HG23 sing N N 168 
ILE CD1 HD11 sing N N 169 
ILE CD1 HD12 sing N N 170 
ILE CD1 HD13 sing N N 171 
ILE OXT HXT  sing N N 172 
LEU N   CA   sing N N 173 
LEU N   H    sing N N 174 
LEU N   H2   sing N N 175 
LEU CA  C    sing N N 176 
LEU CA  CB   sing N N 177 
LEU CA  HA   sing N N 178 
LEU C   O    doub N N 179 
LEU C   OXT  sing N N 180 
LEU CB  CG   sing N N 181 
LEU CB  HB2  sing N N 182 
LEU CB  HB3  sing N N 183 
LEU CG  CD1  sing N N 184 
LEU CG  CD2  sing N N 185 
LEU CG  HG   sing N N 186 
LEU CD1 HD11 sing N N 187 
LEU CD1 HD12 sing N N 188 
LEU CD1 HD13 sing N N 189 
LEU CD2 HD21 sing N N 190 
LEU CD2 HD22 sing N N 191 
LEU CD2 HD23 sing N N 192 
LEU OXT HXT  sing N N 193 
LYS N   CA   sing N N 194 
LYS N   H    sing N N 195 
LYS N   H2   sing N N 196 
LYS CA  C    sing N N 197 
LYS CA  CB   sing N N 198 
LYS CA  HA   sing N N 199 
LYS C   O    doub N N 200 
LYS C   OXT  sing N N 201 
LYS CB  CG   sing N N 202 
LYS CB  HB2  sing N N 203 
LYS CB  HB3  sing N N 204 
LYS CG  CD   sing N N 205 
LYS CG  HG2  sing N N 206 
LYS CG  HG3  sing N N 207 
LYS CD  CE   sing N N 208 
LYS CD  HD2  sing N N 209 
LYS CD  HD3  sing N N 210 
LYS CE  NZ   sing N N 211 
LYS CE  HE2  sing N N 212 
LYS CE  HE3  sing N N 213 
LYS NZ  HZ1  sing N N 214 
LYS NZ  HZ2  sing N N 215 
LYS NZ  HZ3  sing N N 216 
LYS OXT HXT  sing N N 217 
MET N   CA   sing N N 218 
MET N   H    sing N N 219 
MET N   H2   sing N N 220 
MET CA  C    sing N N 221 
MET CA  CB   sing N N 222 
MET CA  HA   sing N N 223 
MET C   O    doub N N 224 
MET C   OXT  sing N N 225 
MET CB  CG   sing N N 226 
MET CB  HB2  sing N N 227 
MET CB  HB3  sing N N 228 
MET CG  SD   sing N N 229 
MET CG  HG2  sing N N 230 
MET CG  HG3  sing N N 231 
MET SD  CE   sing N N 232 
MET CE  HE1  sing N N 233 
MET CE  HE2  sing N N 234 
MET CE  HE3  sing N N 235 
MET OXT HXT  sing N N 236 
PHE N   CA   sing N N 237 
PHE N   H    sing N N 238 
PHE N   H2   sing N N 239 
PHE CA  C    sing N N 240 
PHE CA  CB   sing N N 241 
PHE CA  HA   sing N N 242 
PHE C   O    doub N N 243 
PHE C   OXT  sing N N 244 
PHE CB  CG   sing N N 245 
PHE CB  HB2  sing N N 246 
PHE CB  HB3  sing N N 247 
PHE CG  CD1  doub Y N 248 
PHE CG  CD2  sing Y N 249 
PHE CD1 CE1  sing Y N 250 
PHE CD1 HD1  sing N N 251 
PHE CD2 CE2  doub Y N 252 
PHE CD2 HD2  sing N N 253 
PHE CE1 CZ   doub Y N 254 
PHE CE1 HE1  sing N N 255 
PHE CE2 CZ   sing Y N 256 
PHE CE2 HE2  sing N N 257 
PHE CZ  HZ   sing N N 258 
PHE OXT HXT  sing N N 259 
PRO N   CA   sing N N 260 
PRO N   CD   sing N N 261 
PRO N   H    sing N N 262 
PRO CA  C    sing N N 263 
PRO CA  CB   sing N N 264 
PRO CA  HA   sing N N 265 
PRO C   O    doub N N 266 
PRO C   OXT  sing N N 267 
PRO CB  CG   sing N N 268 
PRO CB  HB2  sing N N 269 
PRO CB  HB3  sing N N 270 
PRO CG  CD   sing N N 271 
PRO CG  HG2  sing N N 272 
PRO CG  HG3  sing N N 273 
PRO CD  HD2  sing N N 274 
PRO CD  HD3  sing N N 275 
PRO OXT HXT  sing N N 276 
SER N   CA   sing N N 277 
SER N   H    sing N N 278 
SER N   H2   sing N N 279 
SER CA  C    sing N N 280 
SER CA  CB   sing N N 281 
SER CA  HA   sing N N 282 
SER C   O    doub N N 283 
SER C   OXT  sing N N 284 
SER CB  OG   sing N N 285 
SER CB  HB2  sing N N 286 
SER CB  HB3  sing N N 287 
SER OG  HG   sing N N 288 
SER OXT HXT  sing N N 289 
THR N   CA   sing N N 290 
THR N   H    sing N N 291 
THR N   H2   sing N N 292 
THR CA  C    sing N N 293 
THR CA  CB   sing N N 294 
THR CA  HA   sing N N 295 
THR C   O    doub N N 296 
THR C   OXT  sing N N 297 
THR CB  OG1  sing N N 298 
THR CB  CG2  sing N N 299 
THR CB  HB   sing N N 300 
THR OG1 HG1  sing N N 301 
THR CG2 HG21 sing N N 302 
THR CG2 HG22 sing N N 303 
THR CG2 HG23 sing N N 304 
THR OXT HXT  sing N N 305 
TYR N   CA   sing N N 306 
TYR N   H    sing N N 307 
TYR N   H2   sing N N 308 
TYR CA  C    sing N N 309 
TYR CA  CB   sing N N 310 
TYR CA  HA   sing N N 311 
TYR C   O    doub N N 312 
TYR C   OXT  sing N N 313 
TYR CB  CG   sing N N 314 
TYR CB  HB2  sing N N 315 
TYR CB  HB3  sing N N 316 
TYR CG  CD1  doub Y N 317 
TYR CG  CD2  sing Y N 318 
TYR CD1 CE1  sing Y N 319 
TYR CD1 HD1  sing N N 320 
TYR CD2 CE2  doub Y N 321 
TYR CD2 HD2  sing N N 322 
TYR CE1 CZ   doub Y N 323 
TYR CE1 HE1  sing N N 324 
TYR CE2 CZ   sing Y N 325 
TYR CE2 HE2  sing N N 326 
TYR CZ  OH   sing N N 327 
TYR OH  HH   sing N N 328 
TYR OXT HXT  sing N N 329 
VAL N   CA   sing N N 330 
VAL N   H    sing N N 331 
VAL N   H2   sing N N 332 
VAL CA  C    sing N N 333 
VAL CA  CB   sing N N 334 
VAL CA  HA   sing N N 335 
VAL C   O    doub N N 336 
VAL C   OXT  sing N N 337 
VAL CB  CG1  sing N N 338 
VAL CB  CG2  sing N N 339 
VAL CB  HB   sing N N 340 
VAL CG1 HG11 sing N N 341 
VAL CG1 HG12 sing N N 342 
VAL CG1 HG13 sing N N 343 
VAL CG2 HG21 sing N N 344 
VAL CG2 HG22 sing N N 345 
VAL CG2 HG23 sing N N 346 
VAL OXT HXT  sing N N 347 
# 
loop_
_pdbx_audit_support.funding_organization 
_pdbx_audit_support.country 
_pdbx_audit_support.grant_number 
_pdbx_audit_support.ordinal 
'National Institutes of Health/National Institute of General Medical Sciences (NIH/NIGMS)'          'United States' GM134865 1 
'National Institutes of Health/National Institute of Neurological Disorders and Stroke (NIH/NINDS)' 'United States' NS124165 2 
# 
_pdbx_initial_refinement_model.id               1 
_pdbx_initial_refinement_model.entity_id_list   ? 
_pdbx_initial_refinement_model.type             'experimental model' 
_pdbx_initial_refinement_model.source_name      PDB 
_pdbx_initial_refinement_model.accession_code   1WMH 
_pdbx_initial_refinement_model.details          ? 
# 
_atom_sites.entry_id                    9E7C 
_atom_sites.Cartn_transf_matrix[1][1]   ? 
_atom_sites.Cartn_transf_matrix[1][2]   ? 
_atom_sites.Cartn_transf_matrix[1][3]   ? 
_atom_sites.Cartn_transf_matrix[2][1]   ? 
_atom_sites.Cartn_transf_matrix[2][2]   ? 
_atom_sites.Cartn_transf_matrix[2][3]   ? 
_atom_sites.Cartn_transf_matrix[3][1]   ? 
_atom_sites.Cartn_transf_matrix[3][2]   ? 
_atom_sites.Cartn_transf_matrix[3][3]   ? 
_atom_sites.Cartn_transf_vector[1]      ? 
_atom_sites.Cartn_transf_vector[2]      ? 
_atom_sites.Cartn_transf_vector[3]      ? 
_atom_sites.Cartn_transform_axes        ? 
_atom_sites.fract_transf_matrix[1][1]   0.00235064 
_atom_sites.fract_transf_matrix[1][2]   -0.00353617 
_atom_sites.fract_transf_matrix[1][3]   0.00868166 
_atom_sites.fract_transf_matrix[2][1]   0.02777151 
_atom_sites.fract_transf_matrix[2][2]   -0.00783937 
_atom_sites.fract_transf_matrix[2][3]   -0.01071250 
_atom_sites.fract_transf_matrix[3][1]   0.01437334 
_atom_sites.fract_transf_matrix[3][2]   0.02730221 
_atom_sites.fract_transf_matrix[3][3]   0.01728235 
_atom_sites.fract_transf_vector[1]      -0.077701 
_atom_sites.fract_transf_vector[2]      0.392142 
_atom_sites.fract_transf_vector[3]      0.064203 
_atom_sites.solution_primary            ? 
_atom_sites.solution_secondary          ? 
_atom_sites.solution_hydrogens          ? 
_atom_sites.special_details             ? 
# 
loop_
_atom_type.symbol 
C 
N 
O 
S 
# 
loop_
_atom_site.group_PDB 
_atom_site.id 
_atom_site.type_symbol 
_atom_site.label_atom_id 
_atom_site.label_alt_id 
_atom_site.label_comp_id 
_atom_site.label_asym_id 
_atom_site.label_entity_id 
_atom_site.label_seq_id 
_atom_site.pdbx_PDB_ins_code 
_atom_site.Cartn_x 
_atom_site.Cartn_y 
_atom_site.Cartn_z 
_atom_site.occupancy 
_atom_site.B_iso_or_equiv 
_atom_site.pdbx_formal_charge 
_atom_site.auth_seq_id 
_atom_site.auth_comp_id 
_atom_site.auth_asym_id 
_atom_site.auth_atom_id 
_atom_site.pdbx_PDB_model_num 
ATOM   1   N N   . LYS A 1 15  ? 6.226   -11.603 -4.327  1.00 58.87  ? 10  LYS A N   1 
ATOM   2   C CA  . LYS A 1 15  ? 7.155   -10.848 -3.434  1.00 57.54  ? 10  LYS A CA  1 
ATOM   3   C C   . LYS A 1 15  ? 6.413   -9.782  -2.611  1.00 48.43  ? 10  LYS A C   1 
ATOM   4   O O   . LYS A 1 15  ? 6.116   -10.014 -1.444  1.00 52.07  ? 10  LYS A O   1 
ATOM   5   C CB  . LYS A 1 15  ? 8.301   -10.223 -4.245  1.00 63.42  ? 10  LYS A CB  1 
ATOM   6   C CG  . LYS A 1 15  ? 9.462   -9.732  -3.396  1.00 67.78  ? 10  LYS A CG  1 
ATOM   7   C CD  . LYS A 1 15  ? 10.010  -10.879 -2.555  1.00 72.17  ? 10  LYS A CD  1 
ATOM   8   C CE  . LYS A 1 15  ? 11.502  -10.758 -2.299  1.00 75.33  ? 10  LYS A CE  1 
ATOM   9   N NZ  . LYS A 1 15  ? 12.077  -12.078 -1.918  1.00 77.65  ? 10  LYS A NZ  1 
ATOM   10  N N   . LEU A 1 16  ? 6.114   -8.634  -3.210  1.00 38.20  ? 11  LEU A N   1 
ATOM   11  C CA  . LEU A 1 16  ? 5.340   -7.597  -2.554  1.00 31.67  ? 11  LEU A CA  1 
ATOM   12  C C   . LEU A 1 16  ? 4.040   -7.341  -3.346  1.00 27.20  ? 11  LEU A C   1 
ATOM   13  O O   . LEU A 1 16  ? 4.057   -7.212  -4.563  1.00 25.50  ? 11  LEU A O   1 
ATOM   14  C CB  . LEU A 1 16  ? 6.179   -6.320  -2.449  1.00 33.12  ? 11  LEU A CB  1 
ATOM   15  C CG  . LEU A 1 16  ? 5.421   -5.031  -2.119  1.00 32.87  ? 11  LEU A CG  1 
ATOM   16  C CD1 . LEU A 1 16  ? 4.928   -5.031  -0.677  1.00 33.02  ? 11  LEU A CD1 1 
ATOM   17  C CD2 . LEU A 1 16  ? 6.278   -3.808  -2.409  1.00 33.65  ? 11  LEU A CD2 1 
ATOM   18  N N   . ILE A 1 17  ? 2.920   -7.258  -2.644  1.00 24.41  ? 12  ILE A N   1 
ATOM   19  C CA  . ILE A 1 17  ? 1.677   -6.899  -3.290  1.00 24.27  ? 12  ILE A CA  1 
ATOM   20  C C   . ILE A 1 17  ? 1.297   -5.497  -2.868  1.00 23.25  ? 12  ILE A C   1 
ATOM   21  O O   . ILE A 1 17  ? 1.231   -5.205  -1.695  1.00 22.77  ? 12  ILE A O   1 
ATOM   22  C CB  . ILE A 1 17  ? 0.537   -7.861  -2.918  1.00 26.22  ? 12  ILE A CB  1 
ATOM   23  C CG1 . ILE A 1 17  ? 0.811   -9.258  -3.475  1.00 26.31  ? 12  ILE A CG1 1 
ATOM   24  C CG2 . ILE A 1 17  ? -0.815  -7.338  -3.408  1.00 28.13  ? 12  ILE A CG2 1 
ATOM   25  C CD1 . ILE A 1 17  ? 0.952   -9.318  -4.970  1.00 27.38  ? 12  ILE A CD1 1 
ATOM   26  N N   . ILE A 1 18  ? 1.032   -4.633  -3.836  1.00 23.80  ? 13  ILE A N   1 
ATOM   27  C CA  . ILE A 1 18  ? 0.430   -3.336  -3.534  1.00 23.89  ? 13  ILE A CA  1 
ATOM   28  C C   . ILE A 1 18  ? -1.044  -3.408  -3.851  1.00 22.49  ? 13  ILE A C   1 
ATOM   29  O O   . ILE A 1 18  ? -1.415  -3.716  -4.975  1.00 23.02  ? 13  ILE A O   1 
ATOM   30  C CB  . ILE A 1 18  ? 1.051   -2.217  -4.363  1.00 25.26  ? 13  ILE A CB  1 
ATOM   31  C CG1 . ILE A 1 18  ? 2.449   -1.905  -3.833  1.00 27.74  ? 13  ILE A CG1 1 
ATOM   32  C CG2 . ILE A 1 18  ? 0.178   -0.982  -4.299  1.00 26.59  ? 13  ILE A CG2 1 
ATOM   33  C CD1 . ILE A 1 18  ? 3.237   -0.948  -4.698  1.00 31.57  ? 13  ILE A CD1 1 
ATOM   34  N N   . LYS A 1 19  ? -1.873  -3.156  -2.851  1.00 20.92  ? 14  LYS A N   1 
ATOM   35  C CA  . LYS A 1 19  ? -3.308  -3.137  -3.005  1.00 22.33  ? 14  LYS A CA  1 
ATOM   36  C C   . LYS A 1 19  ? -3.756  -1.677  -2.922  1.00 21.10  ? 14  LYS A C   1 
ATOM   37  O O   . LYS A 1 19  ? -3.721  -1.065  -1.849  1.00 20.59  ? 14  LYS A O   1 
ATOM   38  C CB  . LYS A 1 19  ? -3.929  -3.945  -1.886  1.00 26.65  ? 14  LYS A CB  1 
ATOM   39  C CG  . LYS A 1 19  ? -5.409  -4.199  -2.040  1.00 30.57  ? 14  LYS A CG  1 
ATOM   40  C CD  . LYS A 1 19  ? -5.783  -5.416  -1.202  1.00 34.55  ? 14  LYS A CD  1 
ATOM   41  C CE  . LYS A 1 19  ? -7.222  -5.407  -0.756  1.00 37.29  ? 14  LYS A CE  1 
ATOM   42  N NZ  . LYS A 1 19  ? -7.578  -6.725  -0.155  1.00 41.93  ? 14  LYS A NZ  1 
ATOM   43  N N   . ALA A 1 20  ? -4.161  -1.116  -4.051  1.00 20.43  ? 15  ALA A N   1 
ATOM   44  C CA  . ALA A 1 20  ? -4.465  0.331   -4.131  1.00 19.41  ? 15  ALA A CA  1 
ATOM   45  C C   . ALA A 1 20  ? -5.952  0.570   -4.345  1.00 20.19  ? 15  ALA A C   1 
ATOM   46  O O   . ALA A 1 20  ? -6.569  -0.099  -5.171  1.00 21.74  ? 15  ALA A O   1 
ATOM   47  C CB  . ALA A 1 20  ? -3.683  0.971   -5.256  1.00 18.40  ? 15  ALA A CB  1 
ATOM   48  N N   . GLN A 1 21  ? -6.493  1.536   -3.612  1.00 22.10  ? 16  GLN A N   1 
ATOM   49  C CA  . GLN A 1 21  ? -7.887  1.883   -3.670  1.00 24.47  ? 16  GLN A CA  1 
ATOM   50  C C   . GLN A 1 21  ? -8.070  3.334   -4.058  1.00 22.96  ? 16  GLN A C   1 
ATOM   51  O O   . GLN A 1 21  ? -7.493  4.215   -3.424  1.00 21.76  ? 16  GLN A O   1 
ATOM   52  C CB  . GLN A 1 21  ? -8.514  1.688   -2.301  1.00 29.03  ? 16  GLN A CB  1 
ATOM   53  C CG  . GLN A 1 21  ? -10.000 1.932   -2.334  1.00 31.89  ? 16  GLN A CG  1 
ATOM   54  C CD  . GLN A 1 21  ? -10.651 1.714   -0.987  1.00 37.99  ? 16  GLN A CD  1 
ATOM   55  O OE1 . GLN A 1 21  ? -9.998  1.312   -0.002  1.00 40.96  ? 16  GLN A OE1 1 
ATOM   56  N NE2 . GLN A 1 21  ? -11.949 1.995   -0.926  1.00 37.42  ? 16  GLN A NE2 1 
ATOM   57  N N   . LEU A 1 22  ? -8.856  3.557   -5.112  1.00 22.80  ? 17  LEU A N   1 
ATOM   58  C CA  . LEU A 1 22  ? -9.313  4.886   -5.505  1.00 24.81  ? 17  LEU A CA  1 
ATOM   59  C C   . LEU A 1 22  ? -10.853 4.863   -5.538  1.00 25.74  ? 17  LEU A C   1 
ATOM   60  O O   . LEU A 1 22  ? -11.458 4.184   -6.387  1.00 26.65  ? 17  LEU A O   1 
ATOM   61  C CB  . LEU A 1 22  ? -8.737  5.305   -6.864  1.00 25.00  ? 17  LEU A CB  1 
ATOM   62  C CG  . LEU A 1 22  ? -9.167  6.692   -7.392  1.00 26.31  ? 17  LEU A CG  1 
ATOM   63  C CD1 . LEU A 1 22  ? -8.746  7.797   -6.459  1.00 26.73  ? 17  LEU A CD1 1 
ATOM   64  C CD2 . LEU A 1 22  ? -8.631  6.961   -8.778  1.00 27.92  ? 17  LEU A CD2 1 
ATOM   65  N N   . GLY A 1 23  ? -11.473 5.562   -4.586  1.00 29.03  ? 18  GLY A N   1 
ATOM   66  C CA  . GLY A 1 23  ? -12.915 5.422   -4.335  1.00 31.60  ? 18  GLY A CA  1 
ATOM   67  C C   . GLY A 1 23  ? -13.265 3.966   -4.076  1.00 33.36  ? 18  GLY A C   1 
ATOM   68  O O   . GLY A 1 23  ? -12.693 3.343   -3.192  1.00 33.11  ? 18  GLY A O   1 
ATOM   69  N N   . GLU A 1 24  ? -14.173 3.399   -4.864  1.00 35.89  ? 19  GLU A N   1 
ATOM   70  C CA  . GLU A 1 24  ? -14.552 1.991   -4.670  1.00 38.49  ? 19  GLU A CA  1 
ATOM   71  C C   . GLU A 1 24  ? -13.684 1.010   -5.455  1.00 37.10  ? 19  GLU A C   1 
ATOM   72  O O   . GLU A 1 24  ? -13.747 -0.188  -5.210  1.00 40.62  ? 19  GLU A O   1 
ATOM   73  C CB  . GLU A 1 24  ? -16.044 1.719   -4.952  1.00 43.41  ? 19  GLU A CB  1 
ATOM   74  C CG  . GLU A 1 24  ? -16.812 2.753   -5.765  1.00 48.77  ? 19  GLU A CG  1 
ATOM   75  C CD  . GLU A 1 24  ? -18.323 2.508   -5.777  1.00 53.34  ? 19  GLU A CD  1 
ATOM   76  O OE1 . GLU A 1 24  ? -18.797 1.611   -5.047  1.00 55.97  ? 19  GLU A OE1 1 
ATOM   77  O OE2 . GLU A 1 24  ? -19.048 3.226   -6.507  1.00 60.47  ? 19  GLU A OE2 1 
ATOM   78  N N   . ASP A 1 25  ? -12.870 1.511   -6.377  1.00 35.13  ? 20  ASP A N   1 
ATOM   79  C CA  . ASP A 1 25  ? -12.085 0.656   -7.259  1.00 35.11  ? 20  ASP A CA  1 
ATOM   80  C C   . ASP A 1 25  ? -10.796 0.248   -6.569  1.00 33.55  ? 20  ASP A C   1 
ATOM   81  O O   . ASP A 1 25  ? -10.062 1.090   -6.051  1.00 29.12  ? 20  ASP A O   1 
ATOM   82  C CB  . ASP A 1 25  ? -11.779 1.386   -8.560  1.00 37.71  ? 20  ASP A CB  1 
ATOM   83  C CG  . ASP A 1 25  ? -13.042 1.797   -9.299  1.00 42.83  ? 20  ASP A CG  1 
ATOM   84  O OD1 . ASP A 1 25  ? -13.824 0.899   -9.691  1.00 44.51  ? 20  ASP A OD1 1 
ATOM   85  O OD2 . ASP A 1 25  ? -13.261 3.018   -9.477  1.00 46.19  ? 20  ASP A OD2 1 
ATOM   86  N N   . ILE A 1 26  ? -10.531 -1.051  -6.551  1.00 35.62  ? 21  ILE A N   1 
ATOM   87  C CA  . ILE A 1 26  ? -9.330  -1.571  -5.909  1.00 37.14  ? 21  ILE A CA  1 
ATOM   88  C C   . ILE A 1 26  ? -8.515  -2.308  -6.968  1.00 37.68  ? 21  ILE A C   1 
ATOM   89  O O   . ILE A 1 26  ? -9.065  -3.076  -7.750  1.00 43.88  ? 21  ILE A O   1 
ATOM   90  C CB  . ILE A 1 26  ? -9.698  -2.481  -4.721  1.00 39.42  ? 21  ILE A CB  1 
ATOM   91  C CG1 . ILE A 1 26  ? -10.613 -1.726  -3.755  1.00 41.63  ? 21  ILE A CG1 1 
ATOM   92  C CG2 . ILE A 1 26  ? -8.456  -2.959  -3.981  1.00 38.63  ? 21  ILE A CG2 1 
ATOM   93  C CD1 . ILE A 1 26  ? -11.181 -2.583  -2.643  1.00 42.23  ? 21  ILE A CD1 1 
ATOM   94  N N   . ARG A 1 27  ? -7.216  -2.038  -7.028  1.00 33.42  ? 22  ARG A N   1 
ATOM   95  C CA  . ARG A 1 27  ? -6.327  -2.718  -7.951  1.00 29.52  ? 22  ARG A CA  1 
ATOM   96  C C   . ARG A 1 27  ? -5.253  -3.384  -7.119  1.00 30.52  ? 22  ARG A C   1 
ATOM   97  O O   . ARG A 1 27  ? -4.790  -2.838  -6.121  1.00 28.00  ? 22  ARG A O   1 
ATOM   98  C CB  . ARG A 1 27  ? -5.672  -1.744  -8.907  1.00 31.78  ? 22  ARG A CB  1 
ATOM   99  C CG  . ARG A 1 27  ? -6.656  -0.919  -9.720  1.00 33.37  ? 22  ARG A CG  1 
ATOM   100 C CD  . ARG A 1 27  ? -7.306  -1.717  -10.839 1.00 36.18  ? 22  ARG A CD  1 
ATOM   101 N NE  . ARG A 1 27  ? -8.297  -0.916  -11.558 1.00 36.24  ? 22  ARG A NE  1 
ATOM   102 C CZ  . ARG A 1 27  ? -9.614  -0.962  -11.354 1.00 39.18  ? 22  ARG A CZ  1 
ATOM   103 N NH1 . ARG A 1 27  ? -10.147 -1.793  -10.459 1.00 38.16  ? 22  ARG A NH1 1 
ATOM   104 N NH2 . ARG A 1 27  ? -10.415 -0.173  -12.070 1.00 42.15  ? 22  ARG A NH2 1 
ATOM   105 N N   . ARG A 1 28  ? -4.861  -4.570  -7.535  1.00 28.36  ? 23  ARG A N   1 
ATOM   106 C CA  . ARG A 1 28  ? -3.915  -5.369  -6.803  1.00 28.94  ? 23  ARG A CA  1 
ATOM   107 C C   . ARG A 1 28  ? -2.726  -5.548  -7.727  1.00 28.44  ? 23  ARG A C   1 
ATOM   108 O O   . ARG A 1 28  ? -2.861  -6.159  -8.782  1.00 31.66  ? 23  ARG A O   1 
ATOM   109 C CB  . ARG A 1 28  ? -4.592  -6.687  -6.452  1.00 30.73  ? 23  ARG A CB  1 
ATOM   110 C CG  . ARG A 1 28  ? -3.874  -7.544  -5.429  1.00 33.75  ? 23  ARG A CG  1 
ATOM   111 C CD  . ARG A 1 28  ? -4.818  -8.622  -4.909  1.00 34.56  ? 23  ARG A CD  1 
ATOM   112 N NE  . ARG A 1 28  ? -4.233  -9.439  -3.847  1.00 36.54  ? 23  ARG A NE  1 
ATOM   113 C CZ  . ARG A 1 28  ? -3.258  -10.330 -4.026  1.00 35.94  ? 23  ARG A CZ  1 
ATOM   114 N NH1 . ARG A 1 28  ? -2.811  -11.030 -2.986  1.00 36.90  ? 23  ARG A NH1 1 
ATOM   115 N NH2 . ARG A 1 28  ? -2.735  -10.538 -5.230  1.00 36.35  ? 23  ARG A NH2 1 
ATOM   116 N N   . ILE A 1 29  ? -1.587  -4.954  -7.372  1.00 27.10  ? 24  ILE A N   1 
ATOM   117 C CA  . ILE A 1 29  ? -0.415  -4.913  -8.227  1.00 29.78  ? 24  ILE A CA  1 
ATOM   118 C C   . ILE A 1 29  ? 0.729   -5.653  -7.546  1.00 28.89  ? 24  ILE A C   1 
ATOM   119 O O   . ILE A 1 29  ? 1.098   -5.314  -6.434  1.00 27.10  ? 24  ILE A O   1 
ATOM   120 C CB  . ILE A 1 29  ? 0.080   -3.459  -8.524  1.00 33.75  ? 24  ILE A CB  1 
ATOM   121 C CG1 . ILE A 1 29  ? -1.060  -2.508  -8.885  1.00 37.19  ? 24  ILE A CG1 1 
ATOM   122 C CG2 . ILE A 1 29  ? 1.049   -3.470  -9.684  1.00 37.35  ? 24  ILE A CG2 1 
ATOM   123 C CD1 . ILE A 1 29  ? -1.798  -1.918  -7.703  1.00 38.57  ? 24  ILE A CD1 1 
ATOM   124 N N   . PRO A 1 30  ? 1.307   -6.641  -8.223  1.00 30.94  ? 25  PRO A N   1 
ATOM   125 C CA  . PRO A 1 30  ? 2.512   -7.287  -7.720  1.00 33.10  ? 25  PRO A CA  1 
ATOM   126 C C   . PRO A 1 30  ? 3.776   -6.545  -8.116  1.00 35.68  ? 25  PRO A C   1 
ATOM   127 O O   . PRO A 1 30  ? 3.962   -6.226  -9.289  1.00 39.94  ? 25  PRO A O   1 
ATOM   128 C CB  . PRO A 1 30  ? 2.475   -8.657  -8.388  1.00 33.47  ? 25  PRO A CB  1 
ATOM   129 C CG  . PRO A 1 30  ? 1.740   -8.433  -9.662  1.00 34.27  ? 25  PRO A CG  1 
ATOM   130 C CD  . PRO A 1 30  ? 0.717   -7.376  -9.357  1.00 32.28  ? 25  PRO A CD  1 
ATOM   131 N N   . ILE A 1 31  ? 4.631   -6.284  -7.130  1.00 39.27  ? 26  ILE A N   1 
ATOM   132 C CA  . ILE A 1 31  ? 5.850   -5.509  -7.307  1.00 41.97  ? 26  ILE A CA  1 
ATOM   133 C C   . ILE A 1 31  ? 7.038   -6.430  -7.051  1.00 46.23  ? 26  ILE A C   1 
ATOM   134 O O   . ILE A 1 31  ? 7.079   -7.174  -6.067  1.00 41.54  ? 26  ILE A O   1 
ATOM   135 C CB  . ILE A 1 31  ? 5.898   -4.293  -6.356  1.00 43.26  ? 26  ILE A CB  1 
ATOM   136 C CG1 . ILE A 1 31  ? 5.042   -3.143  -6.897  1.00 46.09  ? 26  ILE A CG1 1 
ATOM   137 C CG2 . ILE A 1 31  ? 7.318   -3.765  -6.202  1.00 45.75  ? 26  ILE A CG2 1 
ATOM   138 C CD1 . ILE A 1 31  ? 3.560   -3.402  -6.900  1.00 47.34  ? 26  ILE A CD1 1 
ATOM   139 N N   . HIS A 1 32  ? 8.004   -6.364  -7.954  1.00 53.43  ? 27  HIS A N   1 
ATOM   140 C CA  . HIS A 1 32  ? 9.159   -7.234  -7.898  1.00 62.66  ? 27  HIS A CA  1 
ATOM   141 C C   . HIS A 1 32  ? 10.406  -6.460  -7.466  1.00 67.70  ? 27  HIS A C   1 
ATOM   142 O O   . HIS A 1 32  ? 11.100  -6.873  -6.537  1.00 73.16  ? 27  HIS A O   1 
ATOM   143 C CB  . HIS A 1 32  ? 9.284   -7.931  -9.249  1.00 65.59  ? 27  HIS A CB  1 
ATOM   144 C CG  . HIS A 1 32  ? 7.993   -8.549  -9.698  1.00 68.27  ? 27  HIS A CG  1 
ATOM   145 N ND1 . HIS A 1 32  ? 7.563   -9.783  -9.255  1.00 68.38  ? 27  HIS A ND1 1 
ATOM   146 C CD2 . HIS A 1 32  ? 7.006   -8.072  -10.497 1.00 68.27  ? 27  HIS A CD2 1 
ATOM   147 C CE1 . HIS A 1 32  ? 6.384   -10.053 -9.787  1.00 69.04  ? 27  HIS A CE1 1 
ATOM   148 N NE2 . HIS A 1 32  ? 6.022   -9.029  -10.541 1.00 68.23  ? 27  HIS A NE2 1 
ATOM   149 N N   . ASN A 1 33  ? 10.670  -5.324  -8.106  1.00 75.06  ? 28  ASN A N   1 
ATOM   150 C CA  . ASN A 1 33  ? 11.750  -4.443  -7.664  1.00 75.94  ? 28  ASN A CA  1 
ATOM   151 C C   . ASN A 1 33  ? 11.291  -3.671  -6.424  1.00 72.98  ? 28  ASN A C   1 
ATOM   152 O O   . ASN A 1 33  ? 10.358  -2.871  -6.479  1.00 70.21  ? 28  ASN A O   1 
ATOM   153 C CB  . ASN A 1 33  ? 12.203  -3.502  -8.791  1.00 79.89  ? 28  ASN A CB  1 
ATOM   154 C CG  . ASN A 1 33  ? 11.303  -2.295  -8.951  1.00 85.76  ? 28  ASN A CG  1 
ATOM   155 O OD1 . ASN A 1 33  ? 11.641  -1.203  -8.496  1.00 91.54  ? 28  ASN A OD1 1 
ATOM   156 N ND2 . ASN A 1 33  ? 10.142  -2.486  -9.579  1.00 90.01  ? 28  ASN A ND2 1 
ATOM   157 N N   . GLU A 1 34  ? 11.934  -3.941  -5.296  1.00 73.11  ? 29  GLU A N   1 
ATOM   158 C CA  . GLU A 1 34  ? 11.528  -3.344  -4.026  1.00 73.94  ? 29  GLU A CA  1 
ATOM   159 C C   . GLU A 1 34  ? 12.095  -1.936  -3.834  1.00 61.57  ? 29  GLU A C   1 
ATOM   160 O O   . GLU A 1 34  ? 11.655  -1.217  -2.933  1.00 59.09  ? 29  GLU A O   1 
ATOM   161 C CB  . GLU A 1 34  ? 11.941  -4.243  -2.856  1.00 82.39  ? 29  GLU A CB  1 
ATOM   162 C CG  . GLU A 1 34  ? 11.325  -5.639  -2.902  1.00 89.06  ? 29  GLU A CG  1 
ATOM   163 C CD  . GLU A 1 34  ? 12.199  -6.685  -2.226  1.00 94.10  ? 29  GLU A CD  1 
ATOM   164 O OE1 . GLU A 1 34  ? 12.705  -6.414  -1.113  1.00 96.13  ? 29  GLU A OE1 1 
ATOM   165 O OE2 . GLU A 1 34  ? 12.381  -7.778  -2.811  1.00 94.47  ? 29  GLU A OE2 1 
ATOM   166 N N   . ASP A 1 35  ? 13.055  -1.546  -4.676  1.00 51.30  ? 30  ASP A N   1 
ATOM   167 C CA  . ASP A 1 35  ? 13.605  -0.183  -4.642  1.00 48.38  ? 30  ASP A CA  1 
ATOM   168 C C   . ASP A 1 35  ? 12.788  0.789   -5.517  1.00 39.87  ? 30  ASP A C   1 
ATOM   169 O O   . ASP A 1 35  ? 13.277  1.853   -5.923  1.00 38.64  ? 30  ASP A O   1 
ATOM   170 C CB  . ASP A 1 35  ? 15.092  -0.178  -5.040  1.00 52.28  ? 30  ASP A CB  1 
ATOM   171 C CG  . ASP A 1 35  ? 15.314  -0.398  -6.538  1.00 61.27  ? 30  ASP A CG  1 
ATOM   172 O OD1 . ASP A 1 35  ? 14.488  -1.094  -7.179  1.00 67.89  ? 30  ASP A OD1 1 
ATOM   173 O OD2 . ASP A 1 35  ? 16.318  0.129   -7.075  1.00 66.66  ? 30  ASP A OD2 1 
ATOM   174 N N   . ILE A 1 36  ? 11.551  0.406   -5.824  1.00 32.88  ? 31  ILE A N   1 
ATOM   175 C CA  . ILE A 1 36  ? 10.588  1.295   -6.475  1.00 29.37  ? 31  ILE A CA  1 
ATOM   176 C C   . ILE A 1 36  ? 10.642  2.709   -5.905  1.00 25.38  ? 31  ILE A C   1 
ATOM   177 O O   . ILE A 1 36  ? 10.679  2.898   -4.682  1.00 25.20  ? 31  ILE A O   1 
ATOM   178 C CB  . ILE A 1 36  ? 9.155   0.707   -6.369  1.00 31.32  ? 31  ILE A CB  1 
ATOM   179 C CG1 . ILE A 1 36  ? 8.131   1.634   -6.999  1.00 32.81  ? 31  ILE A CG1 1 
ATOM   180 C CG2 . ILE A 1 36  ? 8.761   0.429   -4.926  1.00 32.45  ? 31  ILE A CG2 1 
ATOM   181 C CD1 . ILE A 1 36  ? 6.746   1.018   -7.088  1.00 33.38  ? 31  ILE A CD1 1 
ATOM   182 N N   . THR A 1 37  ? 10.648  3.704   -6.783  1.00 21.26  ? 32  THR A N   1 
ATOM   183 C CA  . THR A 1 37  ? 10.660  5.091   -6.365  1.00 20.95  ? 32  THR A CA  1 
ATOM   184 C C   . THR A 1 37  ? 9.228   5.626   -6.244  1.00 18.54  ? 32  THR A C   1 
ATOM   185 O O   . THR A 1 37  ? 8.300   5.084   -6.835  1.00 18.54  ? 32  THR A O   1 
ATOM   186 C CB  . THR A 1 37  ? 11.419  5.979   -7.366  1.00 21.82  ? 32  THR A CB  1 
ATOM   187 O OG1 . THR A 1 37  ? 10.649  6.107   -8.571  1.00 21.17  ? 32  THR A OG1 1 
ATOM   188 C CG2 . THR A 1 37  ? 12.844  5.359   -7.689  1.00 22.62  ? 32  THR A CG2 1 
ATOM   189 N N   . TYR A 1 38  ? 9.066   6.703   -5.501  1.00 18.55  ? 33  TYR A N   1 
ATOM   190 C CA  . TYR A 1 38  ? 7.768   7.363   -5.398  1.00 18.86  ? 33  TYR A CA  1 
ATOM   191 C C   . TYR A 1 38  ? 7.217   7.732   -6.769  1.00 19.63  ? 33  TYR A C   1 
ATOM   192 O O   . TYR A 1 38  ? 6.040   7.536   -7.050  1.00 17.33  ? 33  TYR A O   1 
ATOM   193 C CB  . TYR A 1 38  ? 7.847   8.608   -4.519  1.00 19.08  ? 33  TYR A CB  1 
ATOM   194 C CG  . TYR A 1 38  ? 6.536   9.339   -4.451  1.00 18.87  ? 33  TYR A CG  1 
ATOM   195 C CD1 . TYR A 1 38  ? 5.527   8.909   -3.602  1.00 18.90  ? 33  TYR A CD1 1 
ATOM   196 C CD2 . TYR A 1 38  ? 6.295   10.431  -5.256  1.00 18.99  ? 33  TYR A CD2 1 
ATOM   197 C CE1 . TYR A 1 38  ? 4.310   9.556   -3.545  1.00 19.72  ? 33  TYR A CE1 1 
ATOM   198 C CE2 . TYR A 1 38  ? 5.104   11.099  -5.189  1.00 20.22  ? 33  TYR A CE2 1 
ATOM   199 C CZ  . TYR A 1 38  ? 4.110   10.656  -4.336  1.00 20.37  ? 33  TYR A CZ  1 
ATOM   200 O OH  . TYR A 1 38  ? 2.908   11.318  -4.334  1.00 22.61  ? 33  TYR A OH  1 
ATOM   201 N N   . ASP A 1 39  ? 8.059   8.307   -7.624  1.00 21.29  ? 34  ASP A N   1 
ATOM   202 C CA  . ASP A 1 39  ? 7.585   8.741   -8.931  1.00 20.94  ? 34  ASP A CA  1 
ATOM   203 C C   . ASP A 1 39  ? 7.183   7.557   -9.803  1.00 20.27  ? 34  ASP A C   1 
ATOM   204 O O   . ASP A 1 39  ? 6.188   7.641   -10.525 1.00 20.53  ? 34  ASP A O   1 
ATOM   205 C CB  . ASP A 1 39  ? 8.629   9.609   -9.630  1.00 23.74  ? 34  ASP A CB  1 
ATOM   206 C CG  . ASP A 1 39  ? 8.763   10.983  -8.984  1.00 24.83  ? 34  ASP A CG  1 
ATOM   207 O OD1 . ASP A 1 39  ? 7.796   11.499  -8.403  1.00 26.77  ? 34  ASP A OD1 1 
ATOM   208 O OD2 . ASP A 1 39  ? 9.842   11.551  -9.055  1.00 29.94  ? 34  ASP A OD2 1 
ATOM   209 N N   . GLU A 1 40  ? 7.937   6.464   -9.743  1.00 20.00  ? 35  GLU A N   1 
ATOM   210 C CA  . GLU A 1 40  ? 7.504   5.201   -10.382 1.00 20.04  ? 35  GLU A CA  1 
ATOM   211 C C   . GLU A 1 40  ? 6.166   4.692   -9.871  1.00 18.28  ? 35  GLU A C   1 
ATOM   212 O O   . GLU A 1 40  ? 5.334   4.249   -10.650 1.00 18.70  ? 35  GLU A O   1 
ATOM   213 C CB  . GLU A 1 40  ? 8.549   4.122   -10.209 1.00 22.09  ? 35  GLU A CB  1 
ATOM   214 C CG  . GLU A 1 40  ? 9.781   4.335   -11.084 1.00 24.14  ? 35  GLU A CG  1 
ATOM   215 C CD  . GLU A 1 40  ? 10.917  3.378   -10.736 1.00 27.50  ? 35  GLU A CD  1 
ATOM   216 O OE1 . GLU A 1 40  ? 10.906  2.815   -9.621  1.00 27.00  ? 35  GLU A OE1 1 
ATOM   217 O OE2 . GLU A 1 40  ? 11.814  3.174   -11.590 1.00 28.90  ? 35  GLU A OE2 1 
ATOM   218 N N   . LEU A 1 41  ? 5.941   4.757   -8.563  1.00 16.82  ? 36  LEU A N   1 
ATOM   219 C CA  . LEU A 1 41  ? 4.665   4.341   -8.006  1.00 16.73  ? 36  LEU A CA  1 
ATOM   220 C C   . LEU A 1 41  ? 3.510   5.205   -8.509  1.00 16.50  ? 36  LEU A C   1 
ATOM   221 O O   . LEU A 1 41  ? 2.474   4.694   -8.851  1.00 15.49  ? 36  LEU A O   1 
ATOM   222 C CB  . LEU A 1 41  ? 4.706   4.314   -6.468  1.00 17.51  ? 36  LEU A CB  1 
ATOM   223 C CG  . LEU A 1 41  ? 3.376   4.055   -5.739  1.00 17.74  ? 36  LEU A CG  1 
ATOM   224 C CD1 . LEU A 1 41  ? 2.956   2.603   -5.978  1.00 17.87  ? 36  LEU A CD1 1 
ATOM   225 C CD2 . LEU A 1 41  ? 3.586   4.321   -4.264  1.00 19.02  ? 36  LEU A CD2 1 
ATOM   226 N N   . VAL A 1 42  ? 3.711   6.515   -8.573  1.00 17.10  ? 37  VAL A N   1 
ATOM   227 C CA  . VAL A 1 42  ? 2.717   7.387   -9.128  1.00 17.16  ? 37  VAL A CA  1 
ATOM   228 C C   . VAL A 1 42  ? 2.388   6.952   -10.554 1.00 16.52  ? 37  VAL A C   1 
ATOM   229 O O   . VAL A 1 42  ? 1.214   6.833   -10.923 1.00 16.56  ? 37  VAL A O   1 
ATOM   230 C CB  . VAL A 1 42  ? 3.156   8.870   -9.048  1.00 17.19  ? 37  VAL A CB  1 
ATOM   231 C CG1 . VAL A 1 42  ? 2.134   9.756   -9.754  1.00 18.98  ? 37  VAL A CG1 1 
ATOM   232 C CG2 . VAL A 1 42  ? 3.302   9.287   -7.590  1.00 18.44  ? 37  VAL A CG2 1 
ATOM   233 N N   . LEU A 1 43  ? 3.408   6.667   -11.356 1.00 16.79  ? 38  LEU A N   1 
ATOM   234 C CA  . LEU A 1 43  ? 3.185   6.291   -12.733 1.00 17.13  ? 38  LEU A CA  1 
ATOM   235 C C   . LEU A 1 43  ? 2.391   5.010   -12.792 1.00 18.27  ? 38  LEU A C   1 
ATOM   236 O O   . LEU A 1 43  ? 1.500   4.869   -13.612 1.00 18.79  ? 38  LEU A O   1 
ATOM   237 C CB  . LEU A 1 43  ? 4.513   6.081   -13.460 1.00 18.23  ? 38  LEU A CB  1 
ATOM   238 C CG  . LEU A 1 43  ? 5.229   7.353   -13.887 1.00 19.04  ? 38  LEU A CG  1 
ATOM   239 C CD1 . LEU A 1 43  ? 6.591   7.045   -14.493 1.00 19.68  ? 38  LEU A CD1 1 
ATOM   240 C CD2 . LEU A 1 43  ? 4.373   8.116   -14.880 1.00 20.21  ? 38  LEU A CD2 1 
ATOM   241 N N   . MET A 1 44  ? 2.722   4.064   -11.933 1.00 17.93  ? 39  MET A N   1 
ATOM   242 C CA  . MET A 1 44  ? 2.026   2.798   -11.920 1.00 20.15  ? 39  MET A CA  1 
ATOM   243 C C   . MET A 1 44  ? 0.544   2.984   -11.570 1.00 18.95  ? 39  MET A C   1 
ATOM   244 O O   . MET A 1 44  ? -0.318  2.294   -12.122 1.00 18.82  ? 39  MET A O   1 
ATOM   245 C CB  . MET A 1 44  ? 2.655   1.870   -10.883 1.00 22.37  ? 39  MET A CB  1 
ATOM   246 C CG  . MET A 1 44  ? 3.974   1.241   -11.314 1.00 25.31  ? 39  MET A CG  1 
ATOM   247 S SD  . MET A 1 44  ? 4.699   0.116   -10.080 1.00 30.64  ? 39  MET A SD  1 
ATOM   248 C CE  . MET A 1 44  ? 3.242   -0.677  -9.406  1.00 33.34  ? 39  MET A CE  1 
ATOM   249 N N   . MET A 1 45  ? 0.269   3.877   -10.632 1.00 18.66  ? 40  MET A N   1 
ATOM   250 C CA  . MET A 1 45  ? -1.111  4.144   -10.213 1.00 19.75  ? 40  MET A CA  1 
ATOM   251 C C   . MET A 1 45  ? -1.853  4.745   -11.385 1.00 20.29  ? 40  MET A C   1 
ATOM   252 O O   . MET A 1 45  ? -2.967  4.356   -11.676 1.00 20.05  ? 40  MET A O   1 
ATOM   253 C CB  . MET A 1 45  ? -1.157  5.084   -9.011  1.00 20.42  ? 40  MET A CB  1 
ATOM   254 C CG  . MET A 1 45  ? -0.538  4.537   -7.725  1.00 21.27  ? 40  MET A CG  1 
ATOM   255 S SD  . MET A 1 45  ? -1.357  3.024   -7.182  1.00 24.09  ? 40  MET A SD  1 
ATOM   256 C CE  . MET A 1 45  ? -0.232  1.782   -7.798  1.00 24.77  ? 40  MET A CE  1 
ATOM   257 N N   . GLN A 1 46  ? -1.190  5.629   -12.117 1.00 20.19  ? 41  GLN A N   1 
ATOM   258 C CA  . GLN A 1 46  ? -1.800  6.222   -13.308 1.00 21.46  ? 41  GLN A CA  1 
ATOM   259 C C   . GLN A 1 46  ? -2.139  5.194   -14.387 1.00 22.43  ? 41  GLN A C   1 
ATOM   260 O O   . GLN A 1 46  ? -3.186  5.287   -15.068 1.00 22.94  ? 41  GLN A O   1 
ATOM   261 C CB  . GLN A 1 46  ? -0.903  7.315   -13.837 1.00 22.26  ? 41  GLN A CB  1 
ATOM   262 C CG  . GLN A 1 46  ? -0.726  8.430   -12.834 1.00 23.64  ? 41  GLN A CG  1 
ATOM   263 C CD  . GLN A 1 46  ? 0.178   9.523   -13.339 1.00 27.18  ? 41  GLN A CD  1 
ATOM   264 O OE1 . GLN A 1 46  ? 1.290   9.268   -13.837 1.00 28.42  ? 41  GLN A OE1 1 
ATOM   265 N NE2 . GLN A 1 46  ? -0.300  10.762  -13.241 1.00 31.07  ? 41  GLN A NE2 1 
ATOM   266 N N   . ARG A 1 47  ? -1.290  4.192   -14.535 1.00 21.15  ? 42  ARG A N   1 
ATOM   267 C CA  . ARG A 1 47  ? -1.556  3.116   -15.474 1.00 23.85  ? 42  ARG A CA  1 
ATOM   268 C C   . ARG A 1 47  ? -2.726  2.259   -14.998 1.00 24.33  ? 42  ARG A C   1 
ATOM   269 O O   . ARG A 1 47  ? -3.653  2.005   -15.766 1.00 22.33  ? 42  ARG A O   1 
ATOM   270 C CB  . ARG A 1 47  ? -0.327  2.219   -15.666 1.00 24.01  ? 42  ARG A CB  1 
ATOM   271 C CG  . ARG A 1 47  ? 0.909   2.922   -16.213 1.00 25.90  ? 42  ARG A CG  1 
ATOM   272 C CD  . ARG A 1 47  ? 0.757   3.459   -17.620 1.00 28.84  ? 42  ARG A CD  1 
ATOM   273 N NE  . ARG A 1 47  ? 2.011   4.071   -18.076 1.00 31.70  ? 42  ARG A NE  1 
ATOM   274 C CZ  . ARG A 1 47  ? 2.387   5.322   -17.816 1.00 33.84  ? 42  ARG A CZ  1 
ATOM   275 N NH1 . ARG A 1 47  ? 1.612   6.115   -17.080 1.00 38.45  ? 42  ARG A NH1 1 
ATOM   276 N NH2 . ARG A 1 47  ? 3.548   5.784   -18.272 1.00 31.63  ? 42  ARG A NH2 1 
ATOM   277 N N   . VAL A 1 48  ? -2.692  1.808   -13.745 1.00 23.79  ? 43  VAL A N   1 
ATOM   278 C CA  . VAL A 1 48  ? -3.688  0.830   -13.314 1.00 24.99  ? 43  VAL A CA  1 
ATOM   279 C C   . VAL A 1 48  ? -5.076  1.469   -13.165 1.00 25.68  ? 43  VAL A C   1 
ATOM   280 O O   . VAL A 1 48  ? -6.078  0.768   -13.285 1.00 25.86  ? 43  VAL A O   1 
ATOM   281 C CB  . VAL A 1 48  ? -3.298  0.035   -12.028 1.00 27.12  ? 43  VAL A CB  1 
ATOM   282 C CG1 . VAL A 1 48  ? -1.973  -0.694  -12.218 1.00 25.78  ? 43  VAL A CG1 1 
ATOM   283 C CG2 . VAL A 1 48  ? -3.289  0.916   -10.794 1.00 28.79  ? 43  VAL A CG2 1 
ATOM   284 N N   . PHE A 1 49  ? -5.120  2.776   -12.906 1.00 23.83  ? 44  PHE A N   1 
ATOM   285 C CA  . PHE A 1 49  ? -6.377  3.525   -12.777 1.00 26.40  ? 44  PHE A CA  1 
ATOM   286 C C   . PHE A 1 49  ? -6.613  4.377   -14.036 1.00 30.40  ? 44  PHE A C   1 
ATOM   287 O O   . PHE A 1 49  ? -7.142  5.479   -13.962 1.00 32.36  ? 44  PHE A O   1 
ATOM   288 C CB  . PHE A 1 49  ? -6.347  4.380   -11.513 1.00 24.11  ? 44  PHE A CB  1 
ATOM   289 C CG  . PHE A 1 49  ? -6.471  3.565   -10.251 1.00 23.20  ? 44  PHE A CG  1 
ATOM   290 C CD1 . PHE A 1 49  ? -7.701  3.002   -9.882  1.00 23.37  ? 44  PHE A CD1 1 
ATOM   291 C CD2 . PHE A 1 49  ? -5.366  3.322   -9.452  1.00 22.55  ? 44  PHE A CD2 1 
ATOM   292 C CE1 . PHE A 1 49  ? -7.815  2.216   -8.739  1.00 23.14  ? 44  PHE A CE1 1 
ATOM   293 C CE2 . PHE A 1 49  ? -5.476  2.555   -8.309  1.00 22.53  ? 44  PHE A CE2 1 
ATOM   294 C CZ  . PHE A 1 49  ? -6.695  1.993   -7.949  1.00 21.58  ? 44  PHE A CZ  1 
ATOM   295 N N   . ARG A 1 50  ? -6.225  3.827   -15.185 1.00 33.29  ? 45  ARG A N   1 
ATOM   296 C CA  . ARG A 1 50  ? -6.248  4.518   -16.490 1.00 39.08  ? 45  ARG A CA  1 
ATOM   297 C C   . ARG A 1 50  ? -7.487  5.425   -16.677 1.00 37.75  ? 45  ARG A C   1 
ATOM   298 O O   . ARG A 1 50  ? -7.384  6.673   -16.809 1.00 39.90  ? 45  ARG A O   1 
ATOM   299 C CB  . ARG A 1 50  ? -6.186  3.449   -17.606 1.00 43.04  ? 45  ARG A CB  1 
ATOM   300 C CG  . ARG A 1 50  ? -5.858  3.944   -19.011 1.00 49.99  ? 45  ARG A CG  1 
ATOM   301 C CD  . ARG A 1 50  ? -6.304  2.935   -20.076 1.00 55.31  ? 45  ARG A CD  1 
ATOM   302 N NE  . ARG A 1 50  ? -5.756  1.586   -19.868 1.00 59.80  ? 45  ARG A NE  1 
ATOM   303 C CZ  . ARG A 1 50  ? -4.658  1.086   -20.452 1.00 66.82  ? 45  ARG A CZ  1 
ATOM   304 N NH1 . ARG A 1 50  ? -3.941  1.807   -21.318 1.00 68.40  ? 45  ARG A NH1 1 
ATOM   305 N NH2 . ARG A 1 50  ? -4.268  -0.158  -20.166 1.00 67.45  ? 45  ARG A NH2 1 
ATOM   306 N N   . GLY A 1 51  ? -8.655  4.801   -16.645 1.00 33.11  ? 46  GLY A N   1 
ATOM   307 C CA  . GLY A 1 51  ? -9.900  5.488   -16.987 1.00 33.43  ? 46  GLY A CA  1 
ATOM   308 C C   . GLY A 1 51  ? -10.540 6.303   -15.877 1.00 30.90  ? 46  GLY A C   1 
ATOM   309 O O   . GLY A 1 51  ? -11.654 6.810   -16.031 1.00 29.63  ? 46  GLY A O   1 
ATOM   310 N N   . LYS A 1 52  ? -9.849  6.448   -14.761 1.00 27.86  ? 47  LYS A N   1 
ATOM   311 C CA  . LYS A 1 52  ? -10.379 7.196   -13.632 1.00 28.39  ? 47  LYS A CA  1 
ATOM   312 C C   . LYS A 1 52  ? -9.719  8.572   -13.511 1.00 25.52  ? 47  LYS A C   1 
ATOM   313 O O   . LYS A 1 52  ? -10.127 9.390   -12.689 1.00 26.22  ? 47  LYS A O   1 
ATOM   314 C CB  . LYS A 1 52  ? -10.183 6.411   -12.329 1.00 30.46  ? 47  LYS A CB  1 
ATOM   315 C CG  . LYS A 1 52  ? -10.537 4.927   -12.386 1.00 34.38  ? 47  LYS A CG  1 
ATOM   316 C CD  . LYS A 1 52  ? -12.033 4.685   -12.562 1.00 38.58  ? 47  LYS A CD  1 
ATOM   317 C CE  . LYS A 1 52  ? -12.321 3.243   -12.985 1.00 42.14  ? 47  LYS A CE  1 
ATOM   318 N NZ  . LYS A 1 52  ? -13.774 3.050   -13.282 1.00 44.03  ? 47  LYS A NZ  1 
ATOM   319 N N   . LEU A 1 53  ? -8.693  8.824   -14.307 1.00 23.93  ? 48  LEU A N   1 
ATOM   320 C CA  . LEU A 1 53  ? -7.837  9.985   -14.111 1.00 23.24  ? 48  LEU A CA  1 
ATOM   321 C C   . LEU A 1 53  ? -7.650  10.751  -15.390 1.00 24.72  ? 48  LEU A C   1 
ATOM   322 O O   . LEU A 1 53  ? -7.711  10.196  -16.485 1.00 24.53  ? 48  LEU A O   1 
ATOM   323 C CB  . LEU A 1 53  ? -6.439  9.577   -13.607 1.00 23.22  ? 48  LEU A CB  1 
ATOM   324 C CG  . LEU A 1 53  ? -6.389  8.793   -12.304 1.00 24.14  ? 48  LEU A CG  1 
ATOM   325 C CD1 . LEU A 1 53  ? -4.993  8.227   -12.094 1.00 24.82  ? 48  LEU A CD1 1 
ATOM   326 C CD2 . LEU A 1 53  ? -6.788  9.654   -11.139 1.00 24.62  ? 48  LEU A CD2 1 
ATOM   327 N N   . LEU A 1 54  ? -7.400  12.041  -15.219 1.00 25.80  ? 49  LEU A N   1 
ATOM   328 C CA  . LEU A 1 54  ? -6.992  12.896  -16.295 1.00 26.66  ? 49  LEU A CA  1 
ATOM   329 C C   . LEU A 1 54  ? -5.511  13.088  -16.099 1.00 28.49  ? 49  LEU A C   1 
ATOM   330 O O   . LEU A 1 54  ? -5.030  13.082  -14.962 1.00 27.69  ? 49  LEU A O   1 
ATOM   331 C CB  . LEU A 1 54  ? -7.725  14.234  -16.206 1.00 25.57  ? 49  LEU A CB  1 
ATOM   332 C CG  . LEU A 1 54  ? -9.224  14.154  -16.490 1.00 24.91  ? 49  LEU A CG  1 
ATOM   333 C CD1 . LEU A 1 54  ? -9.898  15.452  -16.116 1.00 25.50  ? 49  LEU A CD1 1 
ATOM   334 C CD2 . LEU A 1 54  ? -9.501  13.820  -17.952 1.00 25.06  ? 49  LEU A CD2 1 
ATOM   335 N N   . SER A 1 55  ? -4.802  13.318  -17.200 1.00 32.52  ? 50  SER A N   1 
ATOM   336 C CA  . SER A 1 55  ? -3.352  13.499  -17.172 1.00 35.08  ? 50  SER A CA  1 
ATOM   337 C C   . SER A 1 55  ? -2.925  14.592  -16.190 1.00 36.63  ? 50  SER A C   1 
ATOM   338 O O   . SER A 1 55  ? -1.860  14.492  -15.573 1.00 39.94  ? 50  SER A O   1 
ATOM   339 C CB  . SER A 1 55  ? -2.824  13.808  -18.582 1.00 36.14  ? 50  SER A CB  1 
ATOM   340 O OG  . SER A 1 55  ? -3.191  15.118  -18.988 1.00 37.47  ? 50  SER A OG  1 
ATOM   341 N N   . ASN A 1 56  ? -3.768  15.610  -16.019 1.00 36.68  ? 51  ASN A N   1 
ATOM   342 C CA  . ASN A 1 56  ? -3.484  16.714  -15.095 1.00 37.62  ? 51  ASN A CA  1 
ATOM   343 C C   . ASN A 1 56  ? -4.000  16.537  -13.656 1.00 36.12  ? 51  ASN A C   1 
ATOM   344 O O   . ASN A 1 56  ? -3.836  17.432  -12.841 1.00 36.12  ? 51  ASN A O   1 
ATOM   345 C CB  . ASN A 1 56  ? -4.025  18.028  -15.668 1.00 42.23  ? 51  ASN A CB  1 
ATOM   346 C CG  . ASN A 1 56  ? -5.486  17.923  -16.091 1.00 45.81  ? 51  ASN A CG  1 
ATOM   347 O OD1 . ASN A 1 56  ? -6.354  17.618  -15.278 1.00 48.35  ? 51  ASN A OD1 1 
ATOM   348 N ND2 . ASN A 1 56  ? -5.758  18.144  -17.375 1.00 49.85  ? 51  ASN A ND2 1 
ATOM   349 N N   . ASP A 1 57  ? -4.625  15.413  -13.325 1.00 33.29  ? 52  ASP A N   1 
ATOM   350 C CA  . ASP A 1 57  ? -4.998  15.169  -11.930 1.00 31.08  ? 52  ASP A CA  1 
ATOM   351 C C   . ASP A 1 57  ? -3.740  15.048  -11.071 1.00 33.40  ? 52  ASP A C   1 
ATOM   352 O O   . ASP A 1 57  ? -2.710  14.535  -11.516 1.00 34.83  ? 52  ASP A O   1 
ATOM   353 C CB  . ASP A 1 57  ? -5.804  13.885  -11.781 1.00 29.94  ? 52  ASP A CB  1 
ATOM   354 C CG  . ASP A 1 57  ? -7.266  14.050  -12.168 1.00 28.46  ? 52  ASP A CG  1 
ATOM   355 O OD1 . ASP A 1 57  ? -7.828  15.152  -12.044 1.00 26.88  ? 52  ASP A OD1 1 
ATOM   356 O OD2 . ASP A 1 57  ? -7.879  13.056  -12.598 1.00 29.39  ? 52  ASP A OD2 1 
ATOM   357 N N   . GLU A 1 58  ? -3.841  15.513  -9.838  1.00 34.73  ? 53  GLU A N   1 
ATOM   358 C CA  . GLU A 1 58  ? -2.775  15.380  -8.882  1.00 38.11  ? 53  GLU A CA  1 
ATOM   359 C C   . GLU A 1 58  ? -3.149  14.245  -7.968  1.00 35.17  ? 53  GLU A C   1 
ATOM   360 O O   . GLU A 1 58  ? -4.178  14.287  -7.302  1.00 33.48  ? 53  GLU A O   1 
ATOM   361 C CB  . GLU A 1 58  ? -2.624  16.661  -8.086  1.00 43.24  ? 53  GLU A CB  1 
ATOM   362 C CG  . GLU A 1 58  ? -1.391  16.672  -7.195  1.00 51.24  ? 53  GLU A CG  1 
ATOM   363 C CD  . GLU A 1 58  ? -1.471  17.742  -6.121  1.00 56.85  ? 53  GLU A CD  1 
ATOM   364 O OE1 . GLU A 1 58  ? -1.202  18.923  -6.444  1.00 64.87  ? 53  GLU A OE1 1 
ATOM   365 O OE2 . GLU A 1 58  ? -1.817  17.398  -4.961  1.00 60.06  ? 53  GLU A OE2 1 
ATOM   366 N N   . VAL A 1 59  ? -2.307  13.221  -7.959  1.00 35.39  ? 54  VAL A N   1 
ATOM   367 C CA  . VAL A 1 59  ? -2.520  12.035  -7.144  1.00 35.49  ? 54  VAL A CA  1 
ATOM   368 C C   . VAL A 1 59  ? -1.756  12.167  -5.822  1.00 32.95  ? 54  VAL A C   1 
ATOM   369 O O   . VAL A 1 59  ? -0.562  12.465  -5.803  1.00 31.53  ? 54  VAL A O   1 
ATOM   370 C CB  . VAL A 1 59  ? -2.109  10.748  -7.905  1.00 36.40  ? 54  VAL A CB  1 
ATOM   371 C CG1 . VAL A 1 59  ? -2.364  9.505   -7.067  1.00 36.87  ? 54  VAL A CG1 1 
ATOM   372 C CG2 . VAL A 1 59  ? -2.895  10.646  -9.199  1.00 38.09  ? 54  VAL A CG2 1 
ATOM   373 N N   . THR A 1 60  ? -2.487  11.983  -4.730  1.00 31.65  ? 55  THR A N   1 
ATOM   374 C CA  . THR A 1 60  ? -1.949  11.902  -3.380  1.00 31.44  ? 55  THR A CA  1 
ATOM   375 C C   . THR A 1 60  ? -2.021  10.431  -2.928  1.00 28.09  ? 55  THR A C   1 
ATOM   376 O O   . THR A 1 60  ? -3.055  9.784   -3.102  1.00 29.11  ? 55  THR A O   1 
ATOM   377 C CB  . THR A 1 60  ? -2.806  12.774  -2.437  1.00 32.32  ? 55  THR A CB  1 
ATOM   378 O OG1 . THR A 1 60  ? -2.438  14.140  -2.617  1.00 40.52  ? 55  THR A OG1 1 
ATOM   379 C CG2 . THR A 1 60  ? -2.624  12.411  -0.957  1.00 34.02  ? 55  THR A CG2 1 
ATOM   380 N N   . ILE A 1 61  ? -0.956  9.928   -2.315  1.00 23.76  ? 56  ILE A N   1 
ATOM   381 C CA  . ILE A 1 61  ? -0.892  8.526   -1.909  1.00 21.68  ? 56  ILE A CA  1 
ATOM   382 C C   . ILE A 1 61  ? -0.726  8.455   -0.408  1.00 20.73  ? 56  ILE A C   1 
ATOM   383 O O   . ILE A 1 61  ? 0.193   9.060   0.159   1.00 20.69  ? 56  ILE A O   1 
ATOM   384 C CB  . ILE A 1 61  ? 0.277   7.788   -2.585  1.00 21.28  ? 56  ILE A CB  1 
ATOM   385 C CG1 . ILE A 1 61  ? 0.096   7.796   -4.098  1.00 22.56  ? 56  ILE A CG1 1 
ATOM   386 C CG2 . ILE A 1 61  ? 0.378   6.336   -2.113  1.00 20.65  ? 56  ILE A CG2 1 
ATOM   387 C CD1 . ILE A 1 61  ? 1.321   7.327   -4.842  1.00 23.59  ? 56  ILE A CD1 1 
ATOM   388 N N   . LYS A 1 62  ? -1.626  7.718   0.221   1.00 21.80  ? 57  LYS A N   1 
ATOM   389 C CA  . LYS A 1 62  ? -1.537  7.383   1.629   1.00 22.85  ? 57  LYS A CA  1 
ATOM   390 C C   . LYS A 1 62  ? -1.542  5.866   1.847   1.00 21.70  ? 57  LYS A C   1 
ATOM   391 O O   . LYS A 1 62  ? -2.026  5.113   1.011   1.00 21.60  ? 57  LYS A O   1 
ATOM   392 C CB  . LYS A 1 62  ? -2.721  8.012   2.372   1.00 24.24  ? 57  LYS A CB  1 
ATOM   393 C CG  . LYS A 1 62  ? -2.845  9.494   2.110   1.00 26.70  ? 57  LYS A CG  1 
ATOM   394 C CD  . LYS A 1 62  ? -3.715  10.115  3.173   1.00 30.42  ? 57  LYS A CD  1 
ATOM   395 C CE  . LYS A 1 62  ? -4.055  11.545  2.844   1.00 31.84  ? 57  LYS A CE  1 
ATOM   396 N NZ  . LYS A 1 62  ? -5.003  12.052  3.874   1.00 34.90  ? 57  LYS A NZ  1 
ATOM   397 N N   . TYR A 1 63  ? -1.003  5.426   2.974   1.00 22.57  ? 58  TYR A N   1 
ATOM   398 C CA  . TYR A 1 63  ? -1.025  4.011   3.325   1.00 25.07  ? 58  TYR A CA  1 
ATOM   399 C C   . TYR A 1 63  ? -1.570  3.770   4.716   1.00 26.80  ? 58  TYR A C   1 
ATOM   400 O O   . TYR A 1 63  ? -1.461  4.614   5.616   1.00 25.93  ? 58  TYR A O   1 
ATOM   401 C CB  . TYR A 1 63  ? 0.351   3.351   3.167   1.00 25.53  ? 58  TYR A CB  1 
ATOM   402 C CG  . TYR A 1 63  ? 1.338   3.550   4.283   1.00 27.84  ? 58  TYR A CG  1 
ATOM   403 C CD1 . TYR A 1 63  ? 2.003   4.757   4.430   1.00 29.15  ? 58  TYR A CD1 1 
ATOM   404 C CD2 . TYR A 1 63  ? 1.659   2.511   5.163   1.00 30.48  ? 58  TYR A CD2 1 
ATOM   405 C CE1 . TYR A 1 63  ? 2.925   4.952   5.436   1.00 31.53  ? 58  TYR A CE1 1 
ATOM   406 C CE2 . TYR A 1 63  ? 2.601   2.696   6.176   1.00 31.73  ? 58  TYR A CE2 1 
ATOM   407 C CZ  . TYR A 1 63  ? 3.226   3.921   6.305   1.00 31.85  ? 58  TYR A CZ  1 
ATOM   408 O OH  . TYR A 1 63  ? 4.178   4.139   7.281   1.00 37.56  ? 58  TYR A OH  1 
ATOM   409 N N   . LYS A 1 64  ? -2.156  2.588   4.861   1.00 32.97  ? 59  LYS A N   1 
ATOM   410 C CA  . LYS A 1 64  ? -2.724  2.138   6.111   1.00 37.30  ? 59  LYS A CA  1 
ATOM   411 C C   . LYS A 1 64  ? -1.588  1.669   6.980   1.00 36.09  ? 59  LYS A C   1 
ATOM   412 O O   . LYS A 1 64  ? -0.924  0.670   6.685   1.00 32.66  ? 59  LYS A O   1 
ATOM   413 C CB  . LYS A 1 64  ? -3.715  1.005   5.874   1.00 41.40  ? 59  LYS A CB  1 
ATOM   414 C CG  . LYS A 1 64  ? -4.958  1.443   5.129   1.00 48.22  ? 59  LYS A CG  1 
ATOM   415 C CD  . LYS A 1 64  ? -5.939  0.285   4.958   1.00 55.22  ? 59  LYS A CD  1 
ATOM   416 C CE  . LYS A 1 64  ? -6.929  0.525   3.815   1.00 57.61  ? 59  LYS A CE  1 
ATOM   417 N NZ  . LYS A 1 64  ? -7.726  -0.709  3.520   1.00 61.37  ? 59  LYS A NZ  1 
ATOM   418 N N   . ALA A 1 65  ? -1.344  2.425   8.036   1.00 37.19  ? 60  ALA A N   1 
ATOM   419 C CA  . ALA A 1 65  ? -0.321  2.076   8.989   1.00 41.03  ? 60  ALA A CA  1 
ATOM   420 C C   . ALA A 1 65  ? -0.839  1.001   9.948   1.00 48.79  ? 60  ALA A C   1 
ATOM   421 O O   . ALA A 1 65  ? -2.008  0.575   9.889   1.00 44.59  ? 60  ALA A O   1 
ATOM   422 C CB  . ALA A 1 65  ? 0.125   3.310   9.740   1.00 39.94  ? 60  ALA A CB  1 
ATOM   423 N N   . GLU A 1 66  ? 0.065   0.537   10.805  1.00 58.76  ? 61  GLU A N   1 
ATOM   424 C CA  . GLU A 1 66  ? -0.271  -0.434  11.840  1.00 67.25  ? 61  GLU A CA  1 
ATOM   425 C C   . GLU A 1 66  ? -1.417  0.166   12.657  1.00 69.43  ? 61  GLU A C   1 
ATOM   426 O O   . GLU A 1 66  ? -1.336  1.313   13.108  1.00 65.51  ? 61  GLU A O   1 
ATOM   427 C CB  . GLU A 1 66  ? 0.959   -0.724  12.717  1.00 72.96  ? 61  GLU A CB  1 
ATOM   428 C CG  . GLU A 1 66  ? 1.178   -2.190  13.063  1.00 77.36  ? 61  GLU A CG  1 
ATOM   429 C CD  . GLU A 1 66  ? 2.517   -2.431  13.751  1.00 79.29  ? 61  GLU A CD  1 
ATOM   430 O OE1 . GLU A 1 66  ? 2.524   -2.826  14.939  1.00 78.50  ? 61  GLU A OE1 1 
ATOM   431 O OE2 . GLU A 1 66  ? 3.564   -2.215  13.102  1.00 80.72  ? 61  GLU A OE2 1 
ATOM   432 N N   . ARG A 1 67  ? -2.494  -0.601  12.799  1.00 78.80  ? 62  ARG A N   1 
ATOM   433 C CA  . ARG A 1 67  ? -3.742  -0.128  13.420  1.00 84.59  ? 62  ARG A CA  1 
ATOM   434 C C   . ARG A 1 67  ? -4.426  0.971   12.569  1.00 77.72  ? 62  ARG A C   1 
ATOM   435 O O   . ARG A 1 67  ? -4.757  2.053   13.058  1.00 78.02  ? 62  ARG A O   1 
ATOM   436 C CB  . ARG A 1 67  ? -3.510  0.296   14.892  1.00 92.56  ? 62  ARG A CB  1 
ATOM   437 C CG  . ARG A 1 67  ? -4.761  0.519   15.755  1.00 100.49 ? 62  ARG A CG  1 
ATOM   438 C CD  . ARG A 1 67  ? -5.711  -0.677  15.868  1.00 101.75 ? 62  ARG A CD  1 
ATOM   439 N NE  . ARG A 1 67  ? -6.966  -0.292  16.530  1.00 100.77 ? 62  ARG A NE  1 
ATOM   440 C CZ  . ARG A 1 67  ? -8.123  -0.951  16.449  1.00 99.32  ? 62  ARG A CZ  1 
ATOM   441 N NH1 . ARG A 1 67  ? -8.235  -2.063  15.728  1.00 99.69  ? 62  ARG A NH1 1 
ATOM   442 N NH2 . ARG A 1 67  ? -9.187  -0.489  17.095  1.00 100.43 ? 62  ARG A NH2 1 
ATOM   443 N N   . GLY A 1 68  ? -4.580  0.672   11.278  1.00 69.20  ? 63  GLY A N   1 
ATOM   444 C CA  . GLY A 1 68  ? -5.581  1.297   10.402  1.00 64.02  ? 63  GLY A CA  1 
ATOM   445 C C   . GLY A 1 68  ? -5.640  2.794   10.135  1.00 59.05  ? 63  GLY A C   1 
ATOM   446 O O   . GLY A 1 68  ? -6.599  3.257   9.528   1.00 61.27  ? 63  GLY A O   1 
ATOM   447 N N   . ASP A 1 69  ? -4.646  3.560   10.568  1.00 54.37  ? 64  ASP A N   1 
ATOM   448 C CA  . ASP A 1 69  ? -4.636  5.015   10.307  1.00 54.20  ? 64  ASP A CA  1 
ATOM   449 C C   . ASP A 1 69  ? -3.864  5.304   9.008   1.00 47.10  ? 64  ASP A C   1 
ATOM   450 O O   . ASP A 1 69  ? -2.847  4.670   8.738   1.00 45.42  ? 64  ASP A O   1 
ATOM   451 C CB  . ASP A 1 69  ? -4.031  5.796   11.487  1.00 56.07  ? 64  ASP A CB  1 
ATOM   452 C CG  . ASP A 1 69  ? -2.684  5.240   11.935  1.00 58.47  ? 64  ASP A CG  1 
ATOM   453 O OD1 . ASP A 1 69  ? -2.638  4.070   12.378  1.00 57.69  ? 64  ASP A OD1 1 
ATOM   454 O OD2 . ASP A 1 69  ? -1.675  5.974   11.847  1.00 63.23  ? 64  ASP A OD2 1 
ATOM   455 N N   . LEU A 1 70  ? -4.363  6.234   8.202   1.00 41.03  ? 65  LEU A N   1 
ATOM   456 C CA  . LEU A 1 70  ? -3.721  6.539   6.922   1.00 39.87  ? 65  LEU A CA  1 
ATOM   457 C C   . LEU A 1 70  ? -2.592  7.526   7.124   1.00 36.91  ? 65  LEU A C   1 
ATOM   458 O O   . LEU A 1 70  ? -2.761  8.545   7.790   1.00 36.74  ? 65  LEU A O   1 
ATOM   459 C CB  . LEU A 1 70  ? -4.719  7.100   5.900   1.00 39.56  ? 65  LEU A CB  1 
ATOM   460 C CG  . LEU A 1 70  ? -5.835  6.188   5.398   1.00 38.66  ? 65  LEU A CG  1 
ATOM   461 C CD1 . LEU A 1 70  ? -6.628  6.924   4.329   1.00 38.06  ? 65  LEU A CD1 1 
ATOM   462 C CD2 . LEU A 1 70  ? -5.314  4.861   4.861   1.00 40.66  ? 65  LEU A CD2 1 
ATOM   463 N N   . ILE A 1 71  ? -1.443  7.221   6.530   1.00 33.59  ? 66  ILE A N   1 
ATOM   464 C CA  . ILE A 1 71  ? -0.267  8.087   6.593   1.00 30.99  ? 66  ILE A CA  1 
ATOM   465 C C   . ILE A 1 71  ? 0.163   8.462   5.177   1.00 28.86  ? 66  ILE A C   1 
ATOM   466 O O   . ILE A 1 71  ? 0.312   7.582   4.349   1.00 25.69  ? 66  ILE A O   1 
ATOM   467 C CB  . ILE A 1 71  ? 0.892   7.340   7.251   1.00 31.56  ? 66  ILE A CB  1 
ATOM   468 C CG1 . ILE A 1 71  ? 0.548   6.998   8.703   1.00 32.84  ? 66  ILE A CG1 1 
ATOM   469 C CG2 . ILE A 1 71  ? 2.176   8.147   7.161   1.00 31.36  ? 66  ILE A CG2 1 
ATOM   470 C CD1 . ILE A 1 71  ? 1.643   6.219   9.394   1.00 34.60  ? 66  ILE A CD1 1 
ATOM   471 N N   . THR A 1 72  ? 0.408   9.744   4.921   1.00 25.40  ? 67  THR A N   1 
ATOM   472 C CA  . THR A 1 72  ? 0.765   10.211  3.580   1.00 24.71  ? 67  THR A CA  1 
ATOM   473 C C   . THR A 1 72  ? 2.196   9.798   3.218   1.00 22.53  ? 67  THR A C   1 
ATOM   474 O O   . THR A 1 72  ? 3.101   9.862   4.045   1.00 23.86  ? 67  THR A O   1 
ATOM   475 C CB  . THR A 1 72  ? 0.600   11.733  3.462   1.00 24.43  ? 67  THR A CB  1 
ATOM   476 O OG1 . THR A 1 72  ? -0.765  12.078  3.751   1.00 28.73  ? 67  THR A OG1 1 
ATOM   477 C CG2 . THR A 1 72  ? 0.941   12.218  2.035   1.00 22.77  ? 67  THR A CG2 1 
ATOM   478 N N   . ILE A 1 73  ? 2.376   9.362   1.981   1.00 20.98  ? 68  ILE A N   1 
ATOM   479 C CA  . ILE A 1 73  ? 3.681   9.048   1.446   1.00 21.34  ? 68  ILE A CA  1 
ATOM   480 C C   . ILE A 1 73  ? 4.052   10.196  0.519   1.00 21.22  ? 68  ILE A C   1 
ATOM   481 O O   . ILE A 1 73  ? 3.362   10.417  -0.453  1.00 21.03  ? 68  ILE A O   1 
ATOM   482 C CB  . ILE A 1 73  ? 3.648   7.728   0.649   1.00 21.65  ? 68  ILE A CB  1 
ATOM   483 C CG1 . ILE A 1 73  ? 3.423   6.549   1.593   1.00 21.93  ? 68  ILE A CG1 1 
ATOM   484 C CG2 . ILE A 1 73  ? 4.978   7.511   -0.102  1.00 21.70  ? 68  ILE A CG2 1 
ATOM   485 C CD1 . ILE A 1 73  ? 3.096   5.244   0.880   1.00 22.15  ? 68  ILE A CD1 1 
ATOM   486 N N   . PHE A 1 74  ? 5.123   10.938  0.820   1.00 21.25  ? 69  PHE A N   1 
ATOM   487 C CA  . PHE A 1 74  ? 5.482   12.104  0.012   1.00 21.83  ? 69  PHE A CA  1 
ATOM   488 C C   . PHE A 1 74  ? 6.615   11.821  -0.951  1.00 22.84  ? 69  PHE A C   1 
ATOM   489 O O   . PHE A 1 74  ? 6.673   12.473  -1.985  1.00 21.86  ? 69  PHE A O   1 
ATOM   490 C CB  . PHE A 1 74  ? 5.871   13.318  0.871   1.00 22.81  ? 69  PHE A CB  1 
ATOM   491 C CG  . PHE A 1 74  ? 4.749   13.869  1.696   1.00 23.09  ? 69  PHE A CG  1 
ATOM   492 C CD1 . PHE A 1 74  ? 3.780   14.695  1.116   1.00 25.46  ? 69  PHE A CD1 1 
ATOM   493 C CD2 . PHE A 1 74  ? 4.667   13.604  3.050   1.00 24.36  ? 69  PHE A CD2 1 
ATOM   494 C CE1 . PHE A 1 74  ? 2.752   15.210  1.880   1.00 24.41  ? 69  PHE A CE1 1 
ATOM   495 C CE2 . PHE A 1 74  ? 3.622   14.115  3.815   1.00 24.00  ? 69  PHE A CE2 1 
ATOM   496 C CZ  . PHE A 1 74  ? 2.681   14.925  3.230   1.00 25.52  ? 69  PHE A CZ  1 
ATOM   497 N N   . ASP A 1 75  ? 7.492   10.868  -0.636  1.00 22.02  ? 70  ASP A N   1 
ATOM   498 C CA  . ASP A 1 75  ? 8.690   10.637  -1.442  1.00 22.88  ? 70  ASP A CA  1 
ATOM   499 C C   . ASP A 1 75  ? 9.175   9.220   -1.288  1.00 22.35  ? 70  ASP A C   1 
ATOM   500 O O   . ASP A 1 75  ? 8.553   8.434   -0.575  1.00 22.30  ? 70  ASP A O   1 
ATOM   501 C CB  . ASP A 1 75  ? 9.782   11.641  -1.050  1.00 25.89  ? 70  ASP A CB  1 
ATOM   502 C CG  . ASP A 1 75  ? 10.154  11.567  0.426   1.00 28.03  ? 70  ASP A CG  1 
ATOM   503 O OD1 . ASP A 1 75  ? 10.091  10.455  1.030   1.00 24.72  ? 70  ASP A OD1 1 
ATOM   504 O OD2 . ASP A 1 75  ? 10.540  12.636  0.971   1.00 30.07  ? 70  ASP A OD2 1 
ATOM   505 N N   . SER A 1 76  ? 10.287  8.883   -1.943  1.00 22.42  ? 71  SER A N   1 
ATOM   506 C CA  . SER A 1 76  ? 10.780  7.511   -1.969  1.00 22.85  ? 71  SER A CA  1 
ATOM   507 C C   . SER A 1 76  ? 11.200  6.947   -0.601  1.00 22.44  ? 71  SER A C   1 
ATOM   508 O O   . SER A 1 76  ? 10.983  5.760   -0.323  1.00 20.66  ? 71  SER A O   1 
ATOM   509 C CB  . SER A 1 76  ? 11.946  7.357   -2.951  1.00 23.35  ? 71  SER A CB  1 
ATOM   510 O OG  . SER A 1 76  ? 11.550  7.687   -4.262  1.00 23.20  ? 71  SER A OG  1 
ATOM   511 N N   . SER A 1 77  ? 11.803  7.779   0.248   1.00 23.82  ? 72  SER A N   1 
ATOM   512 C CA  . SER A 1 77  ? 12.174  7.323   1.585   1.00 25.10  ? 72  SER A CA  1 
ATOM   513 C C   . SER A 1 77  ? 10.930  7.011   2.430   1.00 22.86  ? 72  SER A C   1 
ATOM   514 O O   . SER A 1 77  ? 10.931  5.996   3.169   1.00 23.00  ? 72  SER A O   1 
ATOM   515 C CB  . SER A 1 77  ? 13.116  8.317   2.287   1.00 26.54  ? 72  SER A CB  1 
ATOM   516 O OG  . SER A 1 77  ? 12.655  9.633   2.135   1.00 30.56  ? 72  SER A OG  1 
ATOM   517 N N   . ASP A 1 78  ? 9.858   7.808   2.286   1.00 21.78  ? 73  ASP A N   1 
ATOM   518 C CA  . ASP A 1 78  ? 8.580   7.468   2.946   1.00 21.59  ? 73  ASP A CA  1 
ATOM   519 C C   . ASP A 1 78  ? 8.053   6.129   2.429   1.00 21.18  ? 73  ASP A C   1 
ATOM   520 O O   . ASP A 1 78  ? 7.525   5.300   3.205   1.00 19.83  ? 73  ASP A O   1 
ATOM   521 C CB  . ASP A 1 78  ? 7.495   8.495   2.685   1.00 21.95  ? 73  ASP A CB  1 
ATOM   522 C CG  . ASP A 1 78  ? 7.771   9.821   3.312   1.00 23.35  ? 73  ASP A CG  1 
ATOM   523 O OD1 . ASP A 1 78  ? 8.530   9.859   4.294   1.00 23.35  ? 73  ASP A OD1 1 
ATOM   524 O OD2 . ASP A 1 78  ? 7.187   10.814  2.821   1.00 23.19  ? 73  ASP A OD2 1 
ATOM   525 N N   . LEU A 1 79  ? 8.185   5.937   1.119   1.00 20.40  ? 74  LEU A N   1 
ATOM   526 C CA  . LEU A 1 79  ? 7.699   4.713   0.469   1.00 19.29  ? 74  LEU A CA  1 
ATOM   527 C C   . LEU A 1 79  ? 8.462   3.493   0.930   1.00 19.74  ? 74  LEU A C   1 
ATOM   528 O O   . LEU A 1 79  ? 7.872   2.494   1.293   1.00 18.10  ? 74  LEU A O   1 
ATOM   529 C CB  . LEU A 1 79  ? 7.735   4.876   -1.056  1.00 19.13  ? 74  LEU A CB  1 
ATOM   530 C CG  . LEU A 1 79  ? 7.324   3.675   -1.903  1.00 19.98  ? 74  LEU A CG  1 
ATOM   531 C CD1 . LEU A 1 79  ? 5.945   3.175   -1.505  1.00 19.76  ? 74  LEU A CD1 1 
ATOM   532 C CD2 . LEU A 1 79  ? 7.309   4.049   -3.372  1.00 20.29  ? 74  LEU A CD2 1 
ATOM   533 N N   A SER A 1 80  ? 9.787   3.586   0.922   0.50 21.10  ? 75  SER A N   1 
ATOM   534 N N   B SER A 1 80  ? 9.791   3.578   0.920   0.50 21.21  ? 75  SER A N   1 
ATOM   535 C CA  A SER A 1 80  ? 10.624  2.510   1.408   0.50 21.56  ? 75  SER A CA  1 
ATOM   536 C CA  B SER A 1 80  ? 10.635  2.499   1.412   0.50 21.73  ? 75  SER A CA  1 
ATOM   537 C C   A SER A 1 80  ? 10.278  2.096   2.845   0.50 21.52  ? 75  SER A C   1 
ATOM   538 C C   B SER A 1 80  ? 10.291  2.093   2.852   0.50 21.61  ? 75  SER A C   1 
ATOM   539 O O   A SER A 1 80  ? 10.152  0.913   3.138   0.50 21.80  ? 75  SER A O   1 
ATOM   540 O O   B SER A 1 80  ? 10.176  0.911   3.152   0.50 21.87  ? 75  SER A O   1 
ATOM   541 C CB  A SER A 1 80  ? 12.092  2.916   1.318   0.50 22.56  ? 75  SER A CB  1 
ATOM   542 C CB  B SER A 1 80  ? 12.111  2.895   1.306   0.50 22.82  ? 75  SER A CB  1 
ATOM   543 O OG  A SER A 1 80  ? 12.901  1.859   1.779   0.50 22.54  ? 75  SER A OG  1 
ATOM   544 O OG  B SER A 1 80  ? 12.557  2.810   -0.036  0.50 23.02  ? 75  SER A OG  1 
ATOM   545 N N   . PHE A 1 81  ? 10.113  3.064   3.740   1.00 21.85  ? 76  PHE A N   1 
ATOM   546 C CA  . PHE A 1 81  ? 9.742   2.766   5.137   1.00 21.83  ? 76  PHE A CA  1 
ATOM   547 C C   . PHE A 1 81  ? 8.362   2.116   5.219   1.00 21.50  ? 76  PHE A C   1 
ATOM   548 O O   . PHE A 1 81  ? 8.169   1.181   5.981   1.00 22.37  ? 76  PHE A O   1 
ATOM   549 C CB  . PHE A 1 81  ? 9.778   4.025   6.015   1.00 21.66  ? 76  PHE A CB  1 
ATOM   550 C CG  . PHE A 1 81  ? 9.571   3.759   7.491   1.00 22.63  ? 76  PHE A CG  1 
ATOM   551 C CD1 . PHE A 1 81  ? 10.563  3.178   8.243   1.00 24.49  ? 76  PHE A CD1 1 
ATOM   552 C CD2 . PHE A 1 81  ? 8.380   4.107   8.124   1.00 23.29  ? 76  PHE A CD2 1 
ATOM   553 C CE1 . PHE A 1 81  ? 10.382  2.962   9.604   1.00 24.34  ? 76  PHE A CE1 1 
ATOM   554 C CE2 . PHE A 1 81  ? 8.196   3.889   9.475   1.00 24.16  ? 76  PHE A CE2 1 
ATOM   555 C CZ  . PHE A 1 81  ? 9.200   3.316   10.210  1.00 23.28  ? 76  PHE A CZ  1 
ATOM   556 N N   . ALA A 1 82  ? 7.423   2.612   4.414   1.00 20.72  ? 77  ALA A N   1 
ATOM   557 C CA  . ALA A 1 82  ? 6.087   2.097   4.374   1.00 20.27  ? 77  ALA A CA  1 
ATOM   558 C C   . ALA A 1 82  ? 6.119   0.634   3.946   1.00 19.59  ? 77  ALA A C   1 
ATOM   559 O O   . ALA A 1 82  ? 5.420   -0.184  4.522   1.00 20.89  ? 77  ALA A O   1 
ATOM   560 C CB  . ALA A 1 82  ? 5.220   2.937   3.418   1.00 21.22  ? 77  ALA A CB  1 
ATOM   561 N N   . ILE A 1 83  ? 6.948   0.320   2.956   1.00 20.37  ? 78  ILE A N   1 
ATOM   562 C CA  . ILE A 1 83  ? 7.115   -1.044  2.501   1.00 22.99  ? 78  ILE A CA  1 
ATOM   563 C C   . ILE A 1 83  ? 7.735   -1.920  3.608   1.00 25.86  ? 78  ILE A C   1 
ATOM   564 O O   . ILE A 1 83  ? 7.283   -3.035  3.832   1.00 26.15  ? 78  ILE A O   1 
ATOM   565 C CB  . ILE A 1 83  ? 7.910   -1.089  1.173   1.00 23.84  ? 78  ILE A CB  1 
ATOM   566 C CG1 . ILE A 1 83  ? 6.980   -0.636  0.039   1.00 23.24  ? 78  ILE A CG1 1 
ATOM   567 C CG2 . ILE A 1 83  ? 8.505   -2.478  0.916   1.00 25.35  ? 78  ILE A CG2 1 
ATOM   568 C CD1 . ILE A 1 83  ? 7.699   -0.236  -1.210  1.00 24.29  ? 78  ILE A CD1 1 
ATOM   569 N N   . GLN A 1 84  ? 8.731   -1.423  4.324   1.00 28.52  ? 79  GLN A N   1 
ATOM   570 C CA  . GLN A 1 84  ? 9.317   -2.225  5.397   1.00 30.61  ? 79  GLN A CA  1 
ATOM   571 C C   . GLN A 1 84  ? 8.314   -2.450  6.519   1.00 31.82  ? 79  GLN A C   1 
ATOM   572 O O   . GLN A 1 84  ? 8.192   -3.556  7.053   1.00 34.12  ? 79  GLN A O   1 
ATOM   573 C CB  . GLN A 1 84  ? 10.617  -1.597  5.888   1.00 36.07  ? 79  GLN A CB  1 
ATOM   574 C CG  . GLN A 1 84  ? 11.742  -1.654  4.849   1.00 41.75  ? 79  GLN A CG  1 
ATOM   575 C CD  . GLN A 1 84  ? 11.995  -3.063  4.278   1.00 48.09  ? 79  GLN A CD  1 
ATOM   576 O OE1 . GLN A 1 84  ? 12.191  -4.028  5.033   1.00 51.56  ? 79  GLN A OE1 1 
ATOM   577 N NE2 . GLN A 1 84  ? 12.004  -3.182  2.931   1.00 49.94  ? 79  GLN A NE2 1 
ATOM   578 N N   . CYS A 1 85  ? 7.542   -1.426  6.833   1.00 30.33  ? 80  CYS A N   1 
ATOM   579 C CA  . CYS A 1 85  ? 6.446   -1.563  7.794   1.00 34.23  ? 80  CYS A CA  1 
ATOM   580 C C   . CYS A 1 85  ? 5.306   -2.462  7.305   1.00 39.28  ? 80  CYS A C   1 
ATOM   581 O O   . CYS A 1 85  ? 4.367   -2.694  8.070   1.00 40.82  ? 80  CYS A O   1 
ATOM   582 C CB  . CYS A 1 85  ? 5.851   -0.194  8.125   1.00 32.50  ? 80  CYS A CB  1 
ATOM   583 S SG  . CYS A 1 85  ? 6.978   0.875   9.010   1.00 34.89  ? 80  CYS A SG  1 
ATOM   584 N N   . SER A 1 86  ? 5.372   -2.944  6.053   1.00 39.79  ? 81  SER A N   1 
ATOM   585 C CA  . SER A 1 86  ? 4.292   -3.775  5.485   1.00 42.03  ? 81  SER A CA  1 
ATOM   586 C C   . SER A 1 86  ? 4.352   -5.196  6.045   1.00 40.85  ? 81  SER A C   1 
ATOM   587 O O   . SER A 1 86  ? 3.307   -5.768  6.374   1.00 45.79  ? 81  SER A O   1 
ATOM   588 C CB  . SER A 1 86  ? 4.286   -3.769  3.927   1.00 42.18  ? 81  SER A CB  1 
ATOM   589 O OG  . SER A 1 86  ? 5.153   -4.735  3.329   1.00 39.58  ? 81  SER A OG  1 
ATOM   590 N N   . ARG A 1 87  ? 5.574   -5.720  6.192   1.00 36.16  ? 82  ARG A N   1 
ATOM   591 C CA  . ARG A 1 87  ? 5.807   -7.108  6.536   1.00 36.53  ? 82  ARG A CA  1 
ATOM   592 C C   . ARG A 1 87  ? 5.438   -7.343  7.996   1.00 31.18  ? 82  ARG A C   1 
ATOM   593 O O   . ARG A 1 87  ? 6.297   -7.319  8.856   1.00 26.59  ? 82  ARG A O   1 
ATOM   594 C CB  . ARG A 1 87  ? 7.262   -7.475  6.307   1.00 41.25  ? 82  ARG A CB  1 
ATOM   595 C CG  . ARG A 1 87  ? 7.778   -7.214  4.903   1.00 48.23  ? 82  ARG A CG  1 
ATOM   596 C CD  . ARG A 1 87  ? 9.071   -7.974  4.662   1.00 54.57  ? 82  ARG A CD  1 
ATOM   597 N NE  . ARG A 1 87  ? 8.875   -9.411  4.907   1.00 58.87  ? 82  ARG A NE  1 
ATOM   598 C CZ  . ARG A 1 87  ? 9.850   -10.301 5.063   1.00 59.60  ? 82  ARG A CZ  1 
ATOM   599 N NH1 . ARG A 1 87  ? 11.129  -9.927  5.003   1.00 61.62  ? 82  ARG A NH1 1 
ATOM   600 N NH2 . ARG A 1 87  ? 9.537   -11.576 5.285   1.00 59.70  ? 82  ARG A NH2 1 
ATOM   601 N N   . ILE A 1 88  ? 4.142   -7.485  8.244   1.00 30.37  ? 83  ILE A N   1 
ATOM   602 C CA  . ILE A 1 88  ? 3.602   -7.810  9.569   1.00 31.39  ? 83  ILE A CA  1 
ATOM   603 C C   . ILE A 1 88  ? 2.773   -9.078  9.437   1.00 29.29  ? 83  ILE A C   1 
ATOM   604 O O   . ILE A 1 88  ? 1.826   -9.139  8.609   1.00 29.45  ? 83  ILE A O   1 
ATOM   605 C CB  . ILE A 1 88  ? 2.631   -6.736  10.139  1.00 35.10  ? 83  ILE A CB  1 
ATOM   606 C CG1 . ILE A 1 88  ? 3.189   -5.310  10.055  1.00 39.29  ? 83  ILE A CG1 1 
ATOM   607 C CG2 . ILE A 1 88  ? 2.256   -7.049  11.588  1.00 33.43  ? 83  ILE A CG2 1 
ATOM   608 C CD1 . ILE A 1 88  ? 4.435   -5.028  10.875  1.00 40.62  ? 83  ILE A CD1 1 
ATOM   609 N N   . LEU A 1 89  ? 3.076   -10.080 10.252  1.00 23.22  ? 84  LEU A N   1 
ATOM   610 C CA  . LEU A 1 89  ? 2.210   -11.244 10.299  1.00 22.75  ? 84  LEU A CA  1 
ATOM   611 C C   . LEU A 1 89  ? 1.424   -11.129 11.604  1.00 20.39  ? 84  LEU A C   1 
ATOM   612 O O   . LEU A 1 89  ? 2.024   -11.130 12.671  1.00 18.87  ? 84  LEU A O   1 
ATOM   613 C CB  . LEU A 1 89  ? 3.035   -12.517 10.215  1.00 22.49  ? 84  LEU A CB  1 
ATOM   614 C CG  . LEU A 1 89  ? 2.330   -13.861 10.449  1.00 23.49  ? 84  LEU A CG  1 
ATOM   615 C CD1 . LEU A 1 89  ? 1.392   -14.240 9.338   1.00 24.47  ? 84  LEU A CD1 1 
ATOM   616 C CD2 . LEU A 1 89  ? 3.380   -14.934 10.621  1.00 25.04  ? 84  LEU A CD2 1 
ATOM   617 N N   . LYS A 1 90  ? 0.106   -10.999 11.490  1.00 20.80  ? 85  LYS A N   1 
ATOM   618 C CA  . LYS A 1 90  ? -0.797  -10.807 12.620  1.00 22.74  ? 85  LYS A CA  1 
ATOM   619 C C   . LYS A 1 90  ? -1.422  -12.124 13.017  1.00 20.19  ? 85  LYS A C   1 
ATOM   620 O O   . LYS A 1 90  ? -2.203  -12.716 12.273  1.00 21.82  ? 85  LYS A O   1 
ATOM   621 C CB  . LYS A 1 90  ? -1.892  -9.814  12.274  1.00 27.47  ? 85  LYS A CB  1 
ATOM   622 C CG  . LYS A 1 90  ? -1.355  -8.405  12.069  1.00 35.19  ? 85  LYS A CG  1 
ATOM   623 C CD  . LYS A 1 90  ? -2.309  -7.540  11.253  1.00 40.01  ? 85  LYS A CD  1 
ATOM   624 C CE  . LYS A 1 90  ? -1.883  -6.073  11.217  1.00 46.11  ? 85  LYS A CE  1 
ATOM   625 N NZ  . LYS A 1 90  ? -2.327  -5.324  12.432  1.00 50.29  ? 85  LYS A NZ  1 
ATOM   626 N N   . LEU A 1 91  ? -1.045  -12.613 14.181  1.00 18.90  ? 86  LEU A N   1 
ATOM   627 C CA  . LEU A 1 91  ? -1.513  -13.913 14.623  1.00 18.21  ? 86  LEU A CA  1 
ATOM   628 C C   . LEU A 1 91  ? -2.464  -13.749 15.786  1.00 19.20  ? 86  LEU A C   1 
ATOM   629 O O   . LEU A 1 91  ? -2.270  -12.882 16.649  1.00 19.58  ? 86  LEU A O   1 
ATOM   630 C CB  . LEU A 1 91  ? -0.338  -14.749 15.106  1.00 17.53  ? 86  LEU A CB  1 
ATOM   631 C CG  . LEU A 1 91  ? 0.781   -15.056 14.091  1.00 17.51  ? 86  LEU A CG  1 
ATOM   632 C CD1 . LEU A 1 91  ? 1.860   -15.857 14.805  1.00 18.76  ? 86  LEU A CD1 1 
ATOM   633 C CD2 . LEU A 1 91  ? 0.277   -15.771 12.860  1.00 18.31  ? 86  LEU A CD2 1 
ATOM   634 N N   . THR A 1 92  ? -3.445  -14.636 15.857  1.00 20.62  ? 87  THR A N   1 
ATOM   635 C CA  . THR A 1 92  ? -4.209  -14.774 17.066  1.00 23.32  ? 87  THR A CA  1 
ATOM   636 C C   . THR A 1 92  ? -4.058  -16.201 17.574  1.00 21.27  ? 87  THR A C   1 
ATOM   637 O O   . THR A 1 92  ? -4.116  -17.169 16.808  1.00 20.25  ? 87  THR A O   1 
ATOM   638 C CB  . THR A 1 92  ? -5.678  -14.323 16.873  1.00 25.08  ? 87  THR A CB  1 
ATOM   639 O OG1 . THR A 1 92  ? -6.347  -15.208 16.003  1.00 36.51  ? 87  THR A OG1 1 
ATOM   640 C CG2 . THR A 1 92  ? -5.710  -13.013 16.222  1.00 24.35  ? 87  THR A CG2 1 
ATOM   641 N N   . LEU A 1 93  ? -3.811  -16.303 18.868  1.00 21.48  ? 88  LEU A N   1 
ATOM   642 C CA  . LEU A 1 93  ? -3.518  -17.560 19.502  1.00 23.33  ? 88  LEU A CA  1 
ATOM   643 C C   . LEU A 1 93  ? -4.725  -18.054 20.276  1.00 25.35  ? 88  LEU A C   1 
ATOM   644 O O   . LEU A 1 93  ? -5.468  -17.261 20.869  1.00 24.58  ? 88  LEU A O   1 
ATOM   645 C CB  . LEU A 1 93  ? -2.352  -17.394 20.448  1.00 25.39  ? 88  LEU A CB  1 
ATOM   646 C CG  . LEU A 1 93  ? -1.028  -16.899 19.863  1.00 27.39  ? 88  LEU A CG  1 
ATOM   647 C CD1 . LEU A 1 93  ? 0.040   -16.987 20.949  1.00 29.54  ? 88  LEU A CD1 1 
ATOM   648 C CD2 . LEU A 1 93  ? -0.594  -17.704 18.664  1.00 28.46  ? 88  LEU A CD2 1 
ATOM   649 N N   . PHE A 1 94  ? -4.903  -19.370 20.265  1.00 26.64  ? 89  PHE A N   1 
ATOM   650 C CA  . PHE A 1 94  ? -5.966  -20.045 21.008  1.00 27.72  ? 89  PHE A CA  1 
ATOM   651 C C   . PHE A 1 94  ? -5.340  -21.065 21.940  1.00 28.03  ? 89  PHE A C   1 
ATOM   652 O O   . PHE A 1 94  ? -4.413  -21.794 21.557  1.00 26.42  ? 89  PHE A O   1 
ATOM   653 C CB  . PHE A 1 94  ? -6.923  -20.729 20.035  1.00 29.01  ? 89  PHE A CB  1 
ATOM   654 C CG  . PHE A 1 94  ? -7.615  -19.777 19.108  1.00 28.52  ? 89  PHE A CG  1 
ATOM   655 C CD1 . PHE A 1 94  ? -6.969  -19.285 17.986  1.00 26.65  ? 89  PHE A CD1 1 
ATOM   656 C CD2 . PHE A 1 94  ? -8.906  -19.364 19.365  1.00 30.20  ? 89  PHE A CD2 1 
ATOM   657 C CE1 . PHE A 1 94  ? -7.590  -18.385 17.147  1.00 27.77  ? 89  PHE A CE1 1 
ATOM   658 C CE2 . PHE A 1 94  ? -9.539  -18.476 18.520  1.00 29.98  ? 89  PHE A CE2 1 
ATOM   659 C CZ  . PHE A 1 94  ? -8.880  -17.984 17.404  1.00 29.14  ? 89  PHE A CZ  1 
ATOM   660 N N   . VAL A 1 95  ? -5.818  -21.101 23.179  1.00 28.24  ? 90  VAL A N   1 
ATOM   661 C CA  . VAL A 1 95  ? -5.303  -22.042 24.174  1.00 29.51  ? 90  VAL A CA  1 
ATOM   662 C C   . VAL A 1 95  ? -6.388  -23.086 24.391  1.00 31.02  ? 90  VAL A C   1 
ATOM   663 O O   . VAL A 1 95  ? -7.515  -22.744 24.766  1.00 29.45  ? 90  VAL A O   1 
ATOM   664 C CB  . VAL A 1 95  ? -4.899  -21.325 25.491  1.00 29.55  ? 90  VAL A CB  1 
ATOM   665 C CG1 . VAL A 1 95  ? -4.406  -22.309 26.525  1.00 30.94  ? 90  VAL A CG1 1 
ATOM   666 C CG2 . VAL A 1 95  ? -3.801  -20.315 25.204  1.00 30.62  ? 90  VAL A CG2 1 
ATOM   667 N N   . ASN A 1 96  ? -6.058  -24.346 24.091  1.00 32.48  ? 91  ASN A N   1 
ATOM   668 C CA  . ASN A 1 96  ? -7.027  -25.428 24.172  1.00 36.16  ? 91  ASN A CA  1 
ATOM   669 C C   . ASN A 1 96  ? -8.333  -24.993 23.495  1.00 36.67  ? 91  ASN A C   1 
ATOM   670 O O   . ASN A 1 96  ? -9.412  -25.141 24.052  1.00 36.80  ? 91  ASN A O   1 
ATOM   671 C CB  . ASN A 1 96  ? -7.253  -25.798 25.653  1.00 33.92  ? 91  ASN A CB  1 
ATOM   672 C CG  . ASN A 1 96  ? -5.949  -26.082 26.391  1.00 34.10  ? 91  ASN A CG  1 
ATOM   673 O OD1 . ASN A 1 96  ? -5.087  -26.801 25.889  1.00 32.69  ? 91  ASN A OD1 1 
ATOM   674 N ND2 . ASN A 1 96  ? -5.792  -25.503 27.588  1.00 33.99  ? 91  ASN A ND2 1 
ATOM   675 N N   . GLY A 1 97  ? -8.207  -24.401 22.305  1.00 38.98  ? 92  GLY A N   1 
ATOM   676 C CA  . GLY A 1 97  ? -9.352  -23.913 21.532  1.00 38.32  ? 92  GLY A CA  1 
ATOM   677 C C   . GLY A 1 97  ? -9.995  -22.601 21.953  1.00 39.11  ? 92  GLY A C   1 
ATOM   678 O O   . GLY A 1 97  ? -10.933 -22.131 21.295  1.00 39.03  ? 92  GLY A O   1 
ATOM   679 N N   . GLN A 1 98  ? -9.513  -21.996 23.034  1.00 41.16  ? 93  GLN A N   1 
ATOM   680 C CA  . GLN A 1 98  ? -10.110 -20.771 23.556  1.00 44.41  ? 93  GLN A CA  1 
ATOM   681 C C   . GLN A 1 98  ? -9.242  -19.552 23.221  1.00 44.76  ? 93  GLN A C   1 
ATOM   682 O O   . GLN A 1 98  ? -8.036  -19.558 23.509  1.00 39.67  ? 93  GLN A O   1 
ATOM   683 C CB  . GLN A 1 98  ? -10.286 -20.862 25.077  1.00 45.47  ? 93  GLN A CB  1 
ATOM   684 C CG  . GLN A 1 98  ? -11.152 -22.033 25.538  1.00 46.81  ? 93  GLN A CG  1 
ATOM   685 C CD  . GLN A 1 98  ? -12.574 -21.977 24.996  1.00 49.38  ? 93  GLN A CD  1 
ATOM   686 O OE1 . GLN A 1 98  ? -13.126 -22.986 24.539  1.00 53.57  ? 93  GLN A OE1 1 
ATOM   687 N NE2 . GLN A 1 98  ? -13.178 -20.795 25.050  1.00 50.78  ? 93  GLN A NE2 1 
ATOM   688 N N   . PRO A 1 99  ? -9.860  -18.496 22.640  1.00 44.82  ? 94  PRO A N   1 
ATOM   689 C CA  . PRO A 1 99  ? -9.147  -17.242 22.363  1.00 43.73  ? 94  PRO A CA  1 
ATOM   690 C C   . PRO A 1 99  ? -8.925  -16.382 23.602  1.00 41.77  ? 94  PRO A C   1 
ATOM   691 O O   . PRO A 1 99  ? -8.015  -15.529 23.614  1.00 39.31  ? 94  PRO A O   1 
ATOM   692 C CB  . PRO A 1 99  ? -10.080 -16.514 21.383  1.00 46.62  ? 94  PRO A CB  1 
ATOM   693 C CG  . PRO A 1 99  ? -11.447 -17.021 21.720  1.00 47.29  ? 94  PRO A CG  1 
ATOM   694 C CD  . PRO A 1 99  ? -11.267 -18.442 22.188  1.00 46.52  ? 94  PRO A CD  1 
ATOM   695 N N   . ARG A 1 100 ? -9.753  -16.589 24.630  1.00 42.77  ? 95  ARG A N   1 
ATOM   696 C CA  . ARG A 1 100 ? -9.739  -15.740 25.828  1.00 43.78  ? 95  ARG A CA  1 
ATOM   697 C C   . ARG A 1 100 ? -9.739  -16.599 27.105  1.00 46.57  ? 95  ARG A C   1 
ATOM   698 O O   . ARG A 1 100 ? -10.666 -16.516 27.914  1.00 43.45  ? 95  ARG A O   1 
ATOM   699 C CB  . ARG A 1 100 ? -10.920 -14.743 25.799  1.00 43.62  ? 95  ARG A CB  1 
ATOM   700 C CG  . ARG A 1 100 ? -10.725 -13.580 24.820  1.00 44.63  ? 95  ARG A CG  1 
ATOM   701 C CD  . ARG A 1 100 ? -11.957 -12.678 24.703  1.00 44.38  ? 95  ARG A CD  1 
ATOM   702 N NE  . ARG A 1 100 ? -13.111 -13.375 24.126  1.00 44.94  ? 95  ARG A NE  1 
ATOM   703 C CZ  . ARG A 1 100 ? -13.383 -13.487 22.819  1.00 48.82  ? 95  ARG A CZ  1 
ATOM   704 N NH1 . ARG A 1 100 ? -12.586 -12.954 21.890  1.00 47.96  ? 95  ARG A NH1 1 
ATOM   705 N NH2 . ARG A 1 100 ? -14.468 -14.151 22.428  1.00 48.55  ? 95  ARG A NH2 1 
ATOM   706 N N   . PRO A 1 101 ? -8.681  -17.416 27.295  1.00 49.64  ? 96  PRO A N   1 
ATOM   707 C CA  . PRO A 1 101 ? -8.560  -18.300 28.464  1.00 51.59  ? 96  PRO A CA  1 
ATOM   708 C C   . PRO A 1 101 ? -8.353  -17.550 29.811  1.00 56.29  ? 96  PRO A C   1 
ATOM   709 O O   . PRO A 1 101 ? -8.272  -18.147 30.894  1.00 53.97  ? 96  PRO A O   1 
ATOM   710 C CB  . PRO A 1 101 ? -7.318  -19.126 28.128  1.00 51.84  ? 96  PRO A CB  1 
ATOM   711 C CG  . PRO A 1 101 ? -6.471  -18.184 27.332  1.00 49.75  ? 96  PRO A CG  1 
ATOM   712 C CD  . PRO A 1 101 ? -7.452  -17.436 26.475  1.00 49.38  ? 96  PRO A CD  1 
ATOM   713 O OXT . PRO A 1 101 ? -8.247  -16.316 29.871  1.00 60.08  ? 96  PRO A OXT 1 
HETATM 714 O O   . HOH B 2 .   ? 5.414   5.757   8.134   1.00 39.11  ? 101 HOH A O   1 
HETATM 715 O O   . HOH B 2 .   ? -11.793 4.788   -9.186  1.00 38.83  ? 102 HOH A O   1 
HETATM 716 O O   . HOH B 2 .   ? -4.246  10.385  7.320   1.00 54.10  ? 103 HOH A O   1 
HETATM 717 O O   . HOH B 2 .   ? -6.476  -1.336  -14.590 1.00 49.02  ? 104 HOH A O   1 
HETATM 718 O O   . HOH B 2 .   ? -12.979 7.272   -18.133 1.00 29.85  ? 105 HOH A O   1 
HETATM 719 O O   . HOH B 2 .   ? 2.072   12.830  -6.207  1.00 24.89  ? 106 HOH A O   1 
HETATM 720 O O   . HOH B 2 .   ? 13.668  8.439   -5.485  1.00 37.91  ? 107 HOH A O   1 
HETATM 721 O O   . HOH B 2 .   ? -5.910  -24.507 21.114  1.00 45.92  ? 108 HOH A O   1 
HETATM 722 O O   . HOH B 2 .   ? -12.361 8.848   -11.458 1.00 31.51  ? 109 HOH A O   1 
HETATM 723 O O   . HOH B 2 .   ? -6.517  -14.947 21.493  1.00 27.37  ? 110 HOH A O   1 
HETATM 724 O O   . HOH B 2 .   ? 11.627  3.824   -14.143 1.00 41.81  ? 111 HOH A O   1 
HETATM 725 O O   . HOH B 2 .   ? 4.831   -9.975  -5.879  1.00 50.81  ? 112 HOH A O   1 
HETATM 726 O O   . HOH B 2 .   ? -4.285  7.511   -16.003 1.00 35.69  ? 113 HOH A O   1 
HETATM 727 O O   . HOH B 2 .   ? 11.964  7.535   -10.384 1.00 33.52  ? 114 HOH A O   1 
HETATM 728 O O   . HOH B 2 .   ? 3.202   -4.923  -11.477 1.00 39.03  ? 115 HOH A O   1 
HETATM 729 O O   . HOH B 2 .   ? 1.185   8.947   -16.490 1.00 29.66  ? 116 HOH A O   1 
HETATM 730 O O   . HOH B 2 .   ? 8.316   13.059  -4.027  1.00 30.77  ? 117 HOH A O   1 
HETATM 731 O O   . HOH B 2 .   ? 5.506   10.073  -11.508 1.00 19.30  ? 118 HOH A O   1 
HETATM 732 O O   . HOH B 2 .   ? 5.315   11.845  -9.487  1.00 28.92  ? 119 HOH A O   1 
HETATM 733 O O   . HOH B 2 .   ? 1.401   11.582  -2.049  1.00 18.39  ? 120 HOH A O   1 
HETATM 734 O O   . HOH B 2 .   ? -1.723  0.476   -19.283 1.00 67.23  ? 121 HOH A O   1 
HETATM 735 O O   . HOH B 2 .   ? -8.667  9.879   -19.087 1.00 37.89  ? 122 HOH A O   1 
HETATM 736 O O   . HOH B 2 .   ? -3.161  11.615  -13.482 1.00 30.98  ? 123 HOH A O   1 
HETATM 737 O O   . HOH B 2 .   ? -0.079  12.502  -16.414 1.00 43.10  ? 124 HOH A O   1 
HETATM 738 O O   . HOH B 2 .   ? -1.580  -13.076 -4.455  1.00 41.49  ? 125 HOH A O   1 
HETATM 739 O O   . HOH B 2 .   ? -10.203 -17.379 32.794  1.00 43.72  ? 126 HOH A O   1 
HETATM 740 O O   . HOH B 2 .   ? 6.245   6.155   5.564   1.00 28.72  ? 127 HOH A O   1 
HETATM 741 O O   . HOH B 2 .   ? 4.049   11.349  6.254   1.00 38.31  ? 128 HOH A O   1 
HETATM 742 O O   . HOH B 2 .   ? 9.836   0.262   -10.216 1.00 52.79  ? 129 HOH A O   1 
HETATM 743 O O   . HOH B 2 .   ? -0.392  14.525  -13.150 1.00 46.58  ? 130 HOH A O   1 
HETATM 744 O O   . HOH B 2 .   ? 3.453   11.019  -13.017 1.00 25.67  ? 131 HOH A O   1 
HETATM 745 O O   . HOH B 2 .   ? -1.240  -11.311 8.905   1.00 27.83  ? 132 HOH A O   1 
HETATM 746 O O   . HOH B 2 .   ? -7.112  -14.326 28.006  1.00 38.98  ? 133 HOH A O   1 
HETATM 747 O O   . HOH B 2 .   ? 0.251   13.635  -9.377  1.00 46.69  ? 134 HOH A O   1 
HETATM 748 O O   . HOH B 2 .   ? 10.948  10.781  -4.117  1.00 26.64  ? 135 HOH A O   1 
HETATM 749 O O   . HOH B 2 .   ? -17.368 4.127   -8.779  1.00 55.49  ? 136 HOH A O   1 
HETATM 750 O O   . HOH B 2 .   ? 10.634  9.501   -6.686  1.00 21.38  ? 137 HOH A O   1 
HETATM 751 O O   . HOH B 2 .   ? 2.620   -1.082  5.301   1.00 29.31  ? 138 HOH A O   1 
HETATM 752 O O   . HOH B 2 .   ? 13.203  10.300  -0.828  1.00 29.98  ? 139 HOH A O   1 
HETATM 753 O O   . HOH B 2 .   ? -0.318  15.234  -20.101 1.00 52.69  ? 140 HOH A O   1 
HETATM 754 O O   . HOH B 2 .   ? -8.677  1.339   -14.925 1.00 47.86  ? 141 HOH A O   1 
HETATM 755 O O   . HOH B 2 .   ? -6.216  13.693  -20.039 1.00 38.17  ? 142 HOH A O   1 
HETATM 756 O O   . HOH B 2 .   ? -2.751  -9.765  16.036  1.00 41.28  ? 143 HOH A O   1 
HETATM 757 O O   . HOH B 2 .   ? 5.666   8.789   5.837   1.00 42.02  ? 144 HOH A O   1 
HETATM 758 O O   . HOH B 2 .   ? 0.850   14.272  -1.598  1.00 43.18  ? 145 HOH A O   1 
HETATM 759 O O   . HOH B 2 .   ? -11.065 5.491   -0.387  1.00 34.72  ? 146 HOH A O   1 
HETATM 760 O O   . HOH B 2 .   ? -14.499 7.149   -13.667 1.00 37.54  ? 147 HOH A O   1 
HETATM 761 O O   . HOH B 2 .   ? 9.828   8.159   -12.638 1.00 33.54  ? 148 HOH A O   1 
HETATM 762 O O   . HOH B 2 .   ? -0.564  15.747  0.499   1.00 34.73  ? 149 HOH A O   1 
HETATM 763 O O   . HOH B 2 .   ? 8.859   -0.145  -12.919 1.00 44.61  ? 150 HOH A O   1 
HETATM 764 O O   . HOH B 2 .   ? 3.204   13.218  -8.812  1.00 43.43  ? 151 HOH A O   1 
# 
